data_4QM1
#
_entry.id   4QM1
#
_cell.length_a   83.130
_cell.length_b   101.331
_cell.length_c   87.267
_cell.angle_alpha   90.00
_cell.angle_beta   109.57
_cell.angle_gamma   90.00
#
_symmetry.space_group_name_H-M   'P 1 21 1'
#
loop_
_entity.id
_entity.type
_entity.pdbx_description
1 polymer "Inosine-5'-monophosphate dehydrogenase"
2 non-polymer 'INOSINIC ACID'
3 non-polymer 2-(3-methyl-4-oxo-3,4-dihydrophthalazin-1-yl)-N-(6,7,8,9-tetrahydrodibenzo[b,d]furan-2-yl)acetamide
4 water water
#
_entity_poly.entity_id   1
_entity_poly.type   'polypeptide(L)'
_entity_poly.pdbx_seq_one_letter_code
;MHHHHHHSSGVDLGTENLYFQSNAMWESKFVKEGLTFDDVLLVPAKSDVLPREVSVKTVLSESLQLNIPLISAGMDTVTE
ADMAIAMARQGGLGIIHKNMSIEQQAEQVDKVKRSGGLLVGAAVGVTADAMTRIDALVKASVDAIVLDTAHGHSQGVIDK
VKEVRAKYPSLNIIAGNVATAEATKALIEAGANVVKVGIGPGSICTTRVVAGVGVPQLTAVYDCATEARKHGIPVIADGG
IKYSGDMVKALAAGAHVVMLGSMFAGVAESPGETEIYQGRQFKVYRGMGSVGAMEKGSKDRYFQEGNKKLVPEGIEGRVP
YKGPLADTVHQLVGGLRAGMGYCGAQDLEFLRENAQFIRMSGAGLLESHPHHVQITKEAPNYSL
;
_entity_poly.pdbx_strand_id   A,B,C,D
#
loop_
_chem_comp.id
_chem_comp.type
_chem_comp.name
_chem_comp.formula
39H non-polymer 2-(3-methyl-4-oxo-3,4-dihydrophthalazin-1-yl)-N-(6,7,8,9-tetrahydrodibenzo[b,d]furan-2-yl)acetamide 'C23 H21 N3 O3'
IMP non-polymer 'INOSINIC ACID' 'C10 H13 N4 O8 P'
#
# COMPACT_ATOMS: atom_id res chain seq x y z
N PHE A 20 13.74 -12.40 -39.70
CA PHE A 20 13.08 -12.45 -38.40
C PHE A 20 14.03 -12.05 -37.26
N GLN A 21 13.69 -10.92 -36.62
CA GLN A 21 14.35 -10.49 -35.38
C GLN A 21 13.42 -10.67 -34.17
N SER A 22 13.90 -11.39 -33.16
CA SER A 22 13.15 -11.66 -31.95
C SER A 22 12.86 -10.42 -31.11
N ASN A 23 11.62 -10.29 -30.65
CA ASN A 23 11.24 -9.18 -29.79
C ASN A 23 10.91 -9.67 -28.37
N ALA A 24 11.29 -10.92 -28.08
CA ALA A 24 10.95 -11.61 -26.84
C ALA A 24 11.40 -10.89 -25.57
N MET A 25 12.69 -10.56 -25.54
CA MET A 25 13.29 -9.87 -24.41
C MET A 25 12.65 -8.53 -24.14
N TRP A 26 12.33 -7.79 -25.19
CA TRP A 26 11.76 -6.46 -25.01
C TRP A 26 10.36 -6.58 -24.39
N GLU A 27 9.56 -7.51 -24.89
CA GLU A 27 8.20 -7.66 -24.40
C GLU A 27 8.11 -8.27 -23.00
N SER A 28 9.11 -9.05 -22.61
CA SER A 28 9.08 -9.77 -21.33
C SER A 28 9.60 -8.98 -20.13
N LYS A 29 10.12 -7.77 -20.43
CA LYS A 29 10.71 -6.88 -19.44
C LYS A 29 9.96 -6.74 -18.12
N PHE A 30 8.64 -6.59 -18.20
CA PHE A 30 7.87 -6.35 -16.99
C PHE A 30 6.89 -7.47 -16.61
N VAL A 31 7.15 -8.69 -17.04
CA VAL A 31 6.21 -9.78 -16.79
C VAL A 31 6.35 -10.41 -15.40
N LYS A 32 7.59 -10.71 -14.99
CA LYS A 32 7.86 -11.31 -13.68
C LYS A 32 7.28 -10.56 -12.47
N GLU A 33 6.78 -11.31 -11.48
CA GLU A 33 6.22 -10.75 -10.26
C GLU A 33 6.90 -11.34 -9.05
N GLY A 34 7.01 -10.54 -7.99
CA GLY A 34 7.77 -10.94 -6.82
C GLY A 34 7.06 -10.79 -5.50
N LEU A 35 7.41 -11.70 -4.58
CA LEU A 35 6.82 -11.74 -3.26
C LEU A 35 7.90 -11.67 -2.21
N THR A 36 7.62 -10.99 -1.11
CA THR A 36 8.51 -11.06 0.04
C THR A 36 7.77 -11.58 1.28
N PHE A 37 8.50 -11.70 2.39
CA PHE A 37 7.95 -12.19 3.63
C PHE A 37 6.64 -11.50 4.06
N ASP A 38 6.59 -10.17 3.91
CA ASP A 38 5.46 -9.42 4.41
C ASP A 38 4.24 -9.59 3.49
N ASP A 39 4.48 -10.10 2.29
CA ASP A 39 3.45 -10.31 1.27
C ASP A 39 2.56 -11.55 1.53
N VAL A 40 3.04 -12.50 2.33
CA VAL A 40 2.31 -13.75 2.58
C VAL A 40 2.21 -14.20 4.04
N LEU A 41 1.30 -15.13 4.28
CA LEU A 41 1.18 -15.80 5.57
C LEU A 41 1.06 -17.30 5.31
N LEU A 42 1.39 -18.11 6.31
CA LEU A 42 1.24 -19.56 6.23
C LEU A 42 -0.16 -20.01 6.64
N VAL A 43 -0.72 -20.96 5.89
CA VAL A 43 -2.04 -21.50 6.14
C VAL A 43 -1.94 -22.75 7.01
N PRO A 44 -2.78 -22.81 8.06
CA PRO A 44 -2.77 -23.96 8.97
C PRO A 44 -3.35 -25.22 8.33
N ALA A 45 -2.79 -26.34 8.72
CA ALA A 45 -3.23 -27.62 8.17
C ALA A 45 -3.53 -28.54 9.31
N LYS A 46 -4.09 -29.69 8.99
CA LYS A 46 -4.28 -30.69 10.02
C LYS A 46 -2.94 -31.13 10.59
N SER A 47 -2.88 -31.17 11.92
CA SER A 47 -1.64 -31.32 12.64
C SER A 47 -1.73 -31.81 14.07
N ASP A 48 -1.42 -33.07 14.32
CA ASP A 48 -1.36 -33.48 15.69
C ASP A 48 0.04 -33.84 16.12
N VAL A 49 0.99 -33.00 15.73
CA VAL A 49 2.31 -32.98 16.32
C VAL A 49 2.38 -31.70 17.15
N LEU A 50 2.73 -31.80 18.42
CA LEU A 50 2.91 -30.63 19.26
C LEU A 50 4.17 -29.88 18.88
N PRO A 51 4.18 -28.55 19.02
CA PRO A 51 5.36 -27.76 18.66
C PRO A 51 6.67 -28.27 19.27
N ARG A 52 6.68 -28.64 20.54
CA ARG A 52 7.95 -29.03 21.13
C ARG A 52 8.33 -30.50 20.87
N GLU A 53 7.61 -31.15 19.96
CA GLU A 53 7.99 -32.51 19.54
C GLU A 53 8.31 -32.58 18.03
N VAL A 54 8.58 -31.45 17.40
CA VAL A 54 8.96 -31.44 15.98
C VAL A 54 10.48 -31.54 15.80
N SER A 55 10.90 -32.07 14.66
CA SER A 55 12.33 -32.18 14.40
C SER A 55 12.81 -31.02 13.56
N VAL A 56 13.72 -30.25 14.11
CA VAL A 56 14.25 -29.13 13.33
C VAL A 56 15.66 -29.44 12.83
N LYS A 57 16.06 -30.70 13.01
CA LYS A 57 17.28 -31.22 12.43
C LYS A 57 17.27 -31.04 10.92
N THR A 58 18.43 -30.70 10.37
CA THR A 58 18.55 -30.44 8.94
C THR A 58 19.91 -30.96 8.46
N VAL A 59 19.95 -31.36 7.19
CA VAL A 59 21.13 -32.04 6.65
C VAL A 59 21.58 -31.37 5.36
N LEU A 60 22.61 -30.55 5.47
CA LEU A 60 23.15 -29.82 4.33
C LEU A 60 24.02 -30.71 3.47
N SER A 61 24.65 -31.66 4.13
CA SER A 61 25.49 -32.65 3.50
C SER A 61 25.69 -33.73 4.54
N GLU A 62 26.22 -34.87 4.11
CA GLU A 62 26.53 -35.96 5.03
C GLU A 62 27.61 -35.47 5.98
N SER A 63 28.51 -34.65 5.45
CA SER A 63 29.56 -34.05 6.25
C SER A 63 29.02 -32.94 7.15
N LEU A 64 27.83 -32.44 6.84
CA LEU A 64 27.31 -31.22 7.46
C LEU A 64 25.89 -31.29 8.02
N GLN A 65 25.77 -31.58 9.31
CA GLN A 65 24.44 -31.74 9.92
C GLN A 65 24.18 -30.76 11.04
N LEU A 66 23.09 -30.03 10.92
CA LEU A 66 22.76 -29.09 11.98
C LEU A 66 21.55 -29.57 12.76
N ASN A 67 21.59 -29.31 14.07
CA ASN A 67 20.47 -29.51 14.97
C ASN A 67 19.35 -28.52 14.70
N ILE A 68 19.73 -27.28 14.47
CA ILE A 68 18.79 -26.21 14.21
C ILE A 68 19.14 -25.54 12.89
N PRO A 69 18.12 -25.14 12.12
CA PRO A 69 18.33 -24.52 10.80
C PRO A 69 18.78 -23.06 10.86
N LEU A 70 19.89 -22.82 11.55
CA LEU A 70 20.43 -21.46 11.69
C LEU A 70 21.91 -21.34 11.32
N ILE A 71 22.23 -20.33 10.53
CA ILE A 71 23.62 -20.00 10.27
C ILE A 71 23.87 -18.49 10.48
N SER A 72 24.83 -18.16 11.35
CA SER A 72 25.27 -16.78 11.51
C SER A 72 26.10 -16.33 10.30
N ALA A 73 25.86 -15.11 9.83
CA ALA A 73 26.52 -14.57 8.64
C ALA A 73 28.03 -14.32 8.85
N GLY A 74 28.76 -14.38 7.74
CA GLY A 74 30.19 -14.10 7.73
C GLY A 74 30.49 -12.63 7.62
N MET A 75 30.15 -11.90 8.68
CA MET A 75 30.37 -10.46 8.76
C MET A 75 31.20 -10.14 9.99
N ASP A 76 32.08 -9.14 9.86
CA ASP A 76 33.02 -8.76 10.90
C ASP A 76 32.31 -8.23 12.14
N THR A 77 31.07 -7.81 11.96
CA THR A 77 30.23 -7.35 13.07
C THR A 77 29.41 -8.45 13.71
N VAL A 78 29.35 -9.61 13.06
CA VAL A 78 28.51 -10.73 13.48
C VAL A 78 29.29 -11.97 13.96
N THR A 79 30.14 -12.52 13.09
CA THR A 79 30.70 -13.84 13.37
C THR A 79 32.23 -13.95 13.49
N GLU A 80 32.69 -14.23 14.70
CA GLU A 80 34.08 -14.61 14.95
C GLU A 80 34.10 -15.86 15.82
N ALA A 81 35.30 -16.23 16.29
CA ALA A 81 35.50 -17.47 17.03
C ALA A 81 34.45 -17.72 18.11
N ASP A 82 34.30 -16.78 19.04
CA ASP A 82 33.44 -16.94 20.20
C ASP A 82 31.97 -17.10 19.77
N MET A 83 31.58 -16.33 18.76
CA MET A 83 30.25 -16.46 18.17
C MET A 83 30.02 -17.80 17.48
N ALA A 84 31.07 -18.29 16.81
CA ALA A 84 30.98 -19.51 16.02
C ALA A 84 30.90 -20.75 16.90
N ILE A 85 31.47 -20.62 18.09
CA ILE A 85 31.41 -21.65 19.09
C ILE A 85 29.98 -21.69 19.60
N ALA A 86 29.49 -20.55 20.07
CA ALA A 86 28.12 -20.41 20.56
C ALA A 86 27.05 -21.00 19.61
N MET A 87 27.14 -20.66 18.33
CA MET A 87 26.20 -21.17 17.32
C MET A 87 26.25 -22.69 17.18
N ALA A 88 27.46 -23.22 17.03
CA ALA A 88 27.68 -24.65 16.86
C ALA A 88 27.09 -25.41 18.02
N ARG A 89 27.33 -24.87 19.21
CA ARG A 89 26.87 -25.46 20.45
C ARG A 89 25.33 -25.40 20.64
N GLN A 90 24.67 -24.42 20.04
CA GLN A 90 23.21 -24.40 20.07
C GLN A 90 22.66 -25.35 19.02
N GLY A 91 23.55 -25.91 18.21
CA GLY A 91 23.12 -26.80 17.15
C GLY A 91 23.17 -26.14 15.79
N GLY A 92 23.76 -24.95 15.72
CA GLY A 92 23.79 -24.21 14.49
C GLY A 92 25.17 -24.18 13.88
N LEU A 93 25.49 -23.09 13.20
CA LEU A 93 26.74 -22.96 12.50
C LEU A 93 27.16 -21.50 12.37
N GLY A 94 28.44 -21.22 12.58
CA GLY A 94 28.95 -19.90 12.32
C GLY A 94 29.92 -19.87 11.14
N ILE A 95 29.76 -18.86 10.28
CA ILE A 95 30.67 -18.65 9.15
C ILE A 95 31.67 -17.55 9.49
N ILE A 96 32.89 -17.91 9.87
CA ILE A 96 33.88 -16.90 10.23
C ILE A 96 34.23 -15.99 9.06
N HIS A 97 34.13 -14.68 9.29
CA HIS A 97 34.29 -13.70 8.23
C HIS A 97 35.74 -13.61 7.70
N LYS A 98 35.89 -13.11 6.48
CA LYS A 98 37.19 -13.10 5.78
C LYS A 98 37.89 -11.76 5.84
N ASN A 99 37.38 -10.84 6.66
CA ASN A 99 38.06 -9.56 6.81
C ASN A 99 39.16 -9.60 7.86
N MET A 100 40.05 -10.58 7.70
CA MET A 100 41.24 -10.75 8.52
C MET A 100 42.30 -11.51 7.69
N SER A 101 43.56 -11.51 8.14
CA SER A 101 44.62 -12.23 7.44
C SER A 101 44.31 -13.73 7.39
N ILE A 102 44.89 -14.42 6.40
CA ILE A 102 44.70 -15.86 6.28
C ILE A 102 45.19 -16.58 7.54
N GLU A 103 46.30 -16.12 8.10
CA GLU A 103 46.88 -16.77 9.27
C GLU A 103 45.94 -16.67 10.48
N GLN A 104 45.25 -15.55 10.61
CA GLN A 104 44.34 -15.32 11.75
C GLN A 104 43.00 -16.00 11.57
N GLN A 105 42.53 -16.11 10.33
CA GLN A 105 41.28 -16.80 10.06
C GLN A 105 41.45 -18.28 10.39
N ALA A 106 42.56 -18.88 9.95
CA ALA A 106 42.77 -20.32 10.17
C ALA A 106 42.92 -20.65 11.66
N GLU A 107 43.42 -19.70 12.45
CA GLU A 107 43.56 -19.91 13.88
C GLU A 107 42.22 -19.72 14.64
N GLN A 108 41.32 -18.86 14.13
CA GLN A 108 39.94 -18.74 14.63
C GLN A 108 39.14 -20.04 14.37
N VAL A 109 39.32 -20.62 13.19
CA VAL A 109 38.72 -21.92 12.87
C VAL A 109 39.22 -23.05 13.78
N ASP A 110 40.53 -23.15 13.98
CA ASP A 110 41.13 -24.11 14.93
C ASP A 110 40.49 -24.00 16.35
N LYS A 111 40.44 -22.78 16.89
CA LYS A 111 39.90 -22.52 18.24
C LYS A 111 38.47 -23.05 18.36
N VAL A 112 37.68 -22.88 17.32
CA VAL A 112 36.34 -23.41 17.29
C VAL A 112 36.36 -24.94 17.23
N LYS A 113 37.21 -25.48 16.36
CA LYS A 113 37.22 -26.92 16.07
C LYS A 113 37.65 -27.76 17.25
N ARG A 114 38.60 -27.25 18.02
CA ARG A 114 39.21 -28.04 19.09
C ARG A 114 38.50 -27.85 20.43
N SER A 115 37.57 -26.91 20.50
CA SER A 115 36.75 -26.76 21.69
C SER A 115 35.41 -27.50 21.53
N GLY A 116 35.44 -28.82 21.66
CA GLY A 116 34.24 -29.63 21.60
C GLY A 116 34.03 -30.49 20.35
N GLY A 117 34.88 -30.31 19.35
CA GLY A 117 34.71 -30.99 18.08
C GLY A 117 33.49 -30.45 17.34
N LEU A 118 33.43 -29.12 17.22
CA LEU A 118 32.28 -28.41 16.63
C LEU A 118 32.43 -28.20 15.12
N LEU A 119 31.30 -28.13 14.41
CA LEU A 119 31.25 -27.71 13.01
C LEU A 119 31.51 -26.20 12.89
N VAL A 120 32.09 -25.78 11.77
CA VAL A 120 32.43 -24.35 11.56
C VAL A 120 32.58 -24.02 10.08
N GLY A 121 32.20 -22.79 9.72
CA GLY A 121 32.33 -22.34 8.36
C GLY A 121 33.38 -21.27 8.27
N ALA A 122 33.75 -20.90 7.04
CA ALA A 122 34.75 -19.88 6.85
C ALA A 122 34.60 -19.24 5.49
N ALA A 123 34.75 -17.92 5.48
CA ALA A 123 34.40 -17.16 4.31
C ALA A 123 35.64 -16.87 3.49
N VAL A 124 35.51 -17.07 2.19
CA VAL A 124 36.55 -16.76 1.23
C VAL A 124 35.92 -16.03 0.05
N GLY A 125 36.63 -15.04 -0.49
CA GLY A 125 36.14 -14.36 -1.68
C GLY A 125 36.85 -14.81 -2.93
N VAL A 126 36.21 -14.62 -4.09
CA VAL A 126 36.86 -14.90 -5.36
C VAL A 126 37.99 -13.89 -5.60
N THR A 127 39.22 -14.28 -5.27
CA THR A 127 40.36 -13.40 -5.45
C THR A 127 41.51 -14.25 -5.98
N ALA A 128 42.66 -13.63 -6.20
CA ALA A 128 43.83 -14.34 -6.67
C ALA A 128 44.38 -15.22 -5.56
N ASP A 129 44.44 -14.65 -4.35
CA ASP A 129 44.94 -15.36 -3.17
C ASP A 129 43.83 -16.09 -2.41
N ALA A 130 42.78 -16.48 -3.13
CA ALA A 130 41.68 -17.21 -2.52
C ALA A 130 42.07 -18.67 -2.31
N MET A 131 42.72 -19.21 -3.32
CA MET A 131 43.13 -20.60 -3.29
C MET A 131 44.09 -20.86 -2.14
N THR A 132 44.99 -19.89 -1.93
CA THR A 132 45.92 -19.89 -0.82
C THR A 132 45.18 -19.96 0.51
N ARG A 133 44.15 -19.13 0.64
CA ARG A 133 43.36 -19.05 1.87
C ARG A 133 42.64 -20.36 2.15
N ILE A 134 42.04 -20.94 1.12
CA ILE A 134 41.27 -22.17 1.26
C ILE A 134 42.09 -23.32 1.86
N ASP A 135 43.33 -23.47 1.41
CA ASP A 135 44.18 -24.59 1.86
C ASP A 135 44.48 -24.44 3.35
N ALA A 136 44.80 -23.22 3.75
CA ALA A 136 45.03 -22.89 5.15
C ALA A 136 43.83 -23.25 5.98
N LEU A 137 42.66 -22.99 5.41
CA LEU A 137 41.40 -23.26 6.07
C LEU A 137 41.07 -24.76 6.06
N VAL A 138 41.40 -25.43 4.97
CA VAL A 138 41.22 -26.87 4.87
C VAL A 138 42.16 -27.61 5.82
N LYS A 139 43.37 -27.08 5.99
CA LYS A 139 44.33 -27.70 6.88
C LYS A 139 43.90 -27.47 8.33
N ALA A 140 43.11 -26.42 8.56
CA ALA A 140 42.58 -26.11 9.88
C ALA A 140 41.31 -26.93 10.18
N SER A 141 41.08 -27.94 9.33
CA SER A 141 39.94 -28.86 9.47
C SER A 141 38.59 -28.14 9.41
N VAL A 142 38.46 -27.20 8.49
CA VAL A 142 37.17 -26.54 8.29
C VAL A 142 36.17 -27.50 7.63
N ASP A 143 34.91 -27.34 8.01
CA ASP A 143 33.84 -28.21 7.54
C ASP A 143 33.23 -27.69 6.24
N ALA A 144 33.18 -26.38 6.10
CA ALA A 144 32.73 -25.77 4.85
C ALA A 144 33.33 -24.40 4.61
N ILE A 145 33.54 -24.08 3.34
CA ILE A 145 33.96 -22.74 2.95
C ILE A 145 32.84 -22.08 2.16
N VAL A 146 32.67 -20.76 2.35
CA VAL A 146 31.60 -20.03 1.68
C VAL A 146 32.14 -19.04 0.64
N LEU A 147 31.88 -19.28 -0.63
CA LEU A 147 32.32 -18.38 -1.69
C LEU A 147 31.33 -17.24 -1.91
N ASP A 148 31.48 -16.17 -1.15
CA ASP A 148 30.56 -15.05 -1.22
C ASP A 148 31.03 -13.97 -2.20
N THR A 149 30.16 -13.65 -3.15
CA THR A 149 30.38 -12.53 -4.04
C THR A 149 29.05 -11.81 -4.18
N ALA A 150 29.10 -10.53 -4.54
CA ALA A 150 27.89 -9.76 -4.66
C ALA A 150 27.03 -10.29 -5.79
N HIS A 151 27.67 -10.89 -6.80
CA HIS A 151 26.99 -11.47 -7.96
C HIS A 151 27.49 -12.88 -8.31
N GLY A 152 26.94 -13.88 -7.63
CA GLY A 152 27.29 -15.28 -7.84
C GLY A 152 27.14 -15.81 -9.25
N HIS A 153 26.28 -15.20 -10.04
CA HIS A 153 26.14 -15.60 -11.43
C HIS A 153 27.19 -14.97 -12.34
N SER A 154 28.47 -15.17 -12.05
CA SER A 154 29.56 -14.58 -12.83
C SER A 154 30.47 -15.66 -13.33
N GLN A 155 31.15 -15.42 -14.44
CA GLN A 155 32.00 -16.47 -14.99
C GLN A 155 33.17 -16.72 -14.05
N GLY A 156 33.66 -15.64 -13.43
CA GLY A 156 34.81 -15.73 -12.56
C GLY A 156 34.51 -16.56 -11.33
N VAL A 157 33.28 -16.49 -10.87
CA VAL A 157 32.85 -17.24 -9.69
C VAL A 157 32.64 -18.71 -10.04
N ILE A 158 32.12 -18.97 -11.25
CA ILE A 158 31.84 -20.33 -11.71
C ILE A 158 33.14 -21.10 -11.93
N ASP A 159 34.11 -20.43 -12.55
CA ASP A 159 35.40 -21.06 -12.77
C ASP A 159 36.15 -21.23 -11.45
N LYS A 160 35.88 -20.35 -10.50
CA LYS A 160 36.47 -20.51 -9.18
C LYS A 160 35.99 -21.78 -8.46
N VAL A 161 34.72 -22.17 -8.68
CA VAL A 161 34.14 -23.32 -8.00
C VAL A 161 34.64 -24.65 -8.57
N LYS A 162 34.81 -24.70 -9.89
CA LYS A 162 35.43 -25.86 -10.55
C LYS A 162 36.88 -26.01 -10.10
N GLU A 163 37.57 -24.88 -10.01
CA GLU A 163 38.98 -24.82 -9.58
C GLU A 163 39.15 -25.46 -8.19
N VAL A 164 38.18 -25.24 -7.31
CA VAL A 164 38.26 -25.73 -5.94
C VAL A 164 37.78 -27.18 -5.80
N ARG A 165 36.70 -27.52 -6.50
CA ARG A 165 36.11 -28.85 -6.45
C ARG A 165 37.12 -29.88 -6.94
N ALA A 166 37.87 -29.49 -7.97
CA ALA A 166 38.91 -30.34 -8.56
C ALA A 166 39.98 -30.75 -7.53
N LYS A 167 40.41 -29.81 -6.70
CA LYS A 167 41.49 -30.03 -5.73
C LYS A 167 41.02 -30.60 -4.40
N TYR A 168 39.85 -30.17 -3.95
CA TYR A 168 39.27 -30.65 -2.70
C TYR A 168 37.91 -31.29 -2.93
N PRO A 169 37.91 -32.55 -3.35
CA PRO A 169 36.66 -33.20 -3.72
C PRO A 169 35.83 -33.67 -2.52
N SER A 170 36.31 -33.46 -1.29
CA SER A 170 35.57 -33.86 -0.09
C SER A 170 35.02 -32.65 0.67
N LEU A 171 35.35 -31.46 0.19
CA LEU A 171 35.08 -30.22 0.90
C LEU A 171 33.66 -29.71 0.68
N ASN A 172 33.02 -29.25 1.75
CA ASN A 172 31.71 -28.63 1.61
C ASN A 172 31.83 -27.19 1.11
N ILE A 173 31.24 -26.90 -0.04
CA ILE A 173 31.29 -25.56 -0.65
C ILE A 173 29.92 -24.85 -0.71
N ILE A 174 29.87 -23.61 -0.22
CA ILE A 174 28.67 -22.78 -0.36
C ILE A 174 28.91 -21.62 -1.32
N ALA A 175 28.22 -21.62 -2.47
CA ALA A 175 28.40 -20.56 -3.46
C ALA A 175 27.19 -19.59 -3.54
N GLY A 176 27.47 -18.30 -3.53
CA GLY A 176 26.43 -17.29 -3.63
C GLY A 176 27.02 -15.92 -3.93
N ASN A 177 26.17 -14.93 -4.16
CA ASN A 177 24.73 -15.11 -4.01
C ASN A 177 24.01 -15.13 -5.31
N VAL A 178 22.90 -15.85 -5.34
CA VAL A 178 22.09 -15.93 -6.54
C VAL A 178 20.65 -15.56 -6.28
N ALA A 179 19.96 -15.23 -7.34
CA ALA A 179 18.59 -14.81 -7.20
C ALA A 179 17.75 -15.57 -8.22
N THR A 180 18.40 -16.50 -8.92
CA THR A 180 17.87 -16.94 -10.20
C THR A 180 17.90 -18.45 -10.28
N ALA A 181 17.04 -19.01 -11.12
CA ALA A 181 17.05 -20.44 -11.32
C ALA A 181 18.27 -20.84 -12.17
N GLU A 182 18.50 -20.08 -13.23
CA GLU A 182 19.68 -20.21 -14.08
C GLU A 182 20.94 -20.27 -13.23
N ALA A 183 21.12 -19.22 -12.43
CA ALA A 183 22.31 -19.01 -11.64
C ALA A 183 22.57 -20.15 -10.70
N THR A 184 21.50 -20.66 -10.12
CA THR A 184 21.60 -21.80 -9.23
C THR A 184 22.03 -23.04 -10.02
N LYS A 185 21.42 -23.22 -11.18
CA LYS A 185 21.81 -24.31 -12.06
C LYS A 185 23.30 -24.18 -12.36
N ALA A 186 23.73 -22.99 -12.76
CA ALA A 186 25.13 -22.71 -13.09
C ALA A 186 26.14 -23.07 -12.00
N LEU A 187 25.81 -22.80 -10.75
CA LEU A 187 26.75 -23.05 -9.66
C LEU A 187 26.71 -24.49 -9.22
N ILE A 188 25.55 -25.11 -9.34
CA ILE A 188 25.47 -26.51 -9.01
C ILE A 188 26.34 -27.32 -9.99
N GLU A 189 26.18 -27.05 -11.29
CA GLU A 189 26.92 -27.77 -12.33
C GLU A 189 28.44 -27.53 -12.19
N ALA A 190 28.83 -26.46 -11.49
CA ALA A 190 30.25 -26.17 -11.25
C ALA A 190 30.80 -26.94 -10.05
N GLY A 191 29.90 -27.48 -9.23
CA GLY A 191 30.29 -28.39 -8.17
C GLY A 191 30.01 -27.96 -6.73
N ALA A 192 28.94 -27.21 -6.53
CA ALA A 192 28.66 -26.58 -5.24
C ALA A 192 27.60 -27.37 -4.46
N ASN A 193 27.88 -27.76 -3.22
CA ASN A 193 26.93 -28.62 -2.49
C ASN A 193 25.73 -27.87 -1.94
N VAL A 194 25.94 -26.59 -1.72
CA VAL A 194 24.96 -25.74 -1.08
C VAL A 194 24.99 -24.39 -1.80
N VAL A 195 23.80 -23.80 -1.99
CA VAL A 195 23.66 -22.51 -2.69
C VAL A 195 23.10 -21.44 -1.75
N LYS A 196 23.74 -20.26 -1.69
CA LYS A 196 23.24 -19.14 -0.88
C LYS A 196 22.37 -18.17 -1.70
N VAL A 197 21.14 -17.97 -1.24
CA VAL A 197 20.18 -17.16 -2.00
C VAL A 197 19.96 -15.77 -1.42
N GLY A 198 20.08 -14.75 -2.27
CA GLY A 198 19.84 -13.38 -1.84
C GLY A 198 20.57 -12.29 -2.58
N ILE A 199 19.85 -11.52 -3.38
CA ILE A 199 20.43 -10.30 -3.90
C ILE A 199 19.49 -9.14 -3.57
N GLY A 200 19.94 -8.28 -2.65
CA GLY A 200 19.18 -7.12 -2.22
C GLY A 200 18.43 -7.14 -0.88
N PRO A 201 18.02 -8.31 -0.36
CA PRO A 201 17.09 -8.16 0.75
C PRO A 201 17.73 -7.79 2.09
N GLY A 202 19.05 -7.64 2.12
CA GLY A 202 19.74 -7.27 3.35
C GLY A 202 19.23 -6.03 4.09
N SER A 203 19.22 -6.11 5.41
CA SER A 203 18.81 -4.98 6.24
C SER A 203 19.82 -3.82 6.09
N ILE A 204 21.11 -4.16 6.09
CA ILE A 204 22.18 -3.20 5.83
C ILE A 204 22.56 -3.05 4.35
N CYS A 205 21.68 -3.51 3.46
CA CYS A 205 21.99 -3.48 2.04
C CYS A 205 21.42 -2.27 1.31
N THR A 206 22.19 -1.70 0.39
CA THR A 206 21.64 -0.63 -0.44
C THR A 206 21.79 -0.91 -1.94
N THR A 207 22.03 -2.18 -2.29
CA THR A 207 22.09 -2.61 -3.67
C THR A 207 20.87 -2.14 -4.45
N ARG A 208 19.70 -2.27 -3.82
CA ARG A 208 18.44 -1.98 -4.50
C ARG A 208 18.31 -0.50 -4.84
N VAL A 209 19.01 0.32 -4.09
CA VAL A 209 18.88 1.76 -4.22
C VAL A 209 20.04 2.35 -5.03
N VAL A 210 21.26 1.92 -4.74
CA VAL A 210 22.39 2.42 -5.53
C VAL A 210 22.46 1.77 -6.94
N ALA A 211 21.89 0.58 -7.13
CA ALA A 211 21.99 -0.07 -8.44
C ALA A 211 20.63 -0.50 -9.00
N GLY A 212 19.59 -0.49 -8.18
CA GLY A 212 18.25 -0.77 -8.68
C GLY A 212 18.03 -2.24 -9.01
N VAL A 213 18.84 -3.06 -8.35
CA VAL A 213 18.91 -4.50 -8.61
C VAL A 213 18.53 -5.27 -7.36
N GLY A 214 17.89 -6.40 -7.56
CA GLY A 214 17.53 -7.27 -6.45
C GLY A 214 16.29 -8.09 -6.74
N VAL A 215 16.06 -9.10 -5.92
CA VAL A 215 14.91 -9.97 -6.10
C VAL A 215 14.27 -10.16 -4.74
N PRO A 216 12.92 -10.03 -4.67
CA PRO A 216 12.22 -10.23 -3.40
C PRO A 216 12.55 -11.62 -2.83
N GLN A 217 12.94 -11.64 -1.56
CA GLN A 217 13.63 -12.80 -1.01
C GLN A 217 12.83 -14.09 -1.10
N LEU A 218 11.52 -13.99 -0.88
CA LEU A 218 10.62 -15.14 -0.87
C LEU A 218 10.48 -15.79 -2.24
N THR A 219 10.30 -14.96 -3.27
CA THR A 219 10.33 -15.41 -4.66
C THR A 219 11.68 -15.97 -5.08
N ALA A 220 12.75 -15.33 -4.62
CA ALA A 220 14.11 -15.74 -4.98
C ALA A 220 14.37 -17.15 -4.50
N VAL A 221 14.11 -17.38 -3.22
CA VAL A 221 14.22 -18.68 -2.59
C VAL A 221 13.40 -19.71 -3.37
N TYR A 222 12.14 -19.39 -3.56
CA TYR A 222 11.21 -20.32 -4.20
C TYR A 222 11.72 -20.69 -5.56
N ASP A 223 12.10 -19.69 -6.34
CA ASP A 223 12.56 -19.91 -7.70
C ASP A 223 13.88 -20.68 -7.74
N CYS A 224 14.74 -20.42 -6.78
CA CYS A 224 16.02 -21.10 -6.67
C CYS A 224 15.85 -22.55 -6.24
N ALA A 225 15.11 -22.75 -5.16
CA ALA A 225 14.92 -24.09 -4.62
C ALA A 225 14.21 -24.97 -5.66
N THR A 226 13.45 -24.32 -6.54
CA THR A 226 12.74 -25.06 -7.56
C THR A 226 13.73 -25.73 -8.49
N GLU A 227 14.80 -25.01 -8.82
CA GLU A 227 15.88 -25.59 -9.60
C GLU A 227 16.75 -26.55 -8.75
N ALA A 228 17.18 -26.14 -7.56
CA ALA A 228 18.06 -26.99 -6.75
C ALA A 228 17.38 -28.28 -6.23
N ARG A 229 16.08 -28.41 -6.44
CA ARG A 229 15.32 -29.61 -6.07
C ARG A 229 15.58 -30.77 -7.00
N LYS A 230 15.70 -30.43 -8.28
CA LYS A 230 16.03 -31.38 -9.33
C LYS A 230 17.33 -32.14 -9.09
N HIS A 231 18.22 -31.57 -8.29
CA HIS A 231 19.54 -32.16 -8.04
C HIS A 231 19.69 -32.55 -6.58
N GLY A 232 18.64 -32.31 -5.79
CA GLY A 232 18.71 -32.54 -4.36
C GLY A 232 19.79 -31.72 -3.69
N ILE A 233 19.90 -30.47 -4.10
CA ILE A 233 20.81 -29.50 -3.47
C ILE A 233 20.00 -28.54 -2.59
N PRO A 234 20.43 -28.35 -1.33
CA PRO A 234 19.88 -27.37 -0.38
C PRO A 234 20.22 -25.92 -0.71
N VAL A 235 19.35 -25.01 -0.29
CA VAL A 235 19.61 -23.59 -0.45
C VAL A 235 19.55 -22.86 0.90
N ILE A 236 20.25 -21.75 0.97
CA ILE A 236 20.27 -20.92 2.17
C ILE A 236 19.62 -19.58 1.86
N ALA A 237 18.71 -19.20 2.75
CA ALA A 237 18.04 -17.92 2.62
C ALA A 237 18.85 -16.88 3.38
N ASP A 238 19.44 -15.98 2.61
CA ASP A 238 20.40 -15.00 3.07
C ASP A 238 19.79 -13.59 3.25
N GLY A 239 19.40 -13.24 4.46
CA GLY A 239 18.98 -11.87 4.72
C GLY A 239 17.50 -11.54 4.49
N GLY A 240 17.05 -10.49 5.16
CA GLY A 240 15.69 -10.03 5.00
C GLY A 240 14.83 -10.46 6.16
N ILE A 241 15.38 -11.32 7.01
CA ILE A 241 14.62 -11.81 8.13
C ILE A 241 14.73 -10.84 9.30
N LYS A 242 13.58 -10.31 9.72
CA LYS A 242 13.52 -9.39 10.86
C LYS A 242 12.85 -10.06 12.05
N TYR A 243 11.90 -10.94 11.75
CA TYR A 243 11.10 -11.63 12.76
C TYR A 243 11.15 -13.17 12.68
N SER A 244 10.95 -13.79 13.83
CA SER A 244 10.82 -15.23 13.95
C SER A 244 9.94 -15.85 12.86
N GLY A 245 8.80 -15.25 12.60
CA GLY A 245 7.87 -15.77 11.63
C GLY A 245 8.33 -15.67 10.19
N ASP A 246 9.34 -14.84 9.94
CA ASP A 246 9.87 -14.69 8.59
C ASP A 246 10.83 -15.82 8.26
N MET A 247 11.47 -16.36 9.30
CA MET A 247 12.33 -17.52 9.14
C MET A 247 11.53 -18.75 8.74
N VAL A 248 10.36 -18.88 9.36
CA VAL A 248 9.48 -19.99 9.04
C VAL A 248 9.09 -19.87 7.59
N LYS A 249 8.91 -18.64 7.14
CA LYS A 249 8.38 -18.43 5.80
C LYS A 249 9.45 -18.77 4.78
N ALA A 250 10.71 -18.63 5.20
CA ALA A 250 11.85 -18.90 4.34
C ALA A 250 12.00 -20.39 4.14
N LEU A 251 12.11 -21.10 5.25
CA LEU A 251 12.21 -22.55 5.27
C LEU A 251 11.05 -23.19 4.53
N ALA A 252 9.86 -22.61 4.66
CA ALA A 252 8.65 -23.14 4.02
C ALA A 252 8.58 -22.84 2.53
N ALA A 253 9.47 -21.97 2.04
CA ALA A 253 9.45 -21.58 0.62
C ALA A 253 10.50 -22.38 -0.16
N GLY A 254 11.20 -23.28 0.52
CA GLY A 254 12.18 -24.13 -0.12
C GLY A 254 13.57 -24.18 0.47
N ALA A 255 13.85 -23.34 1.47
CA ALA A 255 15.18 -23.32 2.04
C ALA A 255 15.36 -24.41 3.10
N HIS A 256 16.53 -25.02 3.11
CA HIS A 256 16.87 -25.93 4.19
C HIS A 256 17.19 -25.22 5.49
N VAL A 257 17.81 -24.05 5.36
CA VAL A 257 18.39 -23.32 6.46
C VAL A 257 18.28 -21.81 6.17
N VAL A 258 18.50 -20.98 7.16
CA VAL A 258 18.51 -19.53 6.92
C VAL A 258 19.76 -18.91 7.53
N MET A 259 20.26 -17.83 6.91
CA MET A 259 21.41 -17.09 7.41
C MET A 259 21.01 -15.75 7.99
N LEU A 260 21.28 -15.56 9.28
CA LEU A 260 20.93 -14.29 9.90
C LEU A 260 22.16 -13.43 10.16
N GLY A 261 21.99 -12.12 10.05
CA GLY A 261 23.02 -11.16 10.40
C GLY A 261 22.54 -10.27 11.53
N SER A 262 21.71 -9.30 11.17
CA SER A 262 21.16 -8.31 12.11
C SER A 262 20.72 -8.94 13.44
N MET A 263 19.97 -10.03 13.37
CA MET A 263 19.45 -10.61 14.61
C MET A 263 20.52 -11.11 15.57
N PHE A 264 21.66 -11.50 15.05
CA PHE A 264 22.72 -12.03 15.90
C PHE A 264 23.77 -10.97 16.25
N ALA A 265 23.77 -9.88 15.49
CA ALA A 265 24.81 -8.86 15.62
C ALA A 265 24.85 -8.15 16.98
N GLY A 266 23.72 -8.07 17.68
CA GLY A 266 23.67 -7.34 18.94
C GLY A 266 23.71 -8.24 20.16
N VAL A 267 24.31 -9.40 19.97
CA VAL A 267 24.32 -10.47 20.95
C VAL A 267 25.69 -10.53 21.64
N ALA A 268 25.73 -11.06 22.87
CA ALA A 268 26.92 -11.01 23.72
C ALA A 268 28.18 -11.62 23.08
N GLU A 269 27.98 -12.66 22.28
CA GLU A 269 29.07 -13.42 21.64
C GLU A 269 29.48 -12.83 20.30
N SER A 270 28.84 -11.74 19.92
CA SER A 270 29.23 -10.99 18.75
C SER A 270 30.60 -10.36 18.98
N PRO A 271 31.38 -10.21 17.91
CA PRO A 271 32.63 -9.45 17.96
C PRO A 271 32.36 -7.96 18.08
N GLY A 272 33.06 -7.32 18.99
CA GLY A 272 32.83 -5.92 19.26
C GLY A 272 32.21 -5.77 20.62
N GLU A 273 32.34 -4.59 21.22
CA GLU A 273 31.82 -4.42 22.56
C GLU A 273 30.56 -3.57 22.56
N THR A 274 29.99 -3.37 23.75
CA THR A 274 28.69 -2.72 23.88
C THR A 274 28.79 -1.20 24.08
N GLU A 275 28.22 -0.44 23.15
CA GLU A 275 28.17 1.02 23.22
C GLU A 275 26.85 1.53 23.82
N ILE A 276 26.91 2.60 24.59
CA ILE A 276 25.69 3.16 25.16
C ILE A 276 25.21 4.35 24.34
N TYR A 277 23.96 4.30 23.89
CA TYR A 277 23.39 5.38 23.10
C TYR A 277 22.13 5.90 23.79
N GLN A 278 22.19 7.14 24.25
CA GLN A 278 21.14 7.72 25.11
C GLN A 278 20.85 6.78 26.31
N GLY A 279 21.89 6.32 26.98
CA GLY A 279 21.73 5.46 28.14
C GLY A 279 21.21 4.07 27.84
N ARG A 280 21.19 3.73 26.54
CA ARG A 280 20.74 2.42 26.07
C ARG A 280 21.92 1.68 25.43
N GLN A 281 22.08 0.40 25.78
CA GLN A 281 23.16 -0.46 25.28
C GLN A 281 22.98 -0.90 23.82
N PHE A 282 23.99 -0.65 23.00
CA PHE A 282 23.91 -0.99 21.58
C PHE A 282 25.18 -1.72 21.06
N LYS A 283 25.13 -2.16 19.83
CA LYS A 283 26.27 -2.78 19.17
C LYS A 283 26.31 -2.29 17.74
N VAL A 284 27.50 -2.27 17.14
CA VAL A 284 27.64 -1.87 15.75
C VAL A 284 27.43 -3.05 14.80
N TYR A 285 26.58 -2.83 13.81
CA TYR A 285 26.32 -3.80 12.77
C TYR A 285 26.45 -3.11 11.42
N ARG A 286 27.36 -3.59 10.59
CA ARG A 286 27.59 -2.95 9.30
C ARG A 286 27.72 -3.97 8.18
N GLY A 287 27.28 -3.59 6.99
CA GLY A 287 27.46 -4.42 5.82
C GLY A 287 28.93 -4.58 5.47
N MET A 288 29.24 -5.59 4.67
CA MET A 288 30.63 -5.78 4.26
C MET A 288 31.02 -4.80 3.15
N GLY A 289 30.02 -4.16 2.53
CA GLY A 289 30.24 -3.29 1.39
C GLY A 289 30.19 -1.85 1.80
N SER A 290 29.92 -1.65 3.08
CA SER A 290 30.00 -0.34 3.70
C SER A 290 31.44 0.17 3.66
N VAL A 291 31.59 1.48 3.76
CA VAL A 291 32.90 2.13 3.69
C VAL A 291 33.87 1.59 4.75
N GLY A 292 33.40 1.49 5.99
CA GLY A 292 34.22 1.00 7.10
C GLY A 292 34.82 -0.38 6.92
N ALA A 293 34.01 -1.34 6.50
CA ALA A 293 34.52 -2.69 6.25
C ALA A 293 35.44 -2.66 5.02
N MET A 294 35.11 -1.86 4.01
CA MET A 294 35.92 -1.78 2.81
C MET A 294 37.36 -1.32 3.11
N GLU A 295 37.53 -0.32 3.98
CA GLU A 295 38.89 0.21 4.26
C GLU A 295 39.74 -0.75 5.09
N LYS A 296 39.09 -1.51 5.97
CA LYS A 296 39.75 -2.57 6.72
C LYS A 296 39.53 -3.92 6.05
N VAL A 311 31.93 2.66 -4.99
CA VAL A 311 30.59 2.95 -4.49
C VAL A 311 30.08 1.85 -3.57
N PRO A 312 29.74 2.24 -2.33
CA PRO A 312 29.25 1.32 -1.29
C PRO A 312 27.83 0.81 -1.57
N GLU A 313 27.59 -0.46 -1.25
CA GLU A 313 26.26 -1.04 -1.34
C GLU A 313 25.91 -1.62 0.03
N GLY A 314 26.70 -1.21 1.01
CA GLY A 314 26.38 -1.46 2.40
C GLY A 314 26.49 -0.17 3.18
N ILE A 315 25.77 -0.11 4.29
CA ILE A 315 25.88 1.00 5.20
C ILE A 315 26.11 0.46 6.62
N GLU A 316 26.63 1.31 7.49
CA GLU A 316 26.81 0.95 8.91
C GLU A 316 25.64 1.44 9.75
N GLY A 317 25.22 0.60 10.69
CA GLY A 317 24.16 0.95 11.62
C GLY A 317 24.45 0.49 13.03
N ARG A 318 23.41 0.53 13.87
CA ARG A 318 23.55 0.13 15.27
C ARG A 318 22.31 -0.68 15.69
N VAL A 319 22.54 -1.72 16.48
CA VAL A 319 21.46 -2.59 16.88
C VAL A 319 21.47 -2.76 18.37
N PRO A 320 20.27 -2.88 18.97
CA PRO A 320 20.07 -3.04 20.41
C PRO A 320 20.84 -4.25 20.97
N TYR A 321 21.50 -4.05 22.11
CA TYR A 321 22.17 -5.12 22.83
C TYR A 321 21.15 -6.12 23.37
N LYS A 322 21.29 -7.38 22.95
CA LYS A 322 20.27 -8.41 23.21
C LYS A 322 20.68 -9.49 24.21
N GLY A 323 21.87 -9.35 24.79
CA GLY A 323 22.38 -10.35 25.72
C GLY A 323 22.97 -11.56 25.02
N PRO A 324 22.92 -12.72 25.69
CA PRO A 324 23.57 -13.92 25.16
C PRO A 324 22.81 -14.53 24.00
N LEU A 325 23.56 -15.24 23.16
CA LEU A 325 23.00 -15.86 21.98
C LEU A 325 21.85 -16.78 22.31
N ALA A 326 21.96 -17.47 23.44
CA ALA A 326 21.02 -18.56 23.77
C ALA A 326 19.55 -18.13 23.72
N ASP A 327 19.22 -16.98 24.29
CA ASP A 327 17.85 -16.51 24.35
C ASP A 327 17.26 -16.09 23.01
N THR A 328 18.12 -15.67 22.11
CA THR A 328 17.67 -15.28 20.79
C THR A 328 17.38 -16.52 19.96
N VAL A 329 18.19 -17.56 20.16
CA VAL A 329 18.01 -18.85 19.51
C VAL A 329 16.79 -19.57 20.06
N HIS A 330 16.56 -19.41 21.36
CA HIS A 330 15.41 -20.02 21.98
C HIS A 330 14.10 -19.40 21.46
N GLN A 331 14.10 -18.13 21.11
CA GLN A 331 12.87 -17.53 20.62
C GLN A 331 12.71 -17.76 19.12
N LEU A 332 13.80 -17.85 18.38
CA LEU A 332 13.70 -18.16 16.95
C LEU A 332 13.33 -19.63 16.70
N VAL A 333 13.90 -20.54 17.48
CA VAL A 333 13.57 -21.95 17.32
C VAL A 333 12.17 -22.24 17.86
N GLY A 334 11.82 -21.60 18.98
CA GLY A 334 10.47 -21.70 19.52
C GLY A 334 9.42 -21.22 18.54
N GLY A 335 9.71 -20.13 17.84
CA GLY A 335 8.86 -19.60 16.78
C GLY A 335 8.72 -20.50 15.54
N LEU A 336 9.76 -21.27 15.22
CA LEU A 336 9.69 -22.26 14.16
C LEU A 336 8.87 -23.47 14.58
N ARG A 337 9.05 -23.87 15.83
CA ARG A 337 8.33 -25.03 16.34
C ARG A 337 6.83 -24.81 16.24
N ALA A 338 6.39 -23.59 16.58
CA ALA A 338 4.98 -23.21 16.55
C ALA A 338 4.47 -23.18 15.12
N GLY A 339 5.33 -22.75 14.20
CA GLY A 339 4.99 -22.65 12.80
C GLY A 339 4.83 -24.02 12.21
N MET A 340 5.73 -24.93 12.58
CA MET A 340 5.63 -26.31 12.13
C MET A 340 4.45 -26.98 12.81
N GLY A 341 4.09 -26.52 14.00
CA GLY A 341 2.93 -27.05 14.70
C GLY A 341 1.60 -26.71 14.04
N TYR A 342 1.49 -25.51 13.47
CA TYR A 342 0.27 -25.10 12.76
C TYR A 342 0.20 -25.78 11.42
N CYS A 343 1.36 -26.02 10.83
CA CYS A 343 1.41 -26.55 9.46
C CYS A 343 1.29 -28.08 9.38
N GLY A 344 1.46 -28.75 10.50
CA GLY A 344 1.44 -30.21 10.47
C GLY A 344 2.74 -30.83 10.00
N ALA A 345 3.84 -30.17 10.30
CA ALA A 345 5.13 -30.62 9.83
C ALA A 345 5.92 -31.24 10.97
N GLN A 346 6.19 -32.54 10.86
CA GLN A 346 6.96 -33.26 11.85
C GLN A 346 8.44 -32.85 11.81
N ASP A 347 8.91 -32.59 10.59
CA ASP A 347 10.30 -32.28 10.32
C ASP A 347 10.37 -31.23 9.20
N LEU A 348 11.52 -30.62 9.00
CA LEU A 348 11.64 -29.53 8.04
C LEU A 348 11.39 -29.93 6.58
N GLU A 349 11.38 -31.21 6.28
CA GLU A 349 11.15 -31.64 4.89
C GLU A 349 9.66 -31.55 4.49
N PHE A 350 8.77 -31.98 5.40
CA PHE A 350 7.33 -31.87 5.22
C PHE A 350 6.89 -30.42 4.97
N LEU A 351 7.39 -29.50 5.82
CA LEU A 351 7.12 -28.07 5.72
C LEU A 351 7.59 -27.51 4.38
N ARG A 352 8.82 -27.85 4.05
CA ARG A 352 9.43 -27.44 2.80
C ARG A 352 8.63 -27.94 1.57
N GLU A 353 7.93 -29.08 1.69
CA GLU A 353 7.25 -29.68 0.53
C GLU A 353 5.71 -29.58 0.54
N ASN A 354 5.14 -29.25 1.68
CA ASN A 354 3.68 -29.25 1.82
C ASN A 354 3.02 -27.94 2.30
N ALA A 355 3.79 -27.08 2.96
CA ALA A 355 3.28 -25.80 3.42
C ALA A 355 2.70 -24.97 2.28
N GLN A 356 1.49 -24.45 2.47
CA GLN A 356 0.83 -23.62 1.47
C GLN A 356 0.74 -22.22 2.02
N PHE A 357 0.99 -21.23 1.19
CA PHE A 357 0.85 -19.84 1.67
C PHE A 357 -0.45 -19.22 1.18
N ILE A 358 -0.82 -18.13 1.83
CA ILE A 358 -1.84 -17.25 1.29
C ILE A 358 -1.26 -15.85 1.18
N ARG A 359 -1.55 -15.20 0.06
CA ARG A 359 -1.14 -13.83 -0.22
C ARG A 359 -2.12 -12.81 0.38
N MET A 360 -1.60 -11.72 0.88
CA MET A 360 -2.46 -10.69 1.43
C MET A 360 -2.07 -9.35 0.83
N SER A 361 -2.57 -8.25 1.39
CA SER A 361 -2.18 -6.93 0.90
C SER A 361 -1.63 -6.06 2.03
N GLY A 362 -1.41 -4.78 1.75
CA GLY A 362 -0.77 -3.91 2.71
C GLY A 362 -1.58 -3.70 3.97
N ALA A 363 -2.91 -3.71 3.80
CA ALA A 363 -3.84 -3.52 4.90
C ALA A 363 -3.89 -4.78 5.77
N GLY A 364 -3.51 -5.91 5.18
CA GLY A 364 -3.48 -7.19 5.88
C GLY A 364 -2.27 -7.32 6.78
N LEU A 365 -1.26 -6.50 6.52
CA LEU A 365 -0.06 -6.40 7.34
C LEU A 365 -0.35 -5.63 8.64
N LEU A 366 -1.36 -4.76 8.59
CA LEU A 366 -1.83 -4.03 9.77
C LEU A 366 -2.57 -4.94 10.73
N VAL A 373 -4.33 -0.51 20.30
CA VAL A 373 -4.05 -0.81 21.69
C VAL A 373 -2.67 -0.26 22.08
N GLN A 374 -2.52 0.16 23.34
CA GLN A 374 -1.22 0.59 23.84
C GLN A 374 -0.40 -0.57 24.42
N ILE A 375 0.53 -1.11 23.62
CA ILE A 375 1.48 -2.13 24.06
C ILE A 375 2.37 -1.65 25.22
N THR A 376 2.65 -2.54 26.18
CA THR A 376 3.52 -2.23 27.31
C THR A 376 4.49 -3.39 27.60
N SER B 22 4.47 -36.01 -6.03
CA SER B 22 4.07 -34.99 -6.99
C SER B 22 4.30 -33.58 -6.45
N ASN B 23 4.58 -32.65 -7.37
CA ASN B 23 4.86 -31.26 -7.02
C ASN B 23 3.60 -30.37 -6.96
N ALA B 24 2.43 -30.98 -7.15
CA ALA B 24 1.16 -30.24 -7.12
C ALA B 24 1.07 -29.30 -5.91
N MET B 25 1.60 -29.78 -4.77
CA MET B 25 1.82 -28.97 -3.57
C MET B 25 2.90 -27.89 -3.74
N TRP B 26 3.94 -28.21 -4.50
CA TRP B 26 5.00 -27.26 -4.74
C TRP B 26 4.50 -26.08 -5.59
N GLU B 27 3.84 -26.33 -6.70
CA GLU B 27 3.36 -25.21 -7.51
C GLU B 27 2.05 -24.59 -7.04
N SER B 28 1.53 -24.96 -5.88
CA SER B 28 0.33 -24.26 -5.42
C SER B 28 0.67 -23.48 -4.15
N LYS B 29 1.96 -23.32 -3.92
CA LYS B 29 2.46 -22.70 -2.70
C LYS B 29 1.95 -21.29 -2.52
N PHE B 30 1.82 -20.58 -3.64
CA PHE B 30 1.45 -19.18 -3.62
C PHE B 30 0.22 -18.82 -4.46
N VAL B 31 -0.76 -19.72 -4.58
CA VAL B 31 -1.94 -19.38 -5.39
C VAL B 31 -3.00 -18.61 -4.59
N LYS B 32 -3.24 -19.01 -3.34
CA LYS B 32 -4.34 -18.42 -2.58
C LYS B 32 -4.17 -16.94 -2.29
N GLU B 33 -5.25 -16.17 -2.45
CA GLU B 33 -5.31 -14.77 -2.04
C GLU B 33 -6.13 -14.61 -0.76
N GLY B 34 -5.86 -13.55 -0.03
CA GLY B 34 -6.53 -13.30 1.23
C GLY B 34 -7.05 -11.88 1.28
N LEU B 35 -8.19 -11.72 1.95
CA LEU B 35 -8.82 -10.43 2.19
C LEU B 35 -9.07 -10.21 3.68
N THR B 36 -8.83 -9.01 4.18
CA THR B 36 -9.21 -8.69 5.56
C THR B 36 -10.32 -7.60 5.57
N PHE B 37 -10.71 -7.11 6.74
CA PHE B 37 -11.82 -6.17 6.80
C PHE B 37 -11.56 -4.93 5.98
N ASP B 38 -10.31 -4.49 5.99
CA ASP B 38 -9.95 -3.19 5.43
C ASP B 38 -9.81 -3.21 3.91
N ASP B 39 -9.71 -4.41 3.32
CA ASP B 39 -9.71 -4.55 1.86
C ASP B 39 -11.08 -4.32 1.20
N VAL B 40 -12.16 -4.45 1.97
CA VAL B 40 -13.50 -4.46 1.37
C VAL B 40 -14.45 -3.41 1.91
N LEU B 41 -15.50 -3.14 1.14
CA LEU B 41 -16.68 -2.39 1.61
C LEU B 41 -17.97 -3.06 1.14
N LEU B 42 -19.02 -2.95 1.95
CA LEU B 42 -20.34 -3.45 1.56
C LEU B 42 -20.95 -2.53 0.51
N VAL B 43 -21.72 -3.10 -0.39
CA VAL B 43 -22.29 -2.36 -1.51
C VAL B 43 -23.77 -2.13 -1.25
N PRO B 44 -24.19 -0.87 -1.31
CA PRO B 44 -25.60 -0.59 -0.99
C PRO B 44 -26.50 -1.27 -2.02
N ALA B 45 -27.60 -1.85 -1.54
CA ALA B 45 -28.54 -2.55 -2.40
C ALA B 45 -29.94 -1.96 -2.22
N LYS B 46 -30.88 -2.44 -3.02
CA LYS B 46 -32.28 -2.03 -2.88
C LYS B 46 -32.81 -2.37 -1.49
N SER B 47 -33.40 -1.39 -0.82
CA SER B 47 -33.85 -1.54 0.55
C SER B 47 -35.22 -0.92 0.74
N ASP B 48 -36.09 -1.62 1.46
CA ASP B 48 -37.38 -1.04 1.82
C ASP B 48 -37.53 -1.01 3.34
N VAL B 49 -36.45 -1.35 4.03
CA VAL B 49 -36.46 -1.58 5.46
C VAL B 49 -35.61 -0.55 6.21
N LEU B 50 -36.20 0.07 7.23
CA LEU B 50 -35.49 1.05 8.06
C LEU B 50 -34.69 0.37 9.17
N PRO B 51 -33.53 0.96 9.52
CA PRO B 51 -32.63 0.46 10.57
C PRO B 51 -33.34 0.06 11.86
N ARG B 52 -34.39 0.78 12.24
CA ARG B 52 -35.06 0.49 13.50
C ARG B 52 -36.02 -0.70 13.43
N GLU B 53 -36.27 -1.20 12.22
CA GLU B 53 -37.20 -2.30 12.07
C GLU B 53 -36.48 -3.61 11.73
N VAL B 54 -35.15 -3.58 11.66
CA VAL B 54 -34.40 -4.78 11.30
C VAL B 54 -34.27 -5.70 12.49
N SER B 55 -34.21 -6.99 12.19
CA SER B 55 -34.12 -8.03 13.20
C SER B 55 -32.68 -8.46 13.37
N VAL B 56 -32.08 -8.09 14.50
CA VAL B 56 -30.73 -8.52 14.82
C VAL B 56 -30.70 -9.80 15.68
N LYS B 57 -31.81 -10.55 15.72
CA LYS B 57 -31.81 -11.86 16.39
C LYS B 57 -31.08 -12.93 15.58
N THR B 58 -30.56 -13.95 16.27
CA THR B 58 -29.78 -15.03 15.66
C THR B 58 -29.96 -16.35 16.41
N VAL B 59 -30.02 -17.46 15.68
CA VAL B 59 -30.16 -18.77 16.35
C VAL B 59 -28.90 -19.59 16.14
N LEU B 60 -28.10 -19.71 17.20
CA LEU B 60 -26.92 -20.56 17.16
C LEU B 60 -27.34 -22.03 17.14
N SER B 61 -28.34 -22.36 17.95
CA SER B 61 -28.85 -23.72 17.94
C SER B 61 -30.26 -23.73 18.47
N GLU B 62 -30.87 -24.90 18.34
CA GLU B 62 -32.20 -25.21 18.88
C GLU B 62 -32.37 -24.77 20.33
N SER B 63 -31.32 -24.93 21.12
CA SER B 63 -31.37 -24.57 22.54
C SER B 63 -30.87 -23.13 22.88
N LEU B 64 -30.13 -22.50 21.98
CA LEU B 64 -29.44 -21.28 22.34
C LEU B 64 -29.65 -20.14 21.33
N GLN B 65 -30.40 -19.12 21.77
CA GLN B 65 -30.79 -17.98 20.91
C GLN B 65 -30.33 -16.62 21.48
N LEU B 66 -29.74 -15.78 20.64
CA LEU B 66 -29.31 -14.46 21.07
C LEU B 66 -30.18 -13.35 20.50
N ASN B 67 -30.37 -12.30 21.29
CA ASN B 67 -31.14 -11.14 20.85
C ASN B 67 -30.27 -10.13 20.07
N ILE B 68 -28.96 -10.17 20.32
CA ILE B 68 -27.98 -9.45 19.50
C ILE B 68 -26.77 -10.33 19.19
N PRO B 69 -26.17 -10.18 18.00
CA PRO B 69 -25.08 -11.09 17.60
C PRO B 69 -23.74 -10.74 18.22
N LEU B 70 -23.64 -10.72 19.54
CA LEU B 70 -22.37 -10.39 20.16
C LEU B 70 -22.01 -11.40 21.24
N ILE B 71 -20.74 -11.76 21.29
CA ILE B 71 -20.23 -12.61 22.35
C ILE B 71 -18.93 -12.03 22.87
N SER B 72 -18.90 -11.71 24.16
CA SER B 72 -17.66 -11.30 24.78
C SER B 72 -16.77 -12.53 24.97
N ALA B 73 -15.47 -12.32 24.74
CA ALA B 73 -14.49 -13.41 24.67
C ALA B 73 -14.10 -13.95 26.03
N GLY B 74 -13.81 -15.25 26.08
CA GLY B 74 -13.38 -15.91 27.30
C GLY B 74 -11.94 -15.62 27.68
N MET B 75 -11.69 -14.38 28.04
CA MET B 75 -10.39 -13.91 28.44
C MET B 75 -10.43 -13.31 29.86
N ASP B 76 -9.36 -13.46 30.62
CA ASP B 76 -9.34 -13.05 32.02
C ASP B 76 -9.39 -11.53 32.22
N THR B 77 -9.17 -10.78 31.15
CA THR B 77 -9.24 -9.32 31.21
C THR B 77 -10.59 -8.85 30.70
N VAL B 78 -11.22 -9.68 29.88
CA VAL B 78 -12.48 -9.34 29.20
C VAL B 78 -13.77 -9.76 29.94
N THR B 79 -13.90 -11.04 30.26
CA THR B 79 -15.19 -11.59 30.76
C THR B 79 -15.15 -12.39 32.07
N GLU B 80 -15.88 -11.94 33.09
CA GLU B 80 -16.17 -12.79 34.24
C GLU B 80 -17.68 -12.77 34.51
N ALA B 81 -18.09 -13.14 35.72
CA ALA B 81 -19.52 -13.28 36.03
C ALA B 81 -20.30 -12.00 35.76
N ASP B 82 -19.72 -10.87 36.13
CA ASP B 82 -20.37 -9.58 35.95
C ASP B 82 -20.61 -9.26 34.50
N MET B 83 -19.58 -9.44 33.68
CA MET B 83 -19.66 -9.16 32.26
C MET B 83 -20.64 -10.10 31.55
N ALA B 84 -20.74 -11.34 32.00
CA ALA B 84 -21.69 -12.29 31.41
C ALA B 84 -23.12 -11.87 31.72
N ILE B 85 -23.35 -11.40 32.94
CA ILE B 85 -24.66 -10.92 33.32
C ILE B 85 -25.03 -9.67 32.50
N ALA B 86 -24.15 -8.68 32.45
CA ALA B 86 -24.37 -7.51 31.58
C ALA B 86 -24.57 -7.89 30.10
N MET B 87 -23.77 -8.83 29.58
CA MET B 87 -23.86 -9.24 28.17
C MET B 87 -25.18 -9.89 27.84
N ALA B 88 -25.64 -10.71 28.77
CA ALA B 88 -26.90 -11.44 28.64
C ALA B 88 -28.07 -10.46 28.63
N ARG B 89 -28.08 -9.55 29.62
CA ARG B 89 -29.07 -8.49 29.77
C ARG B 89 -29.27 -7.69 28.49
N GLN B 90 -28.18 -7.50 27.74
CA GLN B 90 -28.23 -6.86 26.43
C GLN B 90 -28.77 -7.80 25.35
N GLY B 91 -28.77 -9.10 25.61
CA GLY B 91 -29.27 -10.06 24.64
C GLY B 91 -28.15 -10.75 23.87
N GLY B 92 -26.96 -10.65 24.42
CA GLY B 92 -25.82 -11.43 23.96
C GLY B 92 -25.46 -12.49 24.97
N LEU B 93 -24.18 -12.87 24.93
CA LEU B 93 -23.69 -14.05 25.62
C LEU B 93 -22.27 -13.83 26.14
N GLY B 94 -22.01 -14.23 27.38
CA GLY B 94 -20.67 -14.09 27.92
C GLY B 94 -19.94 -15.41 28.03
N ILE B 95 -18.66 -15.43 27.70
CA ILE B 95 -17.90 -16.65 27.91
C ILE B 95 -16.96 -16.47 29.06
N ILE B 96 -17.28 -17.13 30.15
CA ILE B 96 -16.49 -16.98 31.36
C ILE B 96 -15.18 -17.72 31.15
N HIS B 97 -14.07 -16.98 31.30
CA HIS B 97 -12.74 -17.51 31.02
C HIS B 97 -12.35 -18.64 31.98
N LYS B 98 -11.27 -19.35 31.65
CA LYS B 98 -10.91 -20.57 32.38
C LYS B 98 -9.61 -20.46 33.21
N ASN B 99 -9.06 -19.26 33.33
CA ASN B 99 -7.91 -19.02 34.22
C ASN B 99 -8.32 -19.01 35.70
N MET B 100 -8.94 -20.10 36.16
CA MET B 100 -9.37 -20.20 37.55
C MET B 100 -9.78 -21.64 37.86
N SER B 101 -9.87 -21.99 39.15
CA SER B 101 -10.24 -23.34 39.61
C SER B 101 -11.52 -23.77 38.97
N ILE B 102 -11.72 -25.07 38.85
CA ILE B 102 -12.99 -25.59 38.41
C ILE B 102 -14.10 -25.08 39.35
N GLU B 103 -13.84 -25.07 40.66
CA GLU B 103 -14.86 -24.65 41.61
C GLU B 103 -15.29 -23.19 41.36
N GLN B 104 -14.34 -22.28 41.35
CA GLN B 104 -14.70 -20.88 41.22
C GLN B 104 -15.18 -20.50 39.82
N GLN B 105 -14.99 -21.33 38.78
CA GLN B 105 -15.65 -21.07 37.47
C GLN B 105 -17.11 -21.55 37.46
N ALA B 106 -17.37 -22.66 38.16
CA ALA B 106 -18.73 -23.14 38.38
C ALA B 106 -19.52 -22.16 39.27
N GLU B 107 -18.82 -21.52 40.22
CA GLU B 107 -19.35 -20.39 40.98
C GLU B 107 -19.97 -19.33 40.05
N GLN B 108 -19.16 -18.86 39.09
CA GLN B 108 -19.57 -17.78 38.18
C GLN B 108 -20.69 -18.19 37.25
N VAL B 109 -20.63 -19.43 36.78
CA VAL B 109 -21.66 -19.93 35.90
C VAL B 109 -23.00 -19.90 36.63
N ASP B 110 -23.03 -20.46 37.83
CA ASP B 110 -24.26 -20.54 38.64
C ASP B 110 -24.82 -19.16 38.99
N LYS B 111 -23.93 -18.21 39.21
CA LYS B 111 -24.31 -16.85 39.56
C LYS B 111 -25.05 -16.15 38.42
N VAL B 112 -24.68 -16.44 37.18
CA VAL B 112 -25.35 -15.84 36.02
C VAL B 112 -26.74 -16.42 35.87
N LYS B 113 -26.86 -17.68 36.27
CA LYS B 113 -28.13 -18.36 36.19
C LYS B 113 -29.03 -18.00 37.36
N ARG B 114 -28.43 -17.63 38.49
CA ARG B 114 -29.17 -17.15 39.64
C ARG B 114 -29.76 -15.74 39.42
N SER B 115 -29.31 -15.05 38.36
CA SER B 115 -29.64 -13.64 38.16
C SER B 115 -30.77 -13.43 37.13
N GLY B 116 -31.57 -14.47 36.92
CA GLY B 116 -32.70 -14.35 36.02
C GLY B 116 -32.65 -15.32 34.84
N GLY B 117 -32.13 -16.52 35.11
CA GLY B 117 -31.98 -17.57 34.12
C GLY B 117 -31.44 -17.06 32.80
N LEU B 118 -30.27 -16.43 32.84
CA LEU B 118 -29.67 -15.83 31.66
C LEU B 118 -28.73 -16.82 30.97
N LEU B 119 -28.50 -16.59 29.68
CA LEU B 119 -27.58 -17.41 28.90
C LEU B 119 -26.11 -17.13 29.28
N VAL B 120 -25.34 -18.19 29.57
CA VAL B 120 -23.92 -18.01 29.88
C VAL B 120 -23.03 -19.15 29.30
N GLY B 121 -21.88 -18.75 28.77
CA GLY B 121 -20.91 -19.66 28.22
C GLY B 121 -19.69 -19.76 29.12
N ALA B 122 -18.95 -20.85 29.02
CA ALA B 122 -17.68 -20.92 29.72
C ALA B 122 -16.68 -21.68 28.88
N ALA B 123 -15.44 -21.20 28.93
CA ALA B 123 -14.34 -21.75 28.14
C ALA B 123 -13.74 -22.96 28.84
N VAL B 124 -13.42 -23.97 28.05
CA VAL B 124 -12.73 -25.17 28.51
C VAL B 124 -11.64 -25.55 27.54
N GLY B 125 -10.38 -25.54 27.97
CA GLY B 125 -9.28 -25.97 27.12
C GLY B 125 -9.14 -27.48 26.99
N VAL B 126 -8.46 -27.94 25.93
CA VAL B 126 -8.16 -29.37 25.73
C VAL B 126 -7.08 -29.87 26.70
N THR B 127 -7.51 -30.30 27.88
CA THR B 127 -6.60 -30.77 28.92
C THR B 127 -7.10 -32.10 29.46
N ALA B 128 -6.50 -32.54 30.56
CA ALA B 128 -6.93 -33.74 31.26
C ALA B 128 -8.07 -33.39 32.20
N ASP B 129 -8.00 -32.18 32.77
CA ASP B 129 -9.01 -31.75 33.72
C ASP B 129 -10.22 -31.16 33.00
N ALA B 130 -10.21 -31.29 31.66
CA ALA B 130 -11.23 -30.72 30.80
C ALA B 130 -12.60 -31.27 31.11
N MET B 131 -12.67 -32.57 31.40
CA MET B 131 -13.94 -33.25 31.63
C MET B 131 -14.42 -32.96 33.04
N THR B 132 -13.50 -33.06 34.00
CA THR B 132 -13.81 -32.67 35.37
C THR B 132 -14.35 -31.23 35.39
N ARG B 133 -13.74 -30.36 34.59
CA ARG B 133 -14.20 -28.99 34.46
C ARG B 133 -15.57 -28.88 33.78
N ILE B 134 -15.74 -29.56 32.65
CA ILE B 134 -17.01 -29.54 31.91
C ILE B 134 -18.19 -30.04 32.75
N ASP B 135 -17.94 -31.07 33.54
CA ASP B 135 -18.96 -31.67 34.39
C ASP B 135 -19.55 -30.68 35.38
N ALA B 136 -18.66 -29.99 36.08
CA ALA B 136 -19.06 -28.99 37.06
C ALA B 136 -19.92 -27.92 36.39
N LEU B 137 -19.58 -27.58 35.16
CA LEU B 137 -20.28 -26.53 34.45
C LEU B 137 -21.70 -26.97 34.12
N VAL B 138 -21.83 -28.24 33.73
CA VAL B 138 -23.13 -28.83 33.42
C VAL B 138 -24.02 -28.87 34.66
N LYS B 139 -23.44 -29.17 35.81
CA LYS B 139 -24.18 -29.20 37.06
C LYS B 139 -24.59 -27.80 37.52
N ALA B 140 -23.97 -26.80 36.92
CA ALA B 140 -24.36 -25.43 37.19
C ALA B 140 -25.28 -24.94 36.07
N SER B 141 -25.71 -25.88 35.23
CA SER B 141 -26.68 -25.63 34.15
C SER B 141 -26.19 -24.71 33.04
N VAL B 142 -24.89 -24.74 32.75
CA VAL B 142 -24.29 -23.99 31.64
C VAL B 142 -24.96 -24.29 30.30
N ASP B 143 -25.04 -23.29 29.41
CA ASP B 143 -25.76 -23.46 28.15
C ASP B 143 -24.84 -23.92 27.04
N ALA B 144 -23.61 -23.41 27.07
CA ALA B 144 -22.62 -23.75 26.05
C ALA B 144 -21.22 -23.77 26.62
N ILE B 145 -20.44 -24.77 26.20
CA ILE B 145 -19.03 -24.82 26.54
C ILE B 145 -18.20 -24.50 25.28
N VAL B 146 -17.14 -23.74 25.51
CA VAL B 146 -16.26 -23.29 24.44
C VAL B 146 -14.93 -24.03 24.47
N LEU B 147 -14.71 -24.92 23.49
CA LEU B 147 -13.42 -25.62 23.38
C LEU B 147 -12.41 -24.79 22.58
N ASP B 148 -11.46 -24.18 23.29
CA ASP B 148 -10.50 -23.28 22.67
C ASP B 148 -9.08 -23.80 22.63
N THR B 149 -8.54 -23.76 21.43
CA THR B 149 -7.19 -24.17 21.15
C THR B 149 -6.66 -23.25 20.08
N ALA B 150 -5.35 -23.05 20.07
CA ALA B 150 -4.74 -22.18 19.07
C ALA B 150 -4.86 -22.81 17.71
N HIS B 151 -4.88 -24.13 17.69
CA HIS B 151 -4.99 -24.86 16.46
C HIS B 151 -6.08 -25.87 16.70
N GLY B 152 -7.23 -25.57 16.11
CA GLY B 152 -8.40 -26.39 16.33
C GLY B 152 -8.37 -27.52 15.35
N HIS B 153 -7.63 -27.36 14.26
CA HIS B 153 -7.54 -28.44 13.29
C HIS B 153 -6.59 -29.55 13.76
N SER B 154 -7.02 -30.30 14.76
CA SER B 154 -6.19 -31.32 15.35
C SER B 154 -7.02 -32.54 15.78
N GLN B 155 -6.44 -33.73 15.67
CA GLN B 155 -7.12 -34.95 16.13
C GLN B 155 -7.40 -34.89 17.65
N GLY B 156 -6.43 -34.33 18.35
CA GLY B 156 -6.51 -34.15 19.79
C GLY B 156 -7.75 -33.37 20.14
N VAL B 157 -8.00 -32.28 19.43
CA VAL B 157 -9.21 -31.51 19.64
C VAL B 157 -10.44 -32.26 19.12
N ILE B 158 -10.34 -32.79 17.90
CA ILE B 158 -11.41 -33.62 17.32
C ILE B 158 -11.85 -34.75 18.26
N ASP B 159 -10.91 -35.56 18.75
CA ASP B 159 -11.28 -36.67 19.61
C ASP B 159 -11.78 -36.19 20.97
N LYS B 160 -11.46 -34.96 21.35
CA LYS B 160 -12.02 -34.41 22.58
C LYS B 160 -13.48 -33.96 22.38
N VAL B 161 -13.80 -33.49 21.18
CA VAL B 161 -15.16 -33.05 20.88
C VAL B 161 -16.10 -34.24 20.80
N LYS B 162 -15.57 -35.35 20.29
CA LYS B 162 -16.32 -36.60 20.21
C LYS B 162 -16.62 -37.16 21.61
N GLU B 163 -15.66 -37.03 22.52
CA GLU B 163 -15.80 -37.54 23.89
C GLU B 163 -16.91 -36.81 24.65
N VAL B 164 -17.01 -35.51 24.42
CA VAL B 164 -17.97 -34.69 25.09
C VAL B 164 -19.36 -34.91 24.50
N ARG B 165 -19.43 -35.05 23.18
CA ARG B 165 -20.71 -35.31 22.52
C ARG B 165 -21.28 -36.68 22.90
N ALA B 166 -20.41 -37.65 23.16
CA ALA B 166 -20.89 -38.96 23.58
C ALA B 166 -21.48 -38.87 24.98
N LYS B 167 -20.83 -38.13 25.87
CA LYS B 167 -21.31 -38.04 27.25
C LYS B 167 -22.45 -37.03 27.45
N TYR B 168 -22.43 -35.94 26.69
CA TYR B 168 -23.50 -34.94 26.75
C TYR B 168 -24.09 -34.65 25.38
N PRO B 169 -25.06 -35.45 24.95
CA PRO B 169 -25.58 -35.27 23.58
C PRO B 169 -26.31 -33.93 23.36
N SER B 170 -26.80 -33.33 24.42
CA SER B 170 -27.67 -32.16 24.30
C SER B 170 -26.93 -30.84 24.56
N LEU B 171 -25.65 -30.95 24.93
CA LEU B 171 -24.82 -29.79 25.25
C LEU B 171 -24.43 -29.02 24.00
N ASN B 172 -24.52 -27.70 24.04
CA ASN B 172 -23.96 -26.90 22.96
C ASN B 172 -22.45 -26.89 23.05
N ILE B 173 -21.79 -27.20 21.94
CA ILE B 173 -20.33 -27.12 21.87
C ILE B 173 -19.83 -26.12 20.83
N ILE B 174 -19.10 -25.11 21.30
CA ILE B 174 -18.39 -24.19 20.42
C ILE B 174 -16.92 -24.59 20.33
N ALA B 175 -16.52 -25.15 19.19
CA ALA B 175 -15.13 -25.62 19.05
C ALA B 175 -14.29 -24.77 18.08
N GLY B 176 -13.10 -24.36 18.52
CA GLY B 176 -12.20 -23.59 17.66
C GLY B 176 -10.75 -23.66 18.07
N ASN B 177 -9.85 -22.96 17.39
CA ASN B 177 -10.16 -22.04 16.30
C ASN B 177 -9.69 -22.57 14.95
N VAL B 178 -10.39 -22.20 13.89
CA VAL B 178 -9.99 -22.66 12.57
C VAL B 178 -9.97 -21.52 11.55
N ALA B 179 -9.37 -21.80 10.40
CA ALA B 179 -9.27 -20.80 9.33
C ALA B 179 -9.56 -21.40 7.95
N THR B 180 -9.71 -22.73 7.91
CA THR B 180 -9.96 -23.44 6.64
C THR B 180 -11.28 -24.22 6.63
N ALA B 181 -11.78 -24.43 5.43
CA ALA B 181 -12.97 -25.24 5.22
C ALA B 181 -12.79 -26.68 5.71
N GLU B 182 -11.60 -27.24 5.48
CA GLU B 182 -11.36 -28.63 5.85
C GLU B 182 -11.34 -28.80 7.36
N ALA B 183 -10.75 -27.84 8.06
CA ALA B 183 -10.84 -27.81 9.52
C ALA B 183 -12.28 -27.73 9.99
N THR B 184 -13.09 -26.95 9.28
CA THR B 184 -14.49 -26.73 9.65
C THR B 184 -15.31 -28.00 9.58
N LYS B 185 -15.20 -28.69 8.46
CA LYS B 185 -16.00 -29.89 8.27
C LYS B 185 -15.52 -30.94 9.28
N ALA B 186 -14.25 -30.85 9.68
CA ALA B 186 -13.67 -31.73 10.69
C ALA B 186 -14.36 -31.65 12.05
N LEU B 187 -14.63 -30.43 12.51
CA LEU B 187 -15.22 -30.22 13.83
C LEU B 187 -16.71 -30.44 13.80
N ILE B 188 -17.32 -30.15 12.67
CA ILE B 188 -18.73 -30.41 12.49
C ILE B 188 -18.99 -31.91 12.59
N GLU B 189 -18.25 -32.70 11.82
CA GLU B 189 -18.40 -34.15 11.87
C GLU B 189 -17.87 -34.79 13.14
N ALA B 190 -17.27 -34.00 14.03
CA ALA B 190 -16.85 -34.49 15.34
C ALA B 190 -17.93 -34.16 16.40
N GLY B 191 -18.95 -33.42 15.97
CA GLY B 191 -20.12 -33.19 16.79
C GLY B 191 -20.24 -31.81 17.40
N ALA B 192 -19.47 -30.86 16.90
CA ALA B 192 -19.59 -29.48 17.38
C ALA B 192 -20.78 -28.77 16.73
N ASN B 193 -21.51 -28.01 17.53
CA ASN B 193 -22.66 -27.23 17.05
C ASN B 193 -22.25 -25.99 16.28
N VAL B 194 -21.24 -25.31 16.81
CA VAL B 194 -20.77 -24.05 16.27
C VAL B 194 -19.25 -24.08 16.08
N VAL B 195 -18.77 -23.42 15.03
CA VAL B 195 -17.33 -23.27 14.82
C VAL B 195 -16.88 -21.84 15.06
N LYS B 196 -15.87 -21.65 15.89
CA LYS B 196 -15.29 -20.33 16.07
C LYS B 196 -14.12 -20.11 15.11
N VAL B 197 -14.24 -19.12 14.21
CA VAL B 197 -13.18 -18.89 13.20
C VAL B 197 -12.13 -17.86 13.64
N GLY B 198 -10.85 -18.12 13.35
CA GLY B 198 -9.80 -17.09 13.49
C GLY B 198 -8.40 -17.46 13.95
N ILE B 199 -7.43 -17.49 13.03
CA ILE B 199 -6.03 -17.68 13.41
C ILE B 199 -5.20 -16.45 13.09
N GLY B 200 -4.78 -15.72 14.13
CA GLY B 200 -3.97 -14.53 13.93
C GLY B 200 -4.54 -13.11 13.94
N PRO B 201 -5.88 -12.94 13.81
CA PRO B 201 -6.33 -11.57 13.57
C PRO B 201 -6.56 -10.76 14.85
N GLY B 202 -6.47 -11.41 16.01
CA GLY B 202 -6.58 -10.70 17.28
C GLY B 202 -5.70 -9.46 17.43
N SER B 203 -6.25 -8.47 18.11
CA SER B 203 -5.55 -7.20 18.35
C SER B 203 -4.28 -7.37 19.17
N ILE B 204 -4.26 -8.40 20.02
CA ILE B 204 -3.15 -8.66 20.93
C ILE B 204 -2.42 -9.95 20.50
N CYS B 205 -2.63 -10.34 19.26
CA CYS B 205 -2.06 -11.55 18.71
C CYS B 205 -0.76 -11.31 17.94
N THR B 206 0.27 -12.07 18.27
CA THR B 206 1.52 -11.95 17.51
C THR B 206 1.87 -13.24 16.79
N THR B 207 0.88 -14.12 16.67
CA THR B 207 1.02 -15.41 16.00
C THR B 207 1.48 -15.26 14.56
N ARG B 208 1.01 -14.21 13.91
CA ARG B 208 1.42 -13.92 12.53
C ARG B 208 2.90 -13.42 12.47
N VAL B 209 3.46 -13.03 13.60
CA VAL B 209 4.80 -12.43 13.61
C VAL B 209 5.80 -13.46 14.12
N VAL B 210 5.42 -14.18 15.16
CA VAL B 210 6.32 -15.15 15.73
C VAL B 210 6.35 -16.45 14.91
N ALA B 211 5.24 -16.79 14.24
CA ALA B 211 5.14 -18.09 13.61
C ALA B 211 4.81 -17.97 12.12
N GLY B 212 4.56 -16.74 11.66
CA GLY B 212 4.27 -16.50 10.25
C GLY B 212 2.99 -17.16 9.77
N VAL B 213 2.16 -17.56 10.72
CA VAL B 213 0.97 -18.33 10.44
C VAL B 213 -0.29 -17.51 10.63
N GLY B 214 -1.21 -17.61 9.66
CA GLY B 214 -2.51 -17.01 9.82
C GLY B 214 -3.25 -16.81 8.52
N VAL B 215 -4.57 -16.66 8.61
CA VAL B 215 -5.38 -16.31 7.47
C VAL B 215 -6.10 -14.99 7.73
N PRO B 216 -6.09 -14.06 6.74
CA PRO B 216 -6.88 -12.82 6.77
C PRO B 216 -8.33 -13.12 7.10
N GLN B 217 -8.87 -12.50 8.16
CA GLN B 217 -10.07 -12.96 8.81
C GLN B 217 -11.29 -13.11 7.89
N LEU B 218 -11.41 -12.21 6.92
CA LEU B 218 -12.58 -12.16 6.08
C LEU B 218 -12.65 -13.35 5.13
N THR B 219 -11.46 -13.77 4.71
CA THR B 219 -11.34 -14.93 3.89
C THR B 219 -11.59 -16.16 4.76
N ALA B 220 -11.05 -16.16 5.97
CA ALA B 220 -11.21 -17.31 6.84
C ALA B 220 -12.68 -17.55 7.20
N VAL B 221 -13.39 -16.48 7.53
CA VAL B 221 -14.82 -16.57 7.81
C VAL B 221 -15.56 -17.10 6.59
N TYR B 222 -15.32 -16.46 5.45
CA TYR B 222 -16.05 -16.83 4.24
C TYR B 222 -15.78 -18.30 3.90
N ASP B 223 -14.53 -18.71 4.03
CA ASP B 223 -14.13 -20.07 3.70
C ASP B 223 -14.77 -21.09 4.64
N CYS B 224 -14.67 -20.83 5.93
CA CYS B 224 -15.29 -21.67 6.92
C CYS B 224 -16.83 -21.70 6.84
N ALA B 225 -17.45 -20.54 6.61
CA ALA B 225 -18.90 -20.48 6.57
C ALA B 225 -19.41 -21.26 5.39
N THR B 226 -18.74 -21.10 4.26
CA THR B 226 -19.09 -21.83 3.04
C THR B 226 -19.18 -23.35 3.25
N GLU B 227 -18.23 -23.91 3.99
CA GLU B 227 -18.31 -25.33 4.31
C GLU B 227 -19.45 -25.60 5.31
N ALA B 228 -19.64 -24.67 6.25
CA ALA B 228 -20.55 -24.90 7.38
C ALA B 228 -22.03 -24.72 7.01
N ARG B 229 -22.28 -23.99 5.93
CA ARG B 229 -23.64 -23.80 5.46
C ARG B 229 -24.20 -25.16 5.01
N LYS B 230 -23.33 -25.97 4.42
CA LYS B 230 -23.66 -27.33 3.98
C LYS B 230 -24.30 -28.19 5.07
N HIS B 231 -23.85 -27.99 6.31
CA HIS B 231 -24.31 -28.76 7.45
C HIS B 231 -25.27 -27.97 8.30
N GLY B 232 -25.71 -26.83 7.79
CA GLY B 232 -26.53 -25.89 8.54
C GLY B 232 -25.89 -25.46 9.86
N ILE B 233 -24.57 -25.29 9.82
CA ILE B 233 -23.81 -24.95 11.02
C ILE B 233 -23.41 -23.48 11.03
N PRO B 234 -23.68 -22.81 12.16
CA PRO B 234 -23.28 -21.42 12.29
C PRO B 234 -21.80 -21.29 12.63
N VAL B 235 -21.13 -20.26 12.12
CA VAL B 235 -19.75 -19.94 12.54
C VAL B 235 -19.67 -18.61 13.30
N ILE B 236 -18.57 -18.45 14.01
CA ILE B 236 -18.31 -17.25 14.78
C ILE B 236 -17.04 -16.59 14.28
N ALA B 237 -17.15 -15.30 13.96
CA ALA B 237 -15.97 -14.51 13.61
C ALA B 237 -15.35 -13.93 14.89
N ASP B 238 -14.16 -14.42 15.19
CA ASP B 238 -13.47 -14.16 16.43
C ASP B 238 -12.18 -13.34 16.24
N GLY B 239 -12.21 -12.05 16.56
CA GLY B 239 -11.01 -11.21 16.54
C GLY B 239 -10.84 -10.26 15.34
N GLY B 240 -10.09 -9.19 15.56
CA GLY B 240 -9.70 -8.31 14.48
C GLY B 240 -10.67 -7.20 14.23
N ILE B 241 -11.73 -7.20 15.03
CA ILE B 241 -12.76 -6.21 14.91
C ILE B 241 -12.42 -4.99 15.74
N LYS B 242 -12.34 -3.86 15.05
CA LYS B 242 -11.96 -2.57 15.61
C LYS B 242 -13.17 -1.64 15.69
N TYR B 243 -13.78 -1.42 14.54
CA TYR B 243 -14.95 -0.55 14.39
C TYR B 243 -16.20 -1.37 14.45
N SER B 244 -17.35 -0.74 14.29
CA SER B 244 -18.59 -1.49 14.15
C SER B 244 -18.77 -1.98 12.71
N GLY B 245 -18.28 -1.19 11.76
CA GLY B 245 -18.32 -1.57 10.35
C GLY B 245 -17.60 -2.88 10.05
N ASP B 246 -16.60 -3.21 10.84
CA ASP B 246 -15.86 -4.45 10.65
C ASP B 246 -16.75 -5.62 11.04
N MET B 247 -17.71 -5.35 11.94
CA MET B 247 -18.64 -6.37 12.40
C MET B 247 -19.75 -6.63 11.40
N VAL B 248 -20.21 -5.55 10.78
CA VAL B 248 -21.17 -5.72 9.72
C VAL B 248 -20.46 -6.55 8.64
N LYS B 249 -19.22 -6.20 8.32
CA LYS B 249 -18.47 -6.96 7.30
C LYS B 249 -18.37 -8.45 7.63
N ALA B 250 -18.11 -8.76 8.90
CA ALA B 250 -17.97 -10.15 9.32
C ALA B 250 -19.29 -10.94 9.15
N LEU B 251 -20.37 -10.41 9.70
CA LEU B 251 -21.69 -11.03 9.59
C LEU B 251 -22.03 -11.25 8.14
N ALA B 252 -21.75 -10.25 7.33
CA ALA B 252 -22.10 -10.30 5.92
C ALA B 252 -21.23 -11.27 5.12
N ALA B 253 -20.20 -11.83 5.76
CA ALA B 253 -19.27 -12.74 5.09
C ALA B 253 -19.56 -14.20 5.42
N GLY B 254 -20.58 -14.43 6.23
CA GLY B 254 -20.95 -15.79 6.57
C GLY B 254 -21.10 -16.10 8.05
N ALA B 255 -20.53 -15.24 8.91
CA ALA B 255 -20.66 -15.39 10.36
C ALA B 255 -22.10 -15.16 10.90
N HIS B 256 -22.47 -16.00 11.87
CA HIS B 256 -23.70 -15.81 12.60
C HIS B 256 -23.53 -14.77 13.70
N VAL B 257 -22.41 -14.84 14.41
CA VAL B 257 -22.16 -14.01 15.57
C VAL B 257 -20.69 -13.60 15.64
N VAL B 258 -20.41 -12.39 16.08
CA VAL B 258 -19.01 -11.97 16.23
C VAL B 258 -18.57 -12.09 17.69
N MET B 259 -17.26 -12.21 17.87
CA MET B 259 -16.69 -12.25 19.21
C MET B 259 -15.69 -11.13 19.42
N LEU B 260 -15.84 -10.47 20.55
CA LEU B 260 -15.08 -9.27 20.82
C LEU B 260 -14.32 -9.31 22.15
N GLY B 261 -13.05 -8.94 22.09
CA GLY B 261 -12.23 -8.77 23.28
C GLY B 261 -11.80 -7.33 23.51
N SER B 262 -11.07 -6.75 22.56
CA SER B 262 -10.53 -5.41 22.74
C SER B 262 -11.61 -4.33 22.96
N MET B 263 -12.80 -4.52 22.41
CA MET B 263 -13.85 -3.52 22.52
C MET B 263 -14.64 -3.65 23.83
N PHE B 264 -14.61 -4.85 24.40
CA PHE B 264 -15.29 -5.08 25.67
C PHE B 264 -14.35 -4.99 26.89
N ALA B 265 -13.06 -4.79 26.65
CA ALA B 265 -12.09 -4.80 27.74
C ALA B 265 -12.13 -3.54 28.61
N GLY B 266 -12.36 -2.38 28.00
CA GLY B 266 -12.31 -1.11 28.71
C GLY B 266 -13.59 -0.80 29.49
N VAL B 267 -14.64 -1.49 29.09
CA VAL B 267 -15.95 -1.43 29.71
C VAL B 267 -15.91 -1.70 31.22
N ALA B 268 -16.74 -0.97 31.97
CA ALA B 268 -16.71 -0.98 33.44
C ALA B 268 -16.99 -2.35 34.06
N GLU B 269 -17.81 -3.15 33.37
CA GLU B 269 -18.23 -4.46 33.85
C GLU B 269 -17.19 -5.56 33.55
N SER B 270 -16.09 -5.17 32.92
CA SER B 270 -15.00 -6.08 32.65
C SER B 270 -14.14 -6.26 33.90
N PRO B 271 -13.55 -7.46 34.05
CA PRO B 271 -12.61 -7.76 35.14
C PRO B 271 -11.42 -6.81 35.11
N GLY B 272 -10.96 -6.40 36.28
CA GLY B 272 -9.77 -5.57 36.34
C GLY B 272 -10.04 -4.19 36.87
N GLU B 273 -9.16 -3.75 37.76
CA GLU B 273 -9.17 -2.39 38.27
C GLU B 273 -8.95 -1.39 37.14
N THR B 274 -9.54 -0.21 37.25
CA THR B 274 -9.25 0.88 36.33
C THR B 274 -8.01 1.61 36.83
N GLU B 275 -7.09 1.92 35.93
CA GLU B 275 -5.83 2.55 36.31
C GLU B 275 -5.68 3.93 35.67
N ILE B 276 -5.02 4.86 36.36
CA ILE B 276 -4.93 6.24 35.90
C ILE B 276 -3.57 6.53 35.28
N TYR B 277 -3.56 7.08 34.07
CA TYR B 277 -2.30 7.52 33.47
C TYR B 277 -2.57 8.76 32.62
N GLN B 278 -1.71 9.78 32.78
CA GLN B 278 -1.94 11.10 32.21
C GLN B 278 -3.31 11.64 32.59
N GLY B 279 -3.73 11.37 33.83
CA GLY B 279 -5.02 11.83 34.30
C GLY B 279 -6.20 11.01 33.78
N ARG B 280 -5.94 10.27 32.70
CA ARG B 280 -6.91 9.40 32.01
C ARG B 280 -7.01 8.05 32.71
N GLN B 281 -8.17 7.42 32.65
CA GLN B 281 -8.32 6.08 33.20
C GLN B 281 -8.24 4.99 32.10
N PHE B 282 -7.55 3.91 32.46
CA PHE B 282 -7.19 2.84 31.56
C PHE B 282 -7.48 1.48 32.19
N LYS B 283 -7.69 0.49 31.35
CA LYS B 283 -7.83 -0.87 31.83
C LYS B 283 -6.89 -1.77 31.03
N VAL B 284 -6.43 -2.85 31.67
CA VAL B 284 -5.46 -3.75 31.06
C VAL B 284 -6.12 -4.77 30.15
N TYR B 285 -5.71 -4.80 28.89
CA TYR B 285 -6.16 -5.85 27.97
C TYR B 285 -4.99 -6.72 27.52
N ARG B 286 -5.02 -8.00 27.89
CA ARG B 286 -3.93 -8.89 27.50
C ARG B 286 -4.39 -10.19 26.84
N GLY B 287 -3.52 -10.70 25.97
CA GLY B 287 -3.71 -11.96 25.30
C GLY B 287 -3.66 -13.06 26.33
N MET B 288 -4.35 -14.15 26.00
CA MET B 288 -4.36 -15.31 26.85
C MET B 288 -3.05 -16.07 26.73
N GLY B 289 -2.25 -15.65 25.77
CA GLY B 289 -1.00 -16.31 25.44
C GLY B 289 0.15 -15.40 25.79
N SER B 290 -0.20 -14.33 26.49
CA SER B 290 0.76 -13.35 26.94
C SER B 290 1.43 -13.89 28.19
N VAL B 291 2.57 -13.31 28.54
CA VAL B 291 3.35 -13.76 29.69
C VAL B 291 2.57 -13.69 31.01
N GLY B 292 1.86 -12.58 31.25
CA GLY B 292 1.10 -12.42 32.49
C GLY B 292 -0.03 -13.42 32.65
N ALA B 293 -0.71 -13.71 31.55
CA ALA B 293 -1.84 -14.63 31.54
C ALA B 293 -1.44 -16.09 31.80
N MET B 294 -0.27 -16.48 31.28
CA MET B 294 0.28 -17.82 31.48
C MET B 294 0.82 -18.05 32.90
N GLU B 295 1.19 -16.98 33.59
CA GLU B 295 1.70 -17.08 34.95
C GLU B 295 0.59 -17.12 36.00
N LYS B 296 -0.67 -17.04 35.56
CA LYS B 296 -1.80 -17.16 36.49
C LYS B 296 -2.20 -18.63 36.68
N LYS B 309 11.45 -20.82 29.65
CA LYS B 309 11.75 -20.62 28.24
C LYS B 309 10.45 -20.70 27.45
N LEU B 310 9.72 -19.59 27.46
CA LEU B 310 8.37 -19.54 26.91
C LEU B 310 8.33 -18.69 25.65
N VAL B 311 7.69 -19.20 24.60
CA VAL B 311 7.47 -18.38 23.42
C VAL B 311 6.04 -17.90 23.39
N PRO B 312 5.85 -16.61 23.92
CA PRO B 312 4.44 -16.16 23.89
C PRO B 312 3.93 -15.75 22.53
N GLU B 313 2.63 -15.85 22.36
CA GLU B 313 1.97 -15.41 21.14
C GLU B 313 0.86 -14.41 21.46
N GLY B 314 0.89 -13.83 22.65
CA GLY B 314 0.04 -12.71 23.00
C GLY B 314 0.79 -11.60 23.70
N ILE B 315 0.26 -10.38 23.63
CA ILE B 315 0.88 -9.22 24.30
C ILE B 315 -0.04 -8.57 25.35
N GLU B 316 0.56 -7.89 26.33
CA GLU B 316 -0.18 -7.11 27.31
C GLU B 316 -0.27 -5.65 26.86
N GLY B 317 -1.41 -5.03 27.07
CA GLY B 317 -1.58 -3.64 26.69
C GLY B 317 -2.55 -2.97 27.63
N ARG B 318 -2.94 -1.76 27.27
CA ARG B 318 -3.93 -0.99 28.02
C ARG B 318 -4.94 -0.37 27.02
N VAL B 319 -6.21 -0.41 27.39
CA VAL B 319 -7.28 0.21 26.60
C VAL B 319 -8.01 1.21 27.46
N PRO B 320 -8.48 2.29 26.84
CA PRO B 320 -9.13 3.33 27.66
C PRO B 320 -10.44 2.86 28.25
N TYR B 321 -10.73 3.31 29.46
CA TYR B 321 -11.99 3.05 30.13
C TYR B 321 -13.10 3.58 29.25
N LYS B 322 -14.06 2.71 28.94
CA LYS B 322 -15.17 3.07 28.05
C LYS B 322 -16.42 3.45 28.83
N GLY B 323 -16.56 2.89 30.02
CA GLY B 323 -17.72 3.10 30.84
C GLY B 323 -18.62 1.90 30.90
N PRO B 324 -19.94 2.13 30.97
CA PRO B 324 -20.92 1.04 30.99
C PRO B 324 -20.87 0.23 29.69
N LEU B 325 -21.17 -1.06 29.82
CA LEU B 325 -21.26 -1.92 28.67
C LEU B 325 -22.35 -1.46 27.71
N ALA B 326 -23.48 -1.03 28.27
CA ALA B 326 -24.64 -0.68 27.46
C ALA B 326 -24.36 0.42 26.43
N ASP B 327 -23.48 1.34 26.74
CA ASP B 327 -23.20 2.43 25.80
C ASP B 327 -22.37 1.96 24.60
N THR B 328 -21.51 0.98 24.84
CA THR B 328 -20.67 0.39 23.80
C THR B 328 -21.47 -0.49 22.83
N VAL B 329 -22.40 -1.25 23.41
CA VAL B 329 -23.24 -2.14 22.64
C VAL B 329 -24.20 -1.38 21.75
N HIS B 330 -24.75 -0.28 22.27
CA HIS B 330 -25.67 0.56 21.50
C HIS B 330 -25.01 1.03 20.22
N GLN B 331 -23.75 1.48 20.30
CA GLN B 331 -23.04 1.95 19.10
C GLN B 331 -22.77 0.80 18.10
N LEU B 332 -22.35 -0.37 18.60
CA LEU B 332 -22.17 -1.55 17.74
C LEU B 332 -23.46 -1.97 17.01
N VAL B 333 -24.52 -2.20 17.77
CA VAL B 333 -25.78 -2.63 17.21
C VAL B 333 -26.32 -1.53 16.31
N GLY B 334 -26.13 -0.28 16.72
CA GLY B 334 -26.53 0.86 15.93
C GLY B 334 -25.88 0.88 14.56
N GLY B 335 -24.60 0.54 14.52
CA GLY B 335 -23.89 0.44 13.25
C GLY B 335 -24.28 -0.78 12.42
N LEU B 336 -24.71 -1.85 13.10
CA LEU B 336 -25.22 -3.03 12.40
C LEU B 336 -26.54 -2.75 11.67
N ARG B 337 -27.48 -2.15 12.40
CA ARG B 337 -28.78 -1.78 11.84
C ARG B 337 -28.65 -0.89 10.63
N ALA B 338 -27.81 0.15 10.72
CA ALA B 338 -27.54 1.01 9.58
C ALA B 338 -27.01 0.17 8.44
N GLY B 339 -25.97 -0.63 8.72
CA GLY B 339 -25.37 -1.47 7.71
C GLY B 339 -26.34 -2.47 7.08
N MET B 340 -27.25 -3.01 7.87
CA MET B 340 -28.28 -3.89 7.34
C MET B 340 -29.30 -3.09 6.53
N GLY B 341 -29.58 -1.86 6.97
CA GLY B 341 -30.43 -0.96 6.22
C GLY B 341 -29.92 -0.56 4.82
N TYR B 342 -28.61 -0.46 4.68
CA TYR B 342 -28.00 -0.16 3.39
C TYR B 342 -28.09 -1.37 2.48
N CYS B 343 -28.05 -2.53 3.10
CA CYS B 343 -28.02 -3.78 2.35
C CYS B 343 -29.41 -4.32 2.05
N GLY B 344 -30.42 -3.84 2.78
CA GLY B 344 -31.79 -4.28 2.60
C GLY B 344 -32.01 -5.58 3.32
N ALA B 345 -31.30 -5.78 4.41
CA ALA B 345 -31.48 -7.01 5.16
C ALA B 345 -32.43 -6.74 6.31
N GLN B 346 -33.59 -7.40 6.27
CA GLN B 346 -34.55 -7.29 7.36
C GLN B 346 -34.11 -8.20 8.47
N ASP B 347 -33.20 -9.12 8.14
CA ASP B 347 -32.66 -10.04 9.12
C ASP B 347 -31.22 -10.43 8.79
N LEU B 348 -30.52 -10.93 9.79
CA LEU B 348 -29.13 -11.35 9.63
C LEU B 348 -28.92 -12.49 8.65
N GLU B 349 -29.93 -13.33 8.47
CA GLU B 349 -29.81 -14.42 7.50
C GLU B 349 -29.81 -13.91 6.06
N PHE B 350 -30.59 -12.86 5.81
CA PHE B 350 -30.59 -12.20 4.50
C PHE B 350 -29.22 -11.57 4.21
N LEU B 351 -28.58 -11.02 5.25
CA LEU B 351 -27.30 -10.38 5.07
C LEU B 351 -26.27 -11.42 4.70
N ARG B 352 -26.27 -12.52 5.45
CA ARG B 352 -25.36 -13.63 5.21
C ARG B 352 -25.42 -14.13 3.78
N GLU B 353 -26.62 -14.20 3.21
CA GLU B 353 -26.78 -14.88 1.94
C GLU B 353 -26.75 -13.97 0.73
N ASN B 354 -27.06 -12.70 0.90
CA ASN B 354 -27.22 -11.84 -0.26
C ASN B 354 -26.27 -10.66 -0.34
N ALA B 355 -25.64 -10.31 0.77
CA ALA B 355 -24.76 -9.13 0.79
C ALA B 355 -23.61 -9.26 -0.21
N GLN B 356 -23.15 -8.13 -0.73
CA GLN B 356 -22.07 -8.09 -1.72
C GLN B 356 -20.93 -7.15 -1.34
N PHE B 357 -19.69 -7.61 -1.41
CA PHE B 357 -18.55 -6.75 -1.10
C PHE B 357 -17.94 -6.16 -2.37
N ILE B 358 -17.20 -5.07 -2.23
CA ILE B 358 -16.34 -4.59 -3.31
C ILE B 358 -14.95 -4.40 -2.72
N ARG B 359 -13.94 -4.84 -3.49
CA ARG B 359 -12.53 -4.80 -3.11
C ARG B 359 -11.91 -3.45 -3.46
N MET B 360 -11.09 -2.94 -2.58
CA MET B 360 -10.34 -1.73 -2.92
C MET B 360 -8.83 -1.91 -2.75
N SER B 361 -8.08 -0.88 -3.12
CA SER B 361 -6.65 -0.87 -2.91
C SER B 361 -6.32 -0.22 -1.56
N GLY B 362 -5.04 -0.09 -1.26
CA GLY B 362 -4.62 0.55 -0.03
C GLY B 362 -4.97 2.02 -0.04
N ALA B 363 -4.97 2.60 -1.23
CA ALA B 363 -5.29 4.01 -1.40
C ALA B 363 -6.75 4.23 -1.07
N GLY B 364 -7.56 3.23 -1.39
CA GLY B 364 -9.00 3.29 -1.15
C GLY B 364 -9.41 3.39 0.30
N LEU B 365 -8.51 3.01 1.20
CA LEU B 365 -8.81 2.98 2.64
C LEU B 365 -8.68 4.38 3.27
N LEU B 366 -7.98 5.27 2.59
CA LEU B 366 -7.76 6.63 3.10
C LEU B 366 -8.74 7.60 2.46
N HIS B 372 -6.56 19.12 5.33
CA HIS B 372 -7.93 19.04 4.81
C HIS B 372 -8.96 19.37 5.95
N VAL B 373 -9.81 18.45 6.42
CA VAL B 373 -10.64 18.77 7.62
C VAL B 373 -10.09 18.22 8.96
N GLN B 374 -9.74 19.09 9.92
CA GLN B 374 -9.27 18.64 11.25
C GLN B 374 -10.45 18.29 12.18
N ILE B 375 -10.47 17.05 12.67
CA ILE B 375 -11.58 16.54 13.48
C ILE B 375 -11.56 17.02 14.92
N THR B 376 -12.65 17.67 15.32
CA THR B 376 -12.79 18.22 16.64
C THR B 376 -13.32 17.20 17.63
N LYS B 377 -12.50 16.83 18.62
CA LYS B 377 -12.90 15.88 19.64
C LYS B 377 -12.95 16.57 21.00
N GLU B 378 -14.01 16.31 21.76
CA GLU B 378 -14.24 16.99 23.03
C GLU B 378 -13.23 16.54 24.07
N ALA B 379 -12.91 17.46 24.99
CA ALA B 379 -11.97 17.21 26.09
C ALA B 379 -12.34 15.94 26.87
N PRO B 380 -11.34 15.32 27.54
CA PRO B 380 -11.59 14.06 28.27
C PRO B 380 -12.26 14.26 29.64
N ASN B 381 -12.81 13.18 30.17
CA ASN B 381 -13.31 13.14 31.55
C ASN B 381 -12.24 12.48 32.41
N TYR B 382 -11.65 13.25 33.32
CA TYR B 382 -10.68 12.69 34.27
C TYR B 382 -11.42 11.86 35.33
N SER B 383 -12.68 12.21 35.59
CA SER B 383 -13.54 11.42 36.46
C SER B 383 -15.02 11.73 36.23
N SER C 22 -19.64 4.89 -30.60
CA SER C 22 -19.61 3.54 -30.07
C SER C 22 -19.17 3.57 -28.61
N ASN C 23 -19.15 2.38 -28.00
CA ASN C 23 -18.82 2.22 -26.59
C ASN C 23 -17.37 1.85 -26.32
N ALA C 24 -16.53 1.88 -27.35
CA ALA C 24 -15.16 1.39 -27.21
C ALA C 24 -14.32 2.29 -26.31
N MET C 25 -14.27 3.59 -26.61
CA MET C 25 -13.56 4.53 -25.75
C MET C 25 -14.05 4.47 -24.31
N TRP C 26 -15.35 4.26 -24.14
CA TRP C 26 -15.94 4.28 -22.81
C TRP C 26 -15.48 3.09 -21.98
N GLU C 27 -15.23 1.96 -22.61
CA GLU C 27 -14.87 0.80 -21.82
C GLU C 27 -13.36 0.65 -21.65
N SER C 28 -12.61 1.45 -22.39
CA SER C 28 -11.16 1.44 -22.28
C SER C 28 -10.63 2.33 -21.17
N LYS C 29 -11.54 2.96 -20.42
CA LYS C 29 -11.12 4.02 -19.50
C LYS C 29 -10.16 3.56 -18.41
N PHE C 30 -10.45 2.43 -17.79
CA PHE C 30 -9.63 1.99 -16.65
C PHE C 30 -8.82 0.74 -16.94
N VAL C 31 -8.38 0.61 -18.18
CA VAL C 31 -7.82 -0.66 -18.60
C VAL C 31 -6.29 -0.66 -18.44
N LYS C 32 -5.68 0.46 -18.83
CA LYS C 32 -4.23 0.63 -18.77
C LYS C 32 -3.62 0.58 -17.36
N GLU C 33 -2.48 -0.10 -17.21
CA GLU C 33 -1.73 -0.10 -15.95
C GLU C 33 -0.35 0.53 -16.14
N GLY C 34 0.17 1.10 -15.05
CA GLY C 34 1.37 1.91 -15.11
C GLY C 34 2.29 1.58 -13.97
N LEU C 35 3.58 1.61 -14.26
CA LEU C 35 4.63 1.24 -13.31
C LEU C 35 5.60 2.40 -13.12
N THR C 36 6.02 2.61 -11.88
CA THR C 36 7.03 3.62 -11.61
C THR C 36 8.25 2.94 -11.04
N PHE C 37 9.33 3.70 -10.86
CA PHE C 37 10.60 3.17 -10.41
C PHE C 37 10.54 2.28 -9.17
N ASP C 38 9.68 2.66 -8.23
CA ASP C 38 9.61 1.95 -6.96
C ASP C 38 8.83 0.62 -7.07
N ASP C 39 8.14 0.45 -8.18
CA ASP C 39 7.33 -0.74 -8.45
C ASP C 39 8.17 -1.96 -8.84
N VAL C 40 9.38 -1.73 -9.32
CA VAL C 40 10.19 -2.80 -9.92
C VAL C 40 11.64 -2.83 -9.46
N LEU C 41 12.29 -3.96 -9.66
CA LEU C 41 13.74 -4.07 -9.51
C LEU C 41 14.31 -4.80 -10.72
N LEU C 42 15.61 -4.64 -10.93
CA LEU C 42 16.34 -5.34 -12.01
C LEU C 42 16.85 -6.72 -11.60
N VAL C 43 16.56 -7.68 -12.46
CA VAL C 43 16.87 -9.08 -12.21
C VAL C 43 18.28 -9.35 -12.67
N PRO C 44 19.14 -9.77 -11.73
CA PRO C 44 20.54 -10.07 -12.08
C PRO C 44 20.67 -11.25 -13.03
N ALA C 45 21.27 -11.01 -14.19
CA ALA C 45 21.58 -12.07 -15.14
C ALA C 45 23.04 -12.50 -15.06
N LYS C 46 23.45 -13.35 -16.00
CA LYS C 46 24.81 -13.88 -16.04
C LYS C 46 25.77 -12.79 -16.47
N SER C 47 26.92 -12.72 -15.81
CA SER C 47 27.83 -11.63 -16.06
C SER C 47 29.30 -12.00 -16.21
N ASP C 48 29.82 -11.47 -17.31
CA ASP C 48 31.18 -11.60 -17.75
C ASP C 48 31.93 -10.33 -17.33
N VAL C 49 31.16 -9.24 -17.21
CA VAL C 49 31.70 -7.90 -17.10
C VAL C 49 31.84 -7.35 -15.68
N LEU C 50 33.06 -6.89 -15.41
CA LEU C 50 33.38 -6.14 -14.20
C LEU C 50 32.93 -4.70 -14.39
N PRO C 51 32.27 -4.15 -13.37
CA PRO C 51 31.76 -2.77 -13.34
C PRO C 51 32.72 -1.74 -13.94
N ARG C 52 34.00 -1.83 -13.61
CA ARG C 52 34.97 -0.85 -14.09
C ARG C 52 35.19 -0.95 -15.60
N GLU C 53 34.91 -2.10 -16.19
CA GLU C 53 35.18 -2.31 -17.62
C GLU C 53 34.00 -1.99 -18.56
N VAL C 54 32.83 -1.68 -18.00
CA VAL C 54 31.64 -1.39 -18.81
C VAL C 54 31.75 -0.05 -19.52
N SER C 55 31.12 0.07 -20.68
CA SER C 55 31.07 1.32 -21.42
C SER C 55 29.76 2.06 -21.18
N VAL C 56 29.85 3.26 -20.61
CA VAL C 56 28.63 4.01 -20.33
C VAL C 56 28.46 5.10 -21.39
N LYS C 57 29.27 5.02 -22.45
CA LYS C 57 29.14 5.95 -23.56
C LYS C 57 27.81 5.74 -24.24
N THR C 58 27.37 6.78 -24.95
CA THR C 58 26.05 6.75 -25.55
C THR C 58 26.07 7.71 -26.74
N VAL C 59 25.25 7.46 -27.75
CA VAL C 59 25.21 8.30 -28.93
C VAL C 59 23.78 8.70 -29.24
N LEU C 60 23.45 9.96 -29.05
CA LEU C 60 22.18 10.53 -29.49
C LEU C 60 22.04 10.70 -30.99
N SER C 61 23.09 11.25 -31.60
CA SER C 61 23.13 11.75 -32.97
C SER C 61 24.54 11.66 -33.53
N GLU C 62 24.70 11.64 -34.86
CA GLU C 62 26.05 11.67 -35.42
C GLU C 62 26.76 12.90 -34.87
N SER C 63 26.06 14.02 -34.83
CA SER C 63 26.57 15.26 -34.27
C SER C 63 26.84 15.19 -32.78
N LEU C 64 25.99 14.47 -32.07
CA LEU C 64 26.01 14.47 -30.61
C LEU C 64 26.39 13.13 -30.01
N GLN C 65 27.38 13.12 -29.14
CA GLN C 65 27.74 11.94 -28.38
C GLN C 65 28.25 12.27 -26.99
N LEU C 66 27.77 11.50 -26.01
CA LEU C 66 28.09 11.72 -24.62
C LEU C 66 28.90 10.58 -24.03
N ASN C 67 29.87 10.92 -23.19
CA ASN C 67 30.64 9.92 -22.47
C ASN C 67 29.88 9.31 -21.30
N ILE C 68 28.97 10.09 -20.74
CA ILE C 68 28.08 9.58 -19.70
C ILE C 68 26.65 9.91 -20.09
N PRO C 69 25.67 9.12 -19.60
CA PRO C 69 24.29 9.41 -19.99
C PRO C 69 23.59 10.34 -18.99
N LEU C 70 24.10 11.55 -18.85
CA LEU C 70 23.49 12.51 -17.95
C LEU C 70 23.35 13.87 -18.60
N ILE C 71 22.12 14.36 -18.65
CA ILE C 71 21.87 15.67 -19.18
C ILE C 71 21.28 16.54 -18.08
N SER C 72 21.88 17.71 -17.91
CA SER C 72 21.44 18.72 -16.98
C SER C 72 20.18 19.45 -17.48
N ALA C 73 19.10 19.42 -16.67
CA ALA C 73 17.83 20.06 -17.01
C ALA C 73 17.93 21.57 -17.34
N GLY C 74 17.18 22.01 -18.36
CA GLY C 74 17.09 23.44 -18.69
C GLY C 74 16.19 24.31 -17.79
N MET C 75 16.60 24.46 -16.53
CA MET C 75 15.87 25.27 -15.55
C MET C 75 16.75 26.37 -14.96
N ASP C 76 16.13 27.50 -14.58
CA ASP C 76 16.85 28.62 -13.95
C ASP C 76 17.47 28.29 -12.59
N THR C 77 17.30 27.06 -12.14
CA THR C 77 17.74 26.66 -10.83
C THR C 77 18.84 25.62 -10.97
N VAL C 78 18.95 25.10 -12.18
CA VAL C 78 19.82 23.98 -12.38
C VAL C 78 20.99 24.36 -13.28
N THR C 79 20.73 24.92 -14.45
CA THR C 79 21.80 25.03 -15.42
C THR C 79 21.97 26.42 -16.07
N GLU C 80 23.20 26.89 -16.02
CA GLU C 80 23.62 28.08 -16.75
C GLU C 80 25.05 27.76 -17.22
N ALA C 81 25.82 28.75 -17.67
CA ALA C 81 27.07 28.43 -18.38
C ALA C 81 28.07 27.69 -17.49
N ASP C 82 28.02 27.95 -16.19
CA ASP C 82 28.95 27.31 -15.26
C ASP C 82 28.62 25.85 -15.12
N MET C 83 27.33 25.56 -15.02
CA MET C 83 26.81 24.20 -14.95
C MET C 83 26.99 23.43 -16.24
N ALA C 84 26.78 24.10 -17.35
CA ALA C 84 26.94 23.44 -18.64
C ALA C 84 28.40 23.00 -18.84
N ILE C 85 29.34 23.87 -18.49
CA ILE C 85 30.77 23.59 -18.59
C ILE C 85 31.15 22.38 -17.73
N ALA C 86 30.75 22.39 -16.46
CA ALA C 86 31.04 21.28 -15.56
C ALA C 86 30.39 19.96 -16.01
N MET C 87 29.16 20.04 -16.54
CA MET C 87 28.50 18.88 -17.14
C MET C 87 29.35 18.29 -18.26
N ALA C 88 29.65 19.12 -19.25
CA ALA C 88 30.44 18.69 -20.40
C ALA C 88 31.73 18.04 -19.95
N ARG C 89 32.38 18.64 -18.96
CA ARG C 89 33.71 18.17 -18.55
C ARG C 89 33.65 16.91 -17.73
N GLN C 90 32.45 16.50 -17.36
CA GLN C 90 32.26 15.21 -16.71
C GLN C 90 31.89 14.13 -17.72
N GLY C 91 31.54 14.54 -18.93
CA GLY C 91 31.19 13.61 -19.99
C GLY C 91 29.75 13.74 -20.47
N GLY C 92 29.03 14.73 -19.97
CA GLY C 92 27.62 14.89 -20.28
C GLY C 92 27.25 16.15 -21.04
N LEU C 93 26.06 16.66 -20.74
CA LEU C 93 25.52 17.80 -21.47
C LEU C 93 24.72 18.72 -20.53
N GLY C 94 24.81 20.03 -20.79
CA GLY C 94 24.03 20.98 -20.02
C GLY C 94 23.08 21.65 -20.99
N ILE C 95 21.87 21.93 -20.53
CA ILE C 95 20.92 22.60 -21.40
C ILE C 95 20.58 24.00 -20.85
N ILE C 96 21.25 25.04 -21.31
CA ILE C 96 20.97 26.42 -20.85
C ILE C 96 19.46 26.80 -20.87
N HIS C 97 18.95 27.29 -19.75
CA HIS C 97 17.51 27.60 -19.65
C HIS C 97 17.13 28.84 -20.46
N LYS C 98 15.84 29.03 -20.67
CA LYS C 98 15.34 30.10 -21.52
C LYS C 98 14.84 31.33 -20.77
N ASN C 99 14.91 31.32 -19.45
CA ASN C 99 14.43 32.46 -18.71
C ASN C 99 15.53 33.50 -18.71
N MET C 100 15.88 33.92 -19.92
CA MET C 100 16.82 35.00 -20.12
C MET C 100 16.56 35.60 -21.48
N SER C 101 17.09 36.77 -21.71
CA SER C 101 17.17 37.39 -23.03
C SER C 101 17.79 36.46 -24.08
N ILE C 102 17.40 36.63 -25.33
CA ILE C 102 17.98 35.86 -26.43
C ILE C 102 19.52 35.96 -26.47
N GLU C 103 20.07 37.17 -26.51
CA GLU C 103 21.53 37.29 -26.65
C GLU C 103 22.31 37.07 -25.34
N GLN C 104 21.61 37.11 -24.20
CA GLN C 104 22.12 36.62 -22.94
C GLN C 104 22.32 35.11 -22.94
N GLN C 105 21.38 34.40 -23.55
CA GLN C 105 21.43 32.95 -23.70
C GLN C 105 22.50 32.60 -24.72
N ALA C 106 22.60 33.38 -25.79
CA ALA C 106 23.57 33.13 -26.85
C ALA C 106 25.01 33.44 -26.37
N GLU C 107 25.09 34.27 -25.36
CA GLU C 107 26.37 34.60 -24.77
C GLU C 107 26.81 33.50 -23.82
N GLN C 108 25.84 32.92 -23.10
CA GLN C 108 26.08 31.73 -22.29
C GLN C 108 26.51 30.53 -23.14
N VAL C 109 25.82 30.32 -24.27
CA VAL C 109 26.19 29.23 -25.15
C VAL C 109 27.63 29.40 -25.67
N ASP C 110 28.06 30.63 -25.93
CA ASP C 110 29.35 30.87 -26.55
C ASP C 110 30.44 30.76 -25.48
N LYS C 111 30.15 31.23 -24.27
CA LYS C 111 31.11 31.11 -23.20
C LYS C 111 31.50 29.63 -22.98
N VAL C 112 30.52 28.72 -23.02
CA VAL C 112 30.78 27.27 -22.93
C VAL C 112 31.51 26.70 -24.16
N LYS C 113 31.13 27.19 -25.33
CA LYS C 113 31.78 26.79 -26.58
C LYS C 113 33.28 27.11 -26.60
N ARG C 114 33.64 28.33 -26.18
CA ARG C 114 35.03 28.78 -26.10
C ARG C 114 35.81 28.23 -24.90
N SER C 115 35.17 27.38 -24.10
CA SER C 115 35.80 26.89 -22.88
C SER C 115 36.38 25.51 -23.08
N GLY C 116 36.63 25.19 -24.35
CA GLY C 116 37.36 23.99 -24.71
C GLY C 116 36.64 23.15 -25.74
N GLY C 117 35.96 23.81 -26.67
CA GLY C 117 35.07 23.15 -27.61
C GLY C 117 34.20 22.07 -26.98
N LEU C 118 33.29 22.46 -26.08
CA LEU C 118 32.47 21.49 -25.38
C LEU C 118 31.06 21.44 -25.96
N LEU C 119 30.22 20.57 -25.40
CA LEU C 119 28.85 20.41 -25.87
C LEU C 119 27.87 21.26 -25.06
N VAL C 120 27.03 22.02 -25.77
CA VAL C 120 25.96 22.78 -25.12
C VAL C 120 24.62 22.66 -25.84
N GLY C 121 23.55 22.75 -25.06
CA GLY C 121 22.21 22.83 -25.60
C GLY C 121 21.50 23.99 -24.97
N ALA C 122 20.47 24.48 -25.63
CA ALA C 122 19.72 25.59 -25.07
C ALA C 122 18.23 25.30 -25.17
N ALA C 123 17.50 25.57 -24.09
CA ALA C 123 16.07 25.36 -24.09
C ALA C 123 15.37 26.46 -24.89
N VAL C 124 14.32 26.09 -25.60
CA VAL C 124 13.55 27.06 -26.38
C VAL C 124 12.04 26.78 -26.31
N GLY C 125 11.27 27.83 -26.06
CA GLY C 125 9.83 27.71 -25.95
C GLY C 125 9.09 27.79 -27.29
N VAL C 126 7.85 27.34 -27.30
CA VAL C 126 6.99 27.38 -28.49
C VAL C 126 6.25 28.70 -28.59
N THR C 127 6.94 29.71 -29.10
CA THR C 127 6.39 31.05 -29.22
C THR C 127 6.78 31.62 -30.57
N ALA C 128 6.55 32.91 -30.77
CA ALA C 128 6.87 33.55 -32.03
C ALA C 128 8.37 33.87 -32.12
N ASP C 129 9.00 34.15 -30.99
CA ASP C 129 10.41 34.51 -31.03
C ASP C 129 11.29 33.26 -31.12
N ALA C 130 10.65 32.09 -31.11
CA ALA C 130 11.37 30.82 -31.10
C ALA C 130 12.38 30.76 -32.22
N MET C 131 11.92 30.95 -33.45
CA MET C 131 12.80 30.92 -34.61
C MET C 131 13.86 32.04 -34.56
N THR C 132 13.49 33.19 -33.98
CA THR C 132 14.43 34.31 -33.79
C THR C 132 15.57 33.97 -32.81
N ARG C 133 15.24 33.15 -31.80
CA ARG C 133 16.21 32.76 -30.78
C ARG C 133 17.08 31.62 -31.26
N ILE C 134 16.51 30.74 -32.08
CA ILE C 134 17.24 29.62 -32.66
C ILE C 134 18.28 30.14 -33.66
N ASP C 135 17.98 31.26 -34.31
CA ASP C 135 18.93 31.87 -35.22
C ASP C 135 20.19 32.29 -34.45
N ALA C 136 20.00 32.93 -33.30
CA ALA C 136 21.12 33.38 -32.48
C ALA C 136 21.92 32.22 -31.88
N LEU C 137 21.23 31.18 -31.45
CA LEU C 137 21.89 30.00 -30.88
C LEU C 137 22.67 29.21 -31.94
N VAL C 138 22.12 29.08 -33.15
CA VAL C 138 22.86 28.47 -34.22
C VAL C 138 24.09 29.33 -34.55
N LYS C 139 23.93 30.65 -34.46
CA LYS C 139 25.05 31.59 -34.69
C LYS C 139 26.20 31.41 -33.68
N ALA C 140 25.89 30.91 -32.48
CA ALA C 140 26.92 30.60 -31.51
C ALA C 140 27.25 29.10 -31.51
N SER C 141 26.94 28.43 -32.64
CA SER C 141 27.17 26.98 -32.84
C SER C 141 26.72 26.08 -31.70
N VAL C 142 25.48 26.21 -31.29
CA VAL C 142 24.90 25.27 -30.33
C VAL C 142 24.71 23.90 -30.99
N ASP C 143 24.78 22.86 -30.17
CA ASP C 143 24.76 21.46 -30.62
C ASP C 143 23.35 20.92 -30.79
N ALA C 144 22.52 21.18 -29.79
CA ALA C 144 21.14 20.75 -29.82
C ALA C 144 20.28 21.77 -29.15
N ILE C 145 19.03 21.87 -29.60
CA ILE C 145 18.05 22.70 -28.91
C ILE C 145 16.99 21.81 -28.28
N VAL C 146 16.45 22.28 -27.18
CA VAL C 146 15.42 21.54 -26.48
C VAL C 146 14.13 22.33 -26.48
N LEU C 147 13.25 21.96 -27.41
CA LEU C 147 11.88 22.45 -27.44
C LEU C 147 11.04 21.81 -26.32
N ASP C 148 10.87 22.52 -25.21
CA ASP C 148 10.19 21.98 -24.02
C ASP C 148 8.80 22.57 -23.83
N THR C 149 7.84 21.68 -23.58
CA THR C 149 6.46 22.03 -23.33
C THR C 149 5.88 21.00 -22.37
N ALA C 150 4.92 21.44 -21.55
CA ALA C 150 4.17 20.54 -20.68
C ALA C 150 3.43 19.48 -21.47
N HIS C 151 3.11 19.80 -22.71
CA HIS C 151 2.37 18.90 -23.55
C HIS C 151 2.91 18.90 -24.97
N GLY C 152 3.85 17.98 -25.23
CA GLY C 152 4.51 17.87 -26.52
C GLY C 152 3.62 17.31 -27.62
N HIS C 153 2.54 16.65 -27.23
CA HIS C 153 1.61 16.10 -28.22
C HIS C 153 0.60 17.11 -28.70
N SER C 154 1.07 18.26 -29.18
CA SER C 154 0.20 19.32 -29.63
C SER C 154 0.56 19.72 -31.05
N GLN C 155 -0.39 20.34 -31.75
CA GLN C 155 -0.15 20.71 -33.13
C GLN C 155 0.87 21.85 -33.18
N GLY C 156 0.90 22.64 -32.12
CA GLY C 156 1.82 23.76 -32.00
C GLY C 156 3.28 23.31 -32.05
N VAL C 157 3.62 22.37 -31.16
CA VAL C 157 4.97 21.81 -31.14
C VAL C 157 5.29 21.06 -32.45
N ILE C 158 4.36 20.28 -32.97
CA ILE C 158 4.62 19.57 -34.23
C ILE C 158 4.89 20.55 -35.37
N ASP C 159 4.07 21.58 -35.48
CA ASP C 159 4.29 22.60 -36.49
C ASP C 159 5.62 23.35 -36.31
N LYS C 160 5.98 23.66 -35.07
CA LYS C 160 7.26 24.34 -34.79
C LYS C 160 8.47 23.46 -35.15
N VAL C 161 8.41 22.18 -34.79
CA VAL C 161 9.48 21.24 -35.12
C VAL C 161 9.70 21.12 -36.63
N LYS C 162 8.59 21.08 -37.37
CA LYS C 162 8.65 20.92 -38.82
C LYS C 162 9.30 22.13 -39.48
N GLU C 163 9.00 23.32 -38.95
CA GLU C 163 9.52 24.53 -39.56
C GLU C 163 10.99 24.78 -39.19
N VAL C 164 11.43 24.29 -38.02
CA VAL C 164 12.84 24.37 -37.66
C VAL C 164 13.62 23.33 -38.46
N ARG C 165 13.10 22.11 -38.50
CA ARG C 165 13.71 21.08 -39.32
C ARG C 165 13.80 21.52 -40.79
N ALA C 166 12.82 22.32 -41.21
CA ALA C 166 12.81 22.85 -42.58
C ALA C 166 14.01 23.78 -42.85
N LYS C 167 14.31 24.65 -41.88
CA LYS C 167 15.34 25.66 -42.04
C LYS C 167 16.73 25.18 -41.65
N TYR C 168 16.83 24.52 -40.51
CA TYR C 168 18.09 23.98 -40.03
C TYR C 168 18.07 22.45 -40.04
N PRO C 169 18.47 21.85 -41.16
CA PRO C 169 18.19 20.43 -41.37
C PRO C 169 19.11 19.47 -40.59
N SER C 170 20.27 19.98 -40.15
CA SER C 170 21.24 19.16 -39.43
C SER C 170 21.40 19.58 -37.96
N LEU C 171 20.55 20.50 -37.51
CA LEU C 171 20.50 20.88 -36.10
C LEU C 171 19.86 19.78 -35.27
N ASN C 172 20.48 19.38 -34.17
CA ASN C 172 19.86 18.38 -33.33
C ASN C 172 18.69 18.96 -32.54
N ILE C 173 17.50 18.44 -32.80
CA ILE C 173 16.31 18.91 -32.13
C ILE C 173 15.78 17.93 -31.10
N ILE C 174 15.76 18.34 -29.84
CA ILE C 174 15.17 17.54 -28.80
C ILE C 174 13.77 18.07 -28.46
N ALA C 175 12.75 17.23 -28.68
CA ALA C 175 11.36 17.65 -28.50
C ALA C 175 10.64 16.82 -27.44
N GLY C 176 9.74 17.48 -26.71
CA GLY C 176 9.01 16.87 -25.61
C GLY C 176 8.19 17.93 -24.91
N ASN C 177 7.62 17.61 -23.77
CA ASN C 177 7.66 16.25 -23.27
C ASN C 177 6.48 15.51 -23.80
N VAL C 178 6.65 14.19 -23.87
CA VAL C 178 5.61 13.29 -24.29
C VAL C 178 5.58 12.15 -23.31
N ALA C 179 4.57 11.29 -23.42
CA ALA C 179 4.41 10.21 -22.46
C ALA C 179 3.80 8.98 -23.14
N THR C 180 3.55 9.11 -24.44
CA THR C 180 2.91 8.05 -25.17
C THR C 180 3.65 7.71 -26.45
N ALA C 181 3.36 6.54 -27.01
CA ALA C 181 3.87 6.15 -28.31
C ALA C 181 3.34 7.05 -29.44
N GLU C 182 2.04 7.32 -29.40
CA GLU C 182 1.40 8.11 -30.44
C GLU C 182 2.08 9.47 -30.54
N ALA C 183 2.35 10.08 -29.38
CA ALA C 183 3.06 11.35 -29.33
C ALA C 183 4.48 11.19 -29.85
N THR C 184 5.18 10.18 -29.35
CA THR C 184 6.53 9.86 -29.80
C THR C 184 6.57 9.78 -31.31
N LYS C 185 5.64 9.03 -31.89
CA LYS C 185 5.59 8.81 -33.33
C LYS C 185 5.46 10.13 -34.10
N ALA C 186 4.62 11.00 -33.57
CA ALA C 186 4.26 12.26 -34.22
C ALA C 186 5.41 13.25 -34.26
N LEU C 187 6.24 13.22 -33.22
CA LEU C 187 7.41 14.10 -33.13
C LEU C 187 8.58 13.61 -34.00
N ILE C 188 8.71 12.29 -34.11
CA ILE C 188 9.72 11.71 -34.98
C ILE C 188 9.42 12.04 -36.44
N GLU C 189 8.14 12.09 -36.80
CA GLU C 189 7.74 12.36 -38.17
C GLU C 189 7.73 13.87 -38.44
N ALA C 190 7.79 14.68 -37.39
CA ALA C 190 7.92 16.14 -37.56
C ALA C 190 9.39 16.53 -37.77
N GLY C 191 10.31 15.73 -37.22
CA GLY C 191 11.73 15.94 -37.47
C GLY C 191 12.64 15.84 -36.27
N ALA C 192 12.07 15.60 -35.10
CA ALA C 192 12.86 15.49 -33.87
C ALA C 192 13.88 14.35 -33.95
N ASN C 193 15.15 14.66 -33.68
CA ASN C 193 16.19 13.62 -33.57
C ASN C 193 16.04 12.84 -32.27
N VAL C 194 15.89 13.58 -31.17
CA VAL C 194 15.72 12.95 -29.86
C VAL C 194 14.38 13.38 -29.25
N VAL C 195 13.74 12.47 -28.54
CA VAL C 195 12.41 12.66 -27.96
C VAL C 195 12.47 12.68 -26.42
N LYS C 196 11.91 13.71 -25.80
CA LYS C 196 12.01 13.81 -24.33
C LYS C 196 10.73 13.30 -23.64
N VAL C 197 10.90 12.42 -22.66
CA VAL C 197 9.76 11.74 -22.06
C VAL C 197 9.49 12.08 -20.59
N GLY C 198 8.28 12.54 -20.28
CA GLY C 198 7.87 12.78 -18.90
C GLY C 198 6.72 13.76 -18.66
N ILE C 199 5.62 13.27 -18.10
CA ILE C 199 4.49 14.12 -17.74
C ILE C 199 3.97 13.74 -16.36
N GLY C 200 4.37 14.50 -15.35
CA GLY C 200 4.05 14.15 -13.97
C GLY C 200 5.18 13.69 -13.03
N PRO C 201 6.24 13.03 -13.55
CA PRO C 201 7.08 12.31 -12.61
C PRO C 201 7.90 13.20 -11.70
N GLY C 202 8.05 14.47 -12.09
CA GLY C 202 8.99 15.38 -11.49
C GLY C 202 8.75 15.70 -10.03
N SER C 203 9.83 16.06 -9.34
CA SER C 203 9.80 16.18 -7.88
C SER C 203 9.16 17.51 -7.49
N ILE C 204 9.33 18.51 -8.36
CA ILE C 204 8.73 19.82 -8.15
C ILE C 204 7.47 19.96 -8.99
N CYS C 205 6.85 18.83 -9.29
CA CYS C 205 5.75 18.81 -10.24
C CYS C 205 4.43 18.53 -9.53
N THR C 206 3.43 19.34 -9.82
CA THR C 206 2.12 19.14 -9.22
C THR C 206 1.03 19.00 -10.26
N THR C 207 1.42 18.69 -11.50
CA THR C 207 0.50 18.41 -12.59
C THR C 207 -0.49 17.29 -12.25
N ARG C 208 -0.05 16.34 -11.44
CA ARG C 208 -0.85 15.19 -11.05
C ARG C 208 -1.95 15.62 -10.10
N VAL C 209 -1.60 16.63 -9.31
CA VAL C 209 -2.46 17.14 -8.25
C VAL C 209 -3.40 18.23 -8.74
N VAL C 210 -2.95 19.09 -9.66
CA VAL C 210 -3.81 20.19 -10.10
C VAL C 210 -4.60 19.81 -11.32
N ALA C 211 -4.10 18.89 -12.12
CA ALA C 211 -4.79 18.53 -13.35
C ALA C 211 -5.15 17.06 -13.41
N GLY C 212 -4.79 16.30 -12.38
CA GLY C 212 -5.04 14.87 -12.37
C GLY C 212 -4.41 14.10 -13.52
N VAL C 213 -3.44 14.71 -14.20
CA VAL C 213 -2.83 14.14 -15.39
C VAL C 213 -1.40 13.68 -15.16
N GLY C 214 -1.08 12.49 -15.63
CA GLY C 214 0.27 12.01 -15.54
C GLY C 214 0.36 10.56 -15.95
N VAL C 215 1.59 10.15 -16.25
CA VAL C 215 1.87 8.78 -16.59
C VAL C 215 3.11 8.33 -15.83
N PRO C 216 3.00 7.22 -15.05
CA PRO C 216 4.12 6.60 -14.33
C PRO C 216 5.34 6.42 -15.22
N GLN C 217 6.50 6.92 -14.80
CA GLN C 217 7.62 7.15 -15.71
C GLN C 217 8.19 5.91 -16.41
N LEU C 218 8.31 4.80 -15.69
CA LEU C 218 8.79 3.55 -16.26
C LEU C 218 7.92 3.05 -17.40
N THR C 219 6.61 3.01 -17.18
CA THR C 219 5.67 2.73 -18.24
C THR C 219 5.77 3.73 -19.40
N ALA C 220 6.09 4.98 -19.09
CA ALA C 220 6.15 5.98 -20.15
C ALA C 220 7.39 5.82 -21.01
N VAL C 221 8.53 5.62 -20.37
CA VAL C 221 9.77 5.48 -21.11
C VAL C 221 9.72 4.21 -21.96
N TYR C 222 9.14 3.13 -21.41
CA TYR C 222 9.06 1.86 -22.13
C TYR C 222 8.17 1.96 -23.35
N ASP C 223 6.97 2.48 -23.13
CA ASP C 223 6.02 2.75 -24.20
C ASP C 223 6.58 3.73 -25.25
N CYS C 224 7.39 4.70 -24.83
CA CYS C 224 7.99 5.66 -25.76
C CYS C 224 9.23 5.10 -26.47
N ALA C 225 10.02 4.31 -25.75
CA ALA C 225 11.16 3.63 -26.35
C ALA C 225 10.71 2.56 -27.33
N THR C 226 9.63 1.84 -27.00
CA THR C 226 9.11 0.79 -27.88
C THR C 226 8.79 1.34 -29.28
N GLU C 227 8.32 2.58 -29.35
CA GLU C 227 8.01 3.23 -30.62
C GLU C 227 9.24 3.88 -31.24
N ALA C 228 10.15 4.36 -30.39
CA ALA C 228 11.27 5.15 -30.86
C ALA C 228 12.34 4.25 -31.50
N ARG C 229 12.43 3.02 -31.02
CA ARG C 229 13.49 2.17 -31.51
C ARG C 229 13.15 1.56 -32.87
N LYS C 230 11.93 1.80 -33.35
CA LYS C 230 11.56 1.46 -34.72
C LYS C 230 11.99 2.55 -35.70
N HIS C 231 12.67 3.57 -35.21
CA HIS C 231 13.08 4.67 -36.07
C HIS C 231 14.57 4.92 -35.90
N GLY C 232 15.16 4.20 -34.94
CA GLY C 232 16.53 4.39 -34.55
C GLY C 232 16.70 5.65 -33.74
N ILE C 233 15.55 6.20 -33.29
CA ILE C 233 15.47 7.44 -32.49
C ILE C 233 15.60 7.16 -30.98
N PRO C 234 16.54 7.85 -30.30
CA PRO C 234 16.71 7.67 -28.85
C PRO C 234 15.67 8.48 -28.02
N VAL C 235 15.51 8.15 -26.74
CA VAL C 235 14.60 8.91 -25.88
C VAL C 235 15.36 9.37 -24.63
N ILE C 236 14.93 10.50 -24.09
CA ILE C 236 15.45 11.00 -22.83
C ILE C 236 14.39 10.75 -21.74
N ALA C 237 14.82 10.24 -20.60
CA ALA C 237 13.91 10.03 -19.48
C ALA C 237 14.12 11.18 -18.51
N ASP C 238 13.07 11.98 -18.31
CA ASP C 238 13.18 13.24 -17.63
C ASP C 238 12.31 13.31 -16.38
N GLY C 239 12.95 13.43 -15.21
CA GLY C 239 12.24 13.63 -13.95
C GLY C 239 11.91 12.35 -13.18
N GLY C 240 11.68 12.49 -11.88
CA GLY C 240 11.29 11.35 -11.07
C GLY C 240 12.49 10.58 -10.54
N ILE C 241 13.68 11.08 -10.87
CA ILE C 241 14.87 10.37 -10.48
C ILE C 241 15.47 10.91 -9.20
N LYS C 242 15.48 10.04 -8.19
CA LYS C 242 15.88 10.40 -6.83
C LYS C 242 17.08 9.58 -6.35
N TYR C 243 17.37 8.51 -7.07
CA TYR C 243 18.41 7.54 -6.70
C TYR C 243 19.19 7.11 -7.93
N SER C 244 20.41 6.61 -7.76
CA SER C 244 21.11 6.16 -8.95
C SER C 244 20.44 4.88 -9.46
N GLY C 245 19.84 4.10 -8.55
CA GLY C 245 19.11 2.91 -8.92
C GLY C 245 17.92 3.16 -9.84
N ASP C 246 17.42 4.41 -9.81
CA ASP C 246 16.27 4.81 -10.61
C ASP C 246 16.71 5.10 -12.02
N MET C 247 17.97 5.53 -12.13
CA MET C 247 18.56 5.90 -13.41
C MET C 247 18.91 4.66 -14.20
N VAL C 248 19.46 3.67 -13.49
CA VAL C 248 19.71 2.35 -14.04
C VAL C 248 18.40 1.78 -14.57
N LYS C 249 17.34 1.83 -13.75
CA LYS C 249 16.00 1.37 -14.18
C LYS C 249 15.48 2.07 -15.43
N ALA C 250 15.64 3.40 -15.50
CA ALA C 250 15.15 4.17 -16.64
C ALA C 250 15.92 3.88 -17.92
N LEU C 251 17.21 3.61 -17.80
CA LEU C 251 18.00 3.27 -18.98
C LEU C 251 17.68 1.88 -19.47
N ALA C 252 17.33 1.01 -18.53
CA ALA C 252 17.03 -0.38 -18.81
C ALA C 252 15.63 -0.59 -19.41
N ALA C 253 14.82 0.46 -19.39
CA ALA C 253 13.48 0.40 -19.95
C ALA C 253 13.44 1.05 -21.34
N GLY C 254 14.59 1.56 -21.80
CA GLY C 254 14.68 2.03 -23.17
C GLY C 254 15.29 3.40 -23.36
N ALA C 255 15.46 4.15 -22.27
CA ALA C 255 16.09 5.47 -22.37
C ALA C 255 17.58 5.35 -22.70
N HIS C 256 18.04 6.13 -23.67
CA HIS C 256 19.47 6.29 -23.93
C HIS C 256 20.13 7.16 -22.89
N VAL C 257 19.45 8.23 -22.51
CA VAL C 257 20.03 9.17 -21.59
C VAL C 257 18.94 9.66 -20.64
N VAL C 258 19.34 10.17 -19.48
CA VAL C 258 18.36 10.69 -18.53
C VAL C 258 18.66 12.15 -18.20
N MET C 259 17.62 12.90 -17.89
CA MET C 259 17.73 14.29 -17.51
C MET C 259 17.35 14.50 -16.04
N LEU C 260 18.19 15.20 -15.30
CA LEU C 260 17.98 15.38 -13.89
C LEU C 260 17.91 16.83 -13.50
N GLY C 261 16.93 17.18 -12.68
CA GLY C 261 16.89 18.52 -12.14
C GLY C 261 17.23 18.60 -10.67
N SER C 262 16.53 17.85 -9.84
CA SER C 262 16.70 17.94 -8.40
C SER C 262 18.07 17.55 -7.88
N MET C 263 18.63 16.49 -8.45
CA MET C 263 19.93 15.99 -8.02
C MET C 263 21.10 16.84 -8.49
N PHE C 264 20.80 17.90 -9.22
CA PHE C 264 21.82 18.82 -9.74
C PHE C 264 21.67 20.25 -9.18
N ALA C 265 20.58 20.51 -8.47
CA ALA C 265 20.29 21.86 -8.02
C ALA C 265 21.18 22.27 -6.87
N GLY C 266 21.58 21.30 -6.06
CA GLY C 266 22.31 21.58 -4.83
C GLY C 266 23.82 21.57 -4.97
N VAL C 267 24.29 21.46 -6.20
CA VAL C 267 25.72 21.45 -6.46
C VAL C 267 26.21 22.87 -6.61
N ALA C 268 27.53 23.03 -6.71
CA ALA C 268 28.14 24.35 -6.69
C ALA C 268 28.01 25.12 -8.01
N GLU C 269 28.06 24.40 -9.11
CA GLU C 269 28.04 25.03 -10.43
C GLU C 269 26.63 25.48 -10.82
N SER C 270 25.67 25.14 -9.98
CA SER C 270 24.30 25.52 -10.25
C SER C 270 24.10 27.00 -9.97
N PRO C 271 23.36 27.68 -10.85
CA PRO C 271 23.02 29.10 -10.76
C PRO C 271 22.65 29.57 -9.35
N GLY C 272 22.97 30.83 -9.09
CA GLY C 272 22.86 31.38 -7.76
C GLY C 272 24.03 30.94 -6.90
N GLU C 273 23.80 30.91 -5.60
CA GLU C 273 24.81 30.43 -4.67
C GLU C 273 24.13 29.88 -3.43
N THR C 274 24.95 29.37 -2.51
CA THR C 274 24.50 28.78 -1.27
C THR C 274 23.66 29.73 -0.41
N GLU C 275 22.53 29.24 0.10
CA GLU C 275 21.73 30.03 1.05
C GLU C 275 21.46 29.21 2.33
N ILE C 276 21.01 29.89 3.39
CA ILE C 276 20.95 29.30 4.73
C ILE C 276 19.55 29.30 5.35
N TYR C 277 19.06 28.10 5.68
CA TYR C 277 17.80 27.95 6.41
C TYR C 277 18.06 27.18 7.69
N GLN C 278 17.70 27.76 8.83
CA GLN C 278 17.81 27.12 10.15
C GLN C 278 19.31 26.80 10.39
N GLY C 279 20.17 27.60 9.76
CA GLY C 279 21.61 27.49 9.97
C GLY C 279 22.30 26.34 9.24
N ARG C 280 21.62 25.77 8.27
CA ARG C 280 22.20 24.76 7.39
C ARG C 280 22.22 25.33 5.99
N GLN C 281 23.02 24.75 5.10
CA GLN C 281 23.13 25.28 3.76
C GLN C 281 22.22 24.52 2.80
N PHE C 282 21.48 25.32 2.04
CA PHE C 282 20.50 24.81 1.10
C PHE C 282 20.68 25.56 -0.20
N LYS C 283 20.15 25.02 -1.30
CA LYS C 283 20.01 25.82 -2.51
C LYS C 283 18.55 25.77 -2.94
N VAL C 284 17.98 26.92 -3.22
CA VAL C 284 16.62 27.02 -3.79
C VAL C 284 16.52 26.10 -5.01
N TYR C 285 15.48 25.28 -5.09
CA TYR C 285 15.15 24.51 -6.31
C TYR C 285 13.66 24.60 -6.60
N ARG C 286 13.33 25.10 -7.80
CA ARG C 286 11.95 25.39 -8.17
C ARG C 286 11.64 25.01 -9.62
N GLY C 287 10.38 24.65 -9.88
CA GLY C 287 9.95 24.36 -11.25
C GLY C 287 9.78 25.59 -12.13
N MET C 288 9.82 25.38 -13.45
CA MET C 288 9.64 26.46 -14.42
C MET C 288 8.17 26.89 -14.55
N GLY C 289 7.27 26.10 -13.97
CA GLY C 289 5.84 26.40 -13.96
C GLY C 289 5.35 26.81 -12.58
N SER C 290 6.29 27.03 -11.67
CA SER C 290 6.01 27.55 -10.34
C SER C 290 5.82 29.05 -10.45
N VAL C 291 5.35 29.66 -9.37
CA VAL C 291 5.08 31.11 -9.34
C VAL C 291 6.35 31.91 -9.66
N GLY C 292 7.43 31.62 -8.93
CA GLY C 292 8.69 32.35 -9.06
C GLY C 292 9.33 32.37 -10.43
N ALA C 293 9.42 31.20 -11.04
CA ALA C 293 10.11 31.04 -12.33
C ALA C 293 9.30 31.59 -13.50
N MET C 294 8.01 31.80 -13.29
CA MET C 294 7.18 32.42 -14.32
C MET C 294 7.27 33.92 -14.22
N VAL C 311 -2.34 29.09 -13.61
CA VAL C 311 -2.21 28.29 -12.37
C VAL C 311 -0.92 27.47 -12.33
N PRO C 312 -0.25 27.51 -11.18
CA PRO C 312 1.00 26.77 -10.96
C PRO C 312 0.85 25.25 -11.11
N GLU C 313 1.87 24.65 -11.69
CA GLU C 313 1.98 23.19 -11.78
C GLU C 313 3.34 22.73 -11.26
N GLY C 314 4.20 23.69 -10.98
CA GLY C 314 5.42 23.44 -10.24
C GLY C 314 5.37 24.12 -8.88
N ILE C 315 6.25 23.70 -8.00
CA ILE C 315 6.42 24.37 -6.72
C ILE C 315 7.86 24.82 -6.50
N GLU C 316 8.05 25.62 -5.45
CA GLU C 316 9.36 26.13 -5.08
C GLU C 316 9.79 25.54 -3.76
N GLY C 317 11.05 25.13 -3.65
CA GLY C 317 11.56 24.53 -2.43
C GLY C 317 13.06 24.66 -2.28
N ARG C 318 13.63 23.83 -1.42
CA ARG C 318 15.06 23.89 -1.13
C ARG C 318 15.67 22.49 -1.11
N VAL C 319 16.90 22.36 -1.63
CA VAL C 319 17.65 21.11 -1.49
C VAL C 319 19.00 21.39 -0.84
N PRO C 320 19.49 20.42 -0.06
CA PRO C 320 20.79 20.51 0.63
C PRO C 320 21.97 20.76 -0.31
N TYR C 321 22.90 21.60 0.11
CA TYR C 321 24.10 21.87 -0.66
C TYR C 321 24.94 20.58 -0.85
N LYS C 322 24.81 19.92 -2.00
CA LYS C 322 25.48 18.63 -2.22
C LYS C 322 27.01 18.76 -2.41
N GLY C 323 27.50 19.98 -2.59
CA GLY C 323 28.91 20.19 -2.82
C GLY C 323 29.19 20.48 -4.28
N PRO C 324 30.29 19.91 -4.81
CA PRO C 324 30.63 20.06 -6.24
C PRO C 324 29.95 19.02 -7.12
N LEU C 325 29.80 19.35 -8.40
CA LEU C 325 29.14 18.47 -9.36
C LEU C 325 29.79 17.09 -9.49
N ALA C 326 31.11 17.04 -9.52
CA ALA C 326 31.81 15.82 -9.91
C ALA C 326 31.66 14.70 -8.89
N ASP C 327 31.40 15.10 -7.65
CA ASP C 327 31.27 14.14 -6.58
C ASP C 327 29.91 13.45 -6.68
N THR C 328 28.91 14.22 -7.11
CA THR C 328 27.58 13.68 -7.29
C THR C 328 27.54 12.80 -8.53
N VAL C 329 28.11 13.30 -9.62
CA VAL C 329 28.27 12.53 -10.85
C VAL C 329 29.02 11.22 -10.63
N HIS C 330 30.03 11.23 -9.77
CA HIS C 330 30.82 10.03 -9.52
C HIS C 330 29.95 8.91 -8.95
N GLN C 331 29.06 9.28 -8.03
CA GLN C 331 28.17 8.31 -7.36
C GLN C 331 27.03 7.82 -8.28
N LEU C 332 26.57 8.68 -9.19
CA LEU C 332 25.54 8.32 -10.16
C LEU C 332 26.08 7.28 -11.16
N VAL C 333 27.18 7.63 -11.82
CA VAL C 333 27.79 6.74 -12.79
C VAL C 333 28.35 5.52 -12.06
N GLY C 334 28.77 5.73 -10.82
CA GLY C 334 29.22 4.64 -9.98
C GLY C 334 28.12 3.61 -9.81
N GLY C 335 26.90 4.10 -9.57
CA GLY C 335 25.77 3.22 -9.40
C GLY C 335 25.43 2.46 -10.67
N LEU C 336 25.59 3.14 -11.80
CA LEU C 336 25.23 2.60 -13.10
C LEU C 336 26.14 1.46 -13.50
N ARG C 337 27.43 1.60 -13.18
CA ARG C 337 28.40 0.55 -13.46
C ARG C 337 28.08 -0.69 -12.64
N ALA C 338 27.60 -0.46 -11.41
CA ALA C 338 27.23 -1.53 -10.50
C ALA C 338 26.08 -2.35 -11.07
N GLY C 339 25.08 -1.65 -11.60
CA GLY C 339 23.85 -2.23 -12.10
C GLY C 339 24.04 -2.92 -13.43
N MET C 340 24.80 -2.32 -14.31
CA MET C 340 25.22 -2.98 -15.54
C MET C 340 25.99 -4.26 -15.23
N GLY C 341 26.79 -4.26 -14.16
CA GLY C 341 27.47 -5.47 -13.74
C GLY C 341 26.58 -6.69 -13.45
N TYR C 342 25.54 -6.47 -12.65
CA TYR C 342 24.57 -7.50 -12.33
C TYR C 342 23.82 -7.99 -13.57
N CYS C 343 23.39 -7.06 -14.39
CA CYS C 343 22.66 -7.40 -15.58
C CYS C 343 23.54 -7.96 -16.68
N GLY C 344 24.86 -7.87 -16.50
CA GLY C 344 25.82 -8.33 -17.51
C GLY C 344 25.85 -7.54 -18.80
N ALA C 345 25.78 -6.21 -18.69
CA ALA C 345 25.80 -5.34 -19.88
C ALA C 345 27.14 -4.63 -20.10
N GLN C 346 27.84 -4.98 -21.18
CA GLN C 346 29.12 -4.38 -21.51
C GLN C 346 28.94 -2.92 -21.93
N ASP C 347 27.82 -2.64 -22.59
CA ASP C 347 27.51 -1.27 -22.99
C ASP C 347 26.01 -0.99 -22.78
N LEU C 348 25.62 0.27 -22.83
CA LEU C 348 24.24 0.66 -22.62
C LEU C 348 23.27 0.03 -23.63
N GLU C 349 23.75 -0.46 -24.77
CA GLU C 349 22.82 -1.08 -25.71
C GLU C 349 22.37 -2.46 -25.23
N PHE C 350 23.30 -3.20 -24.62
CA PHE C 350 22.94 -4.49 -24.11
C PHE C 350 21.88 -4.34 -23.02
N LEU C 351 22.08 -3.36 -22.15
CA LEU C 351 21.15 -3.12 -21.05
C LEU C 351 19.74 -2.79 -21.58
N ARG C 352 19.69 -1.78 -22.44
CA ARG C 352 18.46 -1.39 -23.13
C ARG C 352 17.72 -2.56 -23.76
N GLU C 353 18.44 -3.53 -24.31
CA GLU C 353 17.77 -4.61 -25.03
C GLU C 353 17.54 -5.89 -24.24
N ASN C 354 18.24 -6.06 -23.13
CA ASN C 354 18.22 -7.36 -22.47
C ASN C 354 17.84 -7.34 -21.01
N ALA C 355 17.88 -6.17 -20.39
CA ALA C 355 17.55 -6.04 -18.97
C ALA C 355 16.12 -6.50 -18.70
N GLN C 356 15.92 -7.27 -17.63
CA GLN C 356 14.58 -7.73 -17.26
C GLN C 356 14.18 -7.19 -15.88
N PHE C 357 12.96 -6.69 -15.74
CA PHE C 357 12.47 -6.24 -14.44
C PHE C 357 11.62 -7.31 -13.77
N ILE C 358 11.51 -7.22 -12.45
CA ILE C 358 10.52 -7.99 -11.70
C ILE C 358 9.69 -7.00 -10.86
N ARG C 359 8.37 -7.13 -10.92
CA ARG C 359 7.43 -6.25 -10.22
C ARG C 359 7.21 -6.71 -8.78
N MET C 360 6.98 -5.74 -7.90
CA MET C 360 6.82 -6.03 -6.49
C MET C 360 5.75 -5.13 -5.91
N SER C 361 5.46 -5.29 -4.62
CA SER C 361 4.44 -4.47 -3.97
C SER C 361 5.08 -3.45 -3.01
N GLY C 362 4.25 -2.74 -2.26
CA GLY C 362 4.75 -1.73 -1.33
C GLY C 362 5.51 -2.33 -0.16
N ALA C 363 5.01 -3.46 0.33
CA ALA C 363 5.65 -4.18 1.44
C ALA C 363 6.97 -4.78 0.97
N GLY C 364 7.15 -4.79 -0.35
CA GLY C 364 8.37 -5.23 -0.99
C GLY C 364 9.41 -4.12 -1.11
N LEU C 365 8.95 -2.87 -1.05
CA LEU C 365 9.84 -1.73 -1.07
C LEU C 365 10.26 -1.41 0.37
N LEU C 366 9.52 -1.99 1.32
CA LEU C 366 9.95 -1.99 2.72
C LEU C 366 11.19 -2.87 2.90
N VAL C 373 17.22 -1.84 12.33
CA VAL C 373 18.57 -1.29 12.49
C VAL C 373 18.57 0.22 12.36
N GLN C 374 19.00 0.90 13.41
CA GLN C 374 19.07 2.36 13.40
C GLN C 374 20.28 2.91 12.63
N ILE C 375 20.06 3.31 11.37
CA ILE C 375 21.16 3.78 10.50
C ILE C 375 21.80 5.08 11.03
N ASN D 23 -27.11 -20.65 -5.07
CA ASN D 23 -26.30 -19.70 -4.34
C ASN D 23 -25.30 -18.98 -5.24
N ALA D 24 -25.80 -18.40 -6.31
CA ALA D 24 -24.98 -17.61 -7.21
C ALA D 24 -24.39 -16.44 -6.47
N MET D 25 -25.19 -15.88 -5.56
CA MET D 25 -24.81 -14.74 -4.76
C MET D 25 -23.63 -15.03 -3.85
N TRP D 26 -23.58 -16.22 -3.29
CA TRP D 26 -22.50 -16.55 -2.37
C TRP D 26 -21.19 -16.46 -3.10
N GLU D 27 -21.20 -16.85 -4.37
CA GLU D 27 -20.04 -16.79 -5.24
C GLU D 27 -19.48 -15.40 -5.59
N SER D 28 -20.36 -14.45 -5.81
CA SER D 28 -20.01 -13.11 -6.26
C SER D 28 -19.70 -12.11 -5.14
N LYS D 29 -19.69 -12.59 -3.90
CA LYS D 29 -19.42 -11.76 -2.72
C LYS D 29 -18.18 -10.87 -2.82
N PHE D 30 -17.08 -11.40 -3.37
CA PHE D 30 -15.80 -10.69 -3.38
C PHE D 30 -15.23 -10.51 -4.78
N VAL D 31 -16.10 -10.49 -5.76
CA VAL D 31 -15.64 -10.39 -7.12
C VAL D 31 -15.38 -8.94 -7.49
N LYS D 32 -16.40 -8.11 -7.35
CA LYS D 32 -16.34 -6.71 -7.75
C LYS D 32 -15.14 -5.96 -7.16
N GLU D 33 -14.60 -5.01 -7.92
CA GLU D 33 -13.43 -4.26 -7.49
C GLU D 33 -13.58 -2.76 -7.76
N GLY D 34 -12.98 -1.94 -6.91
CA GLY D 34 -13.22 -0.51 -6.96
C GLY D 34 -11.99 0.38 -7.04
N LEU D 35 -12.19 1.57 -7.59
CA LEU D 35 -11.11 2.52 -7.76
C LEU D 35 -11.44 3.87 -7.17
N THR D 36 -10.47 4.41 -6.44
CA THR D 36 -10.60 5.77 -5.95
C THR D 36 -9.77 6.71 -6.82
N PHE D 37 -9.87 8.01 -6.50
CA PHE D 37 -9.16 9.10 -7.19
C PHE D 37 -7.64 8.95 -7.19
N ASP D 38 -7.10 8.37 -6.13
CA ASP D 38 -5.66 8.26 -5.96
C ASP D 38 -5.10 7.02 -6.62
N ASP D 39 -5.90 6.38 -7.45
CA ASP D 39 -5.49 5.10 -8.02
C ASP D 39 -5.13 5.29 -9.47
N VAL D 40 -5.53 6.43 -10.01
CA VAL D 40 -5.50 6.64 -11.44
C VAL D 40 -4.93 8.00 -11.82
N LEU D 41 -4.66 8.19 -13.10
CA LEU D 41 -4.21 9.46 -13.65
C LEU D 41 -4.76 9.56 -15.08
N LEU D 42 -5.10 10.75 -15.54
CA LEU D 42 -5.51 10.91 -16.93
C LEU D 42 -4.27 10.85 -17.85
N VAL D 43 -4.37 10.10 -18.95
CA VAL D 43 -3.27 9.98 -19.92
C VAL D 43 -3.42 11.09 -20.97
N PRO D 44 -2.32 11.79 -21.25
CA PRO D 44 -2.33 12.87 -22.24
C PRO D 44 -2.66 12.35 -23.64
N ALA D 45 -3.28 13.17 -24.48
CA ALA D 45 -3.65 12.77 -25.83
C ALA D 45 -3.40 13.92 -26.82
N LYS D 46 -3.61 13.67 -28.11
CA LYS D 46 -3.40 14.70 -29.13
C LYS D 46 -4.25 15.92 -28.82
N SER D 47 -3.61 17.07 -28.67
CA SER D 47 -4.33 18.33 -28.37
C SER D 47 -3.99 19.47 -29.33
N ASP D 48 -5.02 20.18 -29.77
CA ASP D 48 -4.84 21.39 -30.58
C ASP D 48 -5.81 22.46 -30.06
N VAL D 49 -6.13 22.35 -28.78
CA VAL D 49 -6.92 23.36 -28.12
C VAL D 49 -6.22 23.79 -26.83
N LEU D 50 -6.03 25.09 -26.67
CA LEU D 50 -5.43 25.66 -25.49
C LEU D 50 -6.38 25.68 -24.29
N PRO D 51 -5.83 25.60 -23.08
CA PRO D 51 -6.61 25.67 -21.83
C PRO D 51 -7.53 26.88 -21.74
N ARG D 52 -7.08 28.06 -22.19
CA ARG D 52 -7.87 29.30 -22.06
C ARG D 52 -8.99 29.32 -23.12
N GLU D 53 -8.88 28.40 -24.07
CA GLU D 53 -9.74 28.32 -25.23
C GLU D 53 -10.87 27.28 -25.07
N VAL D 54 -10.81 26.44 -24.04
CA VAL D 54 -11.79 25.36 -23.90
C VAL D 54 -13.11 25.88 -23.37
N SER D 55 -14.10 24.99 -23.29
CA SER D 55 -15.38 25.33 -22.70
C SER D 55 -15.69 24.42 -21.51
N VAL D 56 -15.77 25.01 -20.33
CA VAL D 56 -16.06 24.22 -19.16
C VAL D 56 -17.57 24.24 -18.89
N LYS D 57 -18.34 24.72 -19.88
CA LYS D 57 -19.81 24.78 -19.77
C LYS D 57 -20.45 23.38 -19.69
N THR D 58 -21.62 23.30 -19.07
CA THR D 58 -22.29 22.03 -18.86
C THR D 58 -23.81 22.22 -18.80
N VAL D 59 -24.54 21.17 -19.08
CA VAL D 59 -26.00 21.26 -19.15
C VAL D 59 -26.64 20.09 -18.43
N LEU D 60 -27.48 20.40 -17.44
CA LEU D 60 -28.16 19.32 -16.71
C LEU D 60 -29.56 19.10 -17.24
N SER D 61 -30.11 20.15 -17.85
CA SER D 61 -31.40 20.06 -18.51
C SER D 61 -31.59 21.33 -19.26
N GLU D 62 -32.71 21.42 -19.97
CA GLU D 62 -33.11 22.63 -20.67
C GLU D 62 -33.03 23.80 -19.70
N SER D 63 -33.55 23.59 -18.50
CA SER D 63 -33.63 24.65 -17.49
C SER D 63 -32.32 24.90 -16.76
N LEU D 64 -31.50 23.87 -16.59
CA LEU D 64 -30.25 24.00 -15.83
C LEU D 64 -29.02 23.99 -16.73
N GLN D 65 -28.44 25.17 -16.94
CA GLN D 65 -27.23 25.31 -17.75
C GLN D 65 -26.17 25.97 -16.86
N LEU D 66 -24.99 25.37 -16.74
CA LEU D 66 -23.96 25.97 -15.90
C LEU D 66 -22.74 26.42 -16.71
N ASN D 67 -22.17 27.57 -16.34
CA ASN D 67 -20.96 28.05 -17.00
C ASN D 67 -19.71 27.31 -16.48
N ILE D 68 -19.75 26.89 -15.23
CA ILE D 68 -18.69 26.11 -14.65
C ILE D 68 -19.35 24.94 -13.93
N PRO D 69 -18.78 23.73 -14.10
CA PRO D 69 -19.36 22.47 -13.61
C PRO D 69 -19.17 22.27 -12.12
N LEU D 70 -19.55 23.27 -11.32
CA LEU D 70 -19.36 23.23 -9.86
C LEU D 70 -20.65 23.46 -9.08
N ILE D 71 -20.85 22.70 -8.00
CA ILE D 71 -22.00 22.88 -7.11
C ILE D 71 -21.57 22.87 -5.65
N SER D 72 -21.96 23.88 -4.87
CA SER D 72 -21.71 23.81 -3.44
C SER D 72 -22.76 22.95 -2.71
N ALA D 73 -22.26 22.12 -1.78
CA ALA D 73 -23.06 21.14 -1.04
C ALA D 73 -24.17 21.74 -0.16
N GLY D 74 -25.32 21.07 -0.13
CA GLY D 74 -26.44 21.52 0.68
C GLY D 74 -26.25 21.22 2.16
N MET D 75 -25.24 21.83 2.77
CA MET D 75 -24.98 21.65 4.20
C MET D 75 -25.02 22.99 4.93
N ASP D 76 -25.50 22.95 6.18
CA ASP D 76 -25.70 24.15 6.96
C ASP D 76 -24.38 24.92 7.18
N THR D 77 -23.23 24.27 6.95
CA THR D 77 -21.95 24.97 7.08
C THR D 77 -21.31 25.27 5.72
N VAL D 78 -22.07 25.14 4.63
CA VAL D 78 -21.52 25.44 3.32
C VAL D 78 -22.34 26.49 2.59
N THR D 79 -23.64 26.22 2.46
CA THR D 79 -24.47 27.01 1.53
C THR D 79 -25.77 27.63 2.08
N GLU D 80 -25.75 28.95 2.23
CA GLU D 80 -27.00 29.71 2.39
C GLU D 80 -27.10 30.72 1.25
N ALA D 81 -27.94 31.74 1.42
CA ALA D 81 -28.26 32.64 0.32
C ALA D 81 -27.02 33.30 -0.24
N ASP D 82 -26.14 33.69 0.66
CA ASP D 82 -24.92 34.41 0.25
C ASP D 82 -24.04 33.49 -0.58
N MET D 83 -23.86 32.26 -0.12
CA MET D 83 -23.10 31.27 -0.88
C MET D 83 -23.71 30.99 -2.26
N ALA D 84 -25.03 30.81 -2.33
CA ALA D 84 -25.69 30.54 -3.59
C ALA D 84 -25.57 31.72 -4.55
N ILE D 85 -25.55 32.94 -4.01
CA ILE D 85 -25.43 34.12 -4.85
C ILE D 85 -24.02 34.24 -5.42
N ALA D 86 -23.04 34.10 -4.54
CA ALA D 86 -21.63 34.12 -4.91
C ALA D 86 -21.34 33.03 -5.93
N MET D 87 -21.92 31.87 -5.67
CA MET D 87 -21.72 30.69 -6.47
C MET D 87 -22.37 30.83 -7.87
N ALA D 88 -23.56 31.42 -7.92
CA ALA D 88 -24.26 31.66 -9.19
C ALA D 88 -23.49 32.61 -10.06
N ARG D 89 -22.96 33.63 -9.42
CA ARG D 89 -22.25 34.69 -10.12
C ARG D 89 -20.93 34.18 -10.69
N GLN D 90 -20.54 32.98 -10.30
CA GLN D 90 -19.31 32.38 -10.79
C GLN D 90 -19.50 31.45 -11.99
N GLY D 91 -20.76 31.07 -12.26
CA GLY D 91 -21.06 30.09 -13.30
C GLY D 91 -21.73 28.85 -12.74
N GLY D 92 -21.63 28.65 -11.44
CA GLY D 92 -22.09 27.45 -10.80
C GLY D 92 -23.42 27.61 -10.11
N LEU D 93 -23.65 26.76 -9.13
CA LEU D 93 -24.93 26.67 -8.49
C LEU D 93 -24.80 26.25 -7.02
N GLY D 94 -25.60 26.84 -6.17
CA GLY D 94 -25.59 26.48 -4.77
C GLY D 94 -26.90 25.83 -4.36
N ILE D 95 -26.81 24.94 -3.39
CA ILE D 95 -27.98 24.24 -2.93
C ILE D 95 -28.29 24.62 -1.49
N ILE D 96 -29.32 25.45 -1.31
CA ILE D 96 -29.68 25.89 0.04
C ILE D 96 -30.01 24.70 0.92
N HIS D 97 -29.31 24.56 2.04
CA HIS D 97 -29.54 23.43 2.94
C HIS D 97 -30.93 23.51 3.56
N LYS D 98 -31.37 22.42 4.17
CA LYS D 98 -32.73 22.30 4.70
C LYS D 98 -32.81 22.26 6.24
N ASN D 99 -31.71 22.51 6.95
CA ASN D 99 -31.80 22.57 8.40
C ASN D 99 -32.29 23.95 8.79
N MET D 100 -33.47 24.25 8.26
CA MET D 100 -34.09 25.55 8.27
C MET D 100 -35.61 25.40 8.24
N SER D 101 -36.36 26.39 8.72
CA SER D 101 -37.81 26.34 8.59
C SER D 101 -38.15 26.55 7.13
N ILE D 102 -39.32 26.09 6.71
CA ILE D 102 -39.74 26.19 5.32
C ILE D 102 -39.84 27.65 4.85
N GLU D 103 -40.44 28.48 5.70
CA GLU D 103 -40.55 29.92 5.44
C GLU D 103 -39.18 30.53 5.23
N GLN D 104 -38.21 30.12 6.04
CA GLN D 104 -36.86 30.66 5.93
C GLN D 104 -36.15 30.21 4.66
N GLN D 105 -36.39 28.98 4.23
CA GLN D 105 -35.69 28.45 3.07
C GLN D 105 -36.21 29.07 1.79
N ALA D 106 -37.54 29.22 1.69
CA ALA D 106 -38.15 29.83 0.53
C ALA D 106 -37.71 31.30 0.49
N GLU D 107 -37.52 31.87 1.67
CA GLU D 107 -37.08 33.25 1.75
C GLU D 107 -35.67 33.40 1.19
N GLN D 108 -34.74 32.58 1.65
CA GLN D 108 -33.40 32.60 1.07
C GLN D 108 -33.40 32.22 -0.41
N VAL D 109 -34.27 31.31 -0.83
CA VAL D 109 -34.36 31.03 -2.27
C VAL D 109 -34.85 32.25 -3.04
N ASP D 110 -35.95 32.86 -2.58
CA ASP D 110 -36.47 34.04 -3.24
C ASP D 110 -35.43 35.16 -3.26
N LYS D 111 -34.60 35.22 -2.23
CA LYS D 111 -33.55 36.23 -2.12
C LYS D 111 -32.49 36.05 -3.23
N VAL D 112 -31.93 34.85 -3.35
CA VAL D 112 -30.99 34.54 -4.45
C VAL D 112 -31.62 34.75 -5.85
N LYS D 113 -32.86 34.36 -6.02
CA LYS D 113 -33.52 34.47 -7.32
C LYS D 113 -33.68 35.90 -7.81
N ARG D 114 -33.95 36.80 -6.88
CA ARG D 114 -34.17 38.20 -7.20
C ARG D 114 -32.88 38.97 -7.20
N SER D 115 -31.79 38.32 -6.80
CA SER D 115 -30.49 38.97 -6.84
C SER D 115 -29.93 38.82 -8.24
N GLY D 116 -30.63 39.38 -9.21
CA GLY D 116 -30.22 39.28 -10.60
C GLY D 116 -30.73 38.13 -11.44
N GLY D 117 -31.64 37.33 -10.90
CA GLY D 117 -32.19 36.23 -11.68
C GLY D 117 -31.23 35.07 -11.73
N LEU D 118 -30.61 34.79 -10.60
CA LEU D 118 -29.62 33.75 -10.46
C LEU D 118 -30.24 32.36 -10.29
N LEU D 119 -29.49 31.32 -10.66
CA LEU D 119 -29.88 29.95 -10.39
C LEU D 119 -29.57 29.55 -8.97
N VAL D 120 -30.55 28.93 -8.33
CA VAL D 120 -30.42 28.44 -6.98
C VAL D 120 -31.07 27.07 -6.91
N GLY D 121 -30.55 26.24 -6.03
CA GLY D 121 -31.13 24.94 -5.76
C GLY D 121 -31.37 24.83 -4.28
N ALA D 122 -32.28 23.93 -3.90
CA ALA D 122 -32.61 23.76 -2.50
C ALA D 122 -32.80 22.27 -2.17
N ALA D 123 -32.46 21.93 -0.93
CA ALA D 123 -32.45 20.56 -0.49
C ALA D 123 -33.73 20.23 0.25
N VAL D 124 -34.30 19.07 -0.04
CA VAL D 124 -35.54 18.66 0.64
C VAL D 124 -35.34 17.27 1.22
N GLY D 125 -35.83 17.06 2.44
CA GLY D 125 -35.79 15.75 3.06
C GLY D 125 -36.91 14.88 2.52
N VAL D 126 -36.79 13.57 2.72
CA VAL D 126 -37.87 12.67 2.38
C VAL D 126 -38.77 12.54 3.59
N THR D 127 -39.27 13.67 4.05
CA THR D 127 -40.12 13.75 5.23
C THR D 127 -41.56 13.67 4.80
N ALA D 128 -42.45 13.61 5.78
CA ALA D 128 -43.86 13.76 5.52
C ALA D 128 -44.12 15.14 4.96
N ASP D 129 -43.39 16.09 5.52
CA ASP D 129 -43.53 17.51 5.26
C ASP D 129 -42.96 17.92 3.92
N ALA D 130 -42.25 17.01 3.29
CA ALA D 130 -41.46 17.34 2.12
C ALA D 130 -42.31 17.90 1.00
N MET D 131 -43.49 17.36 0.79
CA MET D 131 -44.35 17.85 -0.26
C MET D 131 -44.72 19.29 0.01
N THR D 132 -44.97 19.62 1.26
CA THR D 132 -45.27 20.99 1.65
C THR D 132 -44.10 21.92 1.41
N ARG D 133 -42.91 21.45 1.74
CA ARG D 133 -41.68 22.21 1.57
C ARG D 133 -41.38 22.51 0.10
N ILE D 134 -41.69 21.54 -0.76
CA ILE D 134 -41.39 21.62 -2.19
C ILE D 134 -42.27 22.68 -2.86
N ASP D 135 -43.52 22.78 -2.40
CA ASP D 135 -44.49 23.72 -3.00
C ASP D 135 -44.13 25.15 -2.67
N ALA D 136 -43.66 25.39 -1.44
CA ALA D 136 -43.06 26.67 -1.03
C ALA D 136 -41.83 27.07 -1.85
N LEU D 137 -40.99 26.08 -2.19
CA LEU D 137 -39.77 26.33 -2.94
C LEU D 137 -40.09 26.58 -4.43
N VAL D 138 -41.11 25.88 -4.93
CA VAL D 138 -41.54 26.09 -6.31
C VAL D 138 -42.16 27.49 -6.49
N LYS D 139 -42.89 27.97 -5.49
CA LYS D 139 -43.55 29.28 -5.57
C LYS D 139 -42.54 30.41 -5.32
N ALA D 140 -41.47 30.10 -4.59
CA ALA D 140 -40.29 30.97 -4.51
C ALA D 140 -39.42 30.85 -5.76
N SER D 141 -39.82 29.95 -6.67
CA SER D 141 -39.20 29.75 -7.98
C SER D 141 -37.81 29.10 -7.98
N VAL D 142 -37.58 28.07 -7.17
CA VAL D 142 -36.36 27.26 -7.29
C VAL D 142 -36.21 26.66 -8.67
N ASP D 143 -34.97 26.49 -9.10
CA ASP D 143 -34.72 25.90 -10.39
C ASP D 143 -34.63 24.39 -10.30
N ALA D 144 -34.17 23.92 -9.14
CA ALA D 144 -33.96 22.49 -8.93
C ALA D 144 -34.01 22.17 -7.45
N ILE D 145 -34.72 21.11 -7.10
CA ILE D 145 -34.70 20.62 -5.73
C ILE D 145 -33.82 19.37 -5.67
N VAL D 146 -33.20 19.17 -4.52
CA VAL D 146 -32.34 18.02 -4.30
C VAL D 146 -33.02 17.08 -3.30
N LEU D 147 -33.50 15.94 -3.78
CA LEU D 147 -34.13 14.93 -2.92
C LEU D 147 -33.08 13.96 -2.45
N ASP D 148 -32.42 14.29 -1.35
CA ASP D 148 -31.20 13.55 -0.99
C ASP D 148 -31.42 12.87 0.37
N THR D 149 -30.95 11.63 0.47
CA THR D 149 -30.92 10.88 1.71
C THR D 149 -29.69 10.02 1.67
N ALA D 150 -29.39 9.38 2.79
CA ALA D 150 -28.22 8.53 2.86
C ALA D 150 -28.35 7.37 1.88
N HIS D 151 -29.48 6.67 1.87
CA HIS D 151 -29.64 5.51 0.99
C HIS D 151 -30.70 5.73 -0.10
N GLY D 152 -30.31 6.40 -1.17
CA GLY D 152 -31.23 6.73 -2.24
C GLY D 152 -31.82 5.59 -3.03
N HIS D 153 -31.37 4.37 -2.75
CA HIS D 153 -31.91 3.16 -3.37
C HIS D 153 -32.91 2.49 -2.43
N SER D 154 -33.94 3.24 -2.05
CA SER D 154 -34.98 2.76 -1.14
C SER D 154 -36.37 3.11 -1.68
N GLN D 155 -37.36 2.23 -1.44
CA GLN D 155 -38.68 2.47 -1.99
C GLN D 155 -39.27 3.81 -1.53
N GLY D 156 -39.02 4.18 -0.26
CA GLY D 156 -39.40 5.48 0.25
C GLY D 156 -39.05 6.64 -0.68
N VAL D 157 -37.82 6.65 -1.15
CA VAL D 157 -37.35 7.71 -2.04
C VAL D 157 -37.89 7.55 -3.46
N ILE D 158 -38.04 6.31 -3.92
CA ILE D 158 -38.57 6.07 -5.25
C ILE D 158 -40.01 6.61 -5.36
N ASP D 159 -40.84 6.18 -4.42
CA ASP D 159 -42.22 6.62 -4.38
C ASP D 159 -42.31 8.15 -4.18
N LYS D 160 -41.49 8.70 -3.29
CA LYS D 160 -41.44 10.14 -3.09
C LYS D 160 -41.13 10.92 -4.38
N VAL D 161 -40.13 10.48 -5.14
CA VAL D 161 -39.84 11.10 -6.44
C VAL D 161 -41.05 11.03 -7.37
N LYS D 162 -41.72 9.88 -7.39
CA LYS D 162 -42.86 9.76 -8.31
C LYS D 162 -44.01 10.69 -7.94
N GLU D 163 -44.25 10.92 -6.64
CA GLU D 163 -45.20 11.97 -6.23
C GLU D 163 -44.79 13.33 -6.77
N VAL D 164 -43.57 13.76 -6.46
CA VAL D 164 -43.10 15.08 -6.86
C VAL D 164 -43.12 15.27 -8.37
N ARG D 165 -42.70 14.24 -9.10
CA ARG D 165 -42.75 14.25 -10.56
C ARG D 165 -44.19 14.31 -11.13
N ALA D 166 -45.12 13.59 -10.50
CA ALA D 166 -46.51 13.66 -10.92
C ALA D 166 -47.02 15.09 -10.84
N LYS D 167 -46.72 15.76 -9.73
CA LYS D 167 -47.21 17.12 -9.48
C LYS D 167 -46.46 18.22 -10.25
N TYR D 168 -45.15 18.08 -10.38
CA TYR D 168 -44.33 19.05 -11.09
C TYR D 168 -43.54 18.42 -12.22
N PRO D 169 -44.19 18.25 -13.38
CA PRO D 169 -43.54 17.50 -14.46
C PRO D 169 -42.42 18.27 -15.20
N SER D 170 -42.10 19.48 -14.77
CA SER D 170 -41.07 20.29 -15.41
C SER D 170 -39.96 20.69 -14.44
N LEU D 171 -40.21 20.41 -13.16
CA LEU D 171 -39.27 20.72 -12.09
C LEU D 171 -38.01 19.88 -12.17
N ASN D 172 -36.82 20.50 -12.10
CA ASN D 172 -35.57 19.72 -12.03
C ASN D 172 -35.45 19.00 -10.69
N ILE D 173 -35.36 17.67 -10.73
CA ILE D 173 -35.22 16.86 -9.54
C ILE D 173 -33.85 16.15 -9.51
N ILE D 174 -33.13 16.30 -8.40
CA ILE D 174 -31.83 15.67 -8.20
C ILE D 174 -31.93 14.69 -7.06
N ALA D 175 -31.95 13.40 -7.38
CA ALA D 175 -32.11 12.40 -6.31
C ALA D 175 -30.79 11.70 -6.00
N GLY D 176 -30.68 11.30 -4.74
CA GLY D 176 -29.54 10.54 -4.24
C GLY D 176 -29.76 10.17 -2.79
N ASN D 177 -28.81 9.46 -2.22
CA ASN D 177 -27.55 9.20 -2.89
C ASN D 177 -27.46 7.77 -3.37
N VAL D 178 -26.76 7.59 -4.47
CA VAL D 178 -26.65 6.26 -5.08
C VAL D 178 -25.20 5.91 -5.38
N ALA D 179 -24.91 4.61 -5.37
CA ALA D 179 -23.56 4.14 -5.62
C ALA D 179 -23.53 3.12 -6.75
N THR D 180 -24.71 2.73 -7.24
CA THR D 180 -24.79 1.63 -8.21
C THR D 180 -25.71 1.94 -9.36
N ALA D 181 -25.53 1.19 -10.45
CA ALA D 181 -26.33 1.36 -11.66
C ALA D 181 -27.80 0.93 -11.52
N GLU D 182 -28.07 -0.10 -10.73
CA GLU D 182 -29.44 -0.51 -10.52
C GLU D 182 -30.15 0.58 -9.72
N ALA D 183 -29.43 1.17 -8.76
CA ALA D 183 -29.91 2.29 -7.95
C ALA D 183 -30.16 3.53 -8.80
N THR D 184 -29.30 3.75 -9.77
CA THR D 184 -29.45 4.87 -10.69
C THR D 184 -30.69 4.69 -11.59
N LYS D 185 -30.87 3.48 -12.11
CA LYS D 185 -31.99 3.13 -12.98
C LYS D 185 -33.32 3.35 -12.28
N ALA D 186 -33.41 2.83 -11.05
CA ALA D 186 -34.60 3.00 -10.21
C ALA D 186 -35.01 4.46 -10.02
N LEU D 187 -34.05 5.38 -10.02
CA LEU D 187 -34.41 6.76 -9.77
C LEU D 187 -34.81 7.46 -11.06
N ILE D 188 -34.11 7.15 -12.14
CA ILE D 188 -34.46 7.72 -13.43
C ILE D 188 -35.90 7.37 -13.83
N GLU D 189 -36.25 6.10 -13.70
CA GLU D 189 -37.62 5.65 -13.90
C GLU D 189 -38.64 6.24 -12.92
N ALA D 190 -38.19 6.66 -11.73
CA ALA D 190 -39.12 7.21 -10.75
C ALA D 190 -39.43 8.66 -11.11
N GLY D 191 -38.55 9.28 -11.90
CA GLY D 191 -38.80 10.61 -12.44
C GLY D 191 -37.64 11.59 -12.29
N ALA D 192 -36.54 11.10 -11.72
CA ALA D 192 -35.33 11.90 -11.52
C ALA D 192 -34.64 12.28 -12.83
N ASN D 193 -34.39 13.56 -13.05
CA ASN D 193 -33.62 13.93 -14.25
C ASN D 193 -32.13 14.26 -14.00
N VAL D 194 -31.70 14.23 -12.75
CA VAL D 194 -30.29 14.33 -12.40
C VAL D 194 -30.03 13.37 -11.23
N VAL D 195 -28.91 12.67 -11.28
CA VAL D 195 -28.64 11.67 -10.23
C VAL D 195 -27.35 11.97 -9.46
N LYS D 196 -27.40 11.91 -8.13
CA LYS D 196 -26.24 12.28 -7.33
C LYS D 196 -25.50 11.08 -6.77
N VAL D 197 -24.19 11.04 -6.98
CA VAL D 197 -23.43 9.86 -6.67
C VAL D 197 -22.49 10.06 -5.45
N GLY D 198 -22.46 9.02 -4.60
CA GLY D 198 -21.61 8.99 -3.43
C GLY D 198 -22.20 8.35 -2.18
N ILE D 199 -21.67 7.20 -1.78
CA ILE D 199 -21.94 6.61 -0.48
C ILE D 199 -20.61 6.31 0.16
N GLY D 200 -20.27 7.02 1.23
CA GLY D 200 -19.01 6.80 1.93
C GLY D 200 -17.89 7.84 1.76
N PRO D 201 -17.80 8.51 0.59
CA PRO D 201 -16.50 9.10 0.28
C PRO D 201 -16.21 10.47 0.90
N GLY D 202 -17.24 11.19 1.30
CA GLY D 202 -17.09 12.51 1.87
C GLY D 202 -16.14 12.57 3.05
N SER D 203 -15.57 13.75 3.25
CA SER D 203 -14.54 13.98 4.25
C SER D 203 -15.09 13.82 5.66
N ILE D 204 -16.25 14.42 5.89
CA ILE D 204 -16.89 14.37 7.19
C ILE D 204 -17.76 13.09 7.34
N CYS D 205 -17.71 12.25 6.32
CA CYS D 205 -18.45 11.00 6.31
C CYS D 205 -17.77 9.85 7.06
N THR D 206 -18.52 9.21 7.96
CA THR D 206 -18.05 7.99 8.62
C THR D 206 -18.92 6.76 8.35
N THR D 207 -19.61 6.74 7.20
CA THR D 207 -20.48 5.61 6.84
C THR D 207 -19.74 4.28 6.84
N ARG D 208 -18.61 4.25 6.13
CA ARG D 208 -17.72 3.07 6.05
C ARG D 208 -17.16 2.60 7.38
N VAL D 209 -16.87 3.53 8.26
CA VAL D 209 -16.30 3.16 9.54
C VAL D 209 -17.39 2.53 10.41
N VAL D 210 -18.58 3.13 10.39
CA VAL D 210 -19.64 2.74 11.33
C VAL D 210 -20.57 1.65 10.76
N ALA D 211 -20.77 1.64 9.45
CA ALA D 211 -21.68 0.69 8.83
C ALA D 211 -20.98 -0.32 7.91
N GLY D 212 -19.72 -0.06 7.54
CA GLY D 212 -18.97 -0.95 6.68
C GLY D 212 -19.33 -0.82 5.20
N VAL D 213 -20.12 0.20 4.91
CA VAL D 213 -20.75 0.36 3.60
C VAL D 213 -20.10 1.48 2.79
N GLY D 214 -20.10 1.32 1.46
CA GLY D 214 -19.61 2.37 0.60
C GLY D 214 -19.03 1.82 -0.68
N VAL D 215 -18.79 2.73 -1.62
CA VAL D 215 -18.25 2.36 -2.92
C VAL D 215 -17.21 3.40 -3.30
N PRO D 216 -16.02 2.94 -3.76
CA PRO D 216 -14.97 3.85 -4.24
C PRO D 216 -15.50 4.87 -5.26
N GLN D 217 -15.21 6.14 -5.06
CA GLN D 217 -15.99 7.16 -5.73
C GLN D 217 -15.83 7.13 -7.25
N LEU D 218 -14.64 6.74 -7.72
CA LEU D 218 -14.41 6.73 -9.16
C LEU D 218 -15.22 5.61 -9.80
N THR D 219 -15.14 4.45 -9.18
CA THR D 219 -15.90 3.31 -9.63
C THR D 219 -17.40 3.59 -9.54
N ALA D 220 -17.83 4.28 -8.47
CA ALA D 220 -19.24 4.63 -8.31
C ALA D 220 -19.70 5.49 -9.46
N VAL D 221 -18.92 6.51 -9.78
CA VAL D 221 -19.30 7.48 -10.81
C VAL D 221 -19.39 6.86 -12.20
N TYR D 222 -18.32 6.20 -12.62
CA TYR D 222 -18.29 5.37 -13.81
C TYR D 222 -19.47 4.37 -13.94
N ASP D 223 -19.69 3.50 -12.95
CA ASP D 223 -20.82 2.55 -13.02
C ASP D 223 -22.18 3.26 -13.20
N CYS D 224 -22.44 4.25 -12.35
CA CYS D 224 -23.67 5.04 -12.44
C CYS D 224 -23.77 5.82 -13.75
N ALA D 225 -22.64 6.32 -14.23
CA ALA D 225 -22.65 7.12 -15.44
C ALA D 225 -22.97 6.24 -16.63
N THR D 226 -22.49 4.99 -16.56
CA THR D 226 -22.70 4.02 -17.63
C THR D 226 -24.18 3.66 -17.73
N GLU D 227 -24.86 3.63 -16.60
CA GLU D 227 -26.29 3.47 -16.64
C GLU D 227 -26.98 4.73 -17.18
N ALA D 228 -26.65 5.88 -16.62
CA ALA D 228 -27.34 7.13 -17.00
C ALA D 228 -27.09 7.54 -18.44
N ARG D 229 -25.90 7.20 -18.95
CA ARG D 229 -25.49 7.51 -20.32
C ARG D 229 -26.51 7.07 -21.38
N LYS D 230 -27.11 5.89 -21.16
CA LYS D 230 -28.14 5.34 -22.06
C LYS D 230 -29.41 6.21 -22.15
N HIS D 231 -29.81 6.77 -21.02
CA HIS D 231 -31.02 7.59 -20.94
C HIS D 231 -30.74 9.04 -21.26
N GLY D 232 -29.46 9.39 -21.21
CA GLY D 232 -29.03 10.77 -21.40
C GLY D 232 -29.26 11.64 -20.17
N ILE D 233 -29.03 11.08 -18.99
CA ILE D 233 -29.17 11.81 -17.73
C ILE D 233 -27.81 12.17 -17.09
N PRO D 234 -27.61 13.45 -16.72
CA PRO D 234 -26.38 13.90 -16.03
C PRO D 234 -26.17 13.25 -14.66
N VAL D 235 -24.90 13.11 -14.27
CA VAL D 235 -24.56 12.54 -12.97
C VAL D 235 -23.66 13.52 -12.19
N ILE D 236 -24.02 13.77 -10.94
CA ILE D 236 -23.25 14.63 -10.04
C ILE D 236 -22.29 13.77 -9.21
N ALA D 237 -21.02 14.14 -9.18
CA ALA D 237 -20.09 13.48 -8.29
C ALA D 237 -20.08 14.21 -6.95
N ASP D 238 -20.50 13.55 -5.88
CA ASP D 238 -20.56 14.25 -4.62
C ASP D 238 -19.67 13.67 -3.53
N GLY D 239 -18.63 14.41 -3.18
CA GLY D 239 -17.79 14.14 -2.03
C GLY D 239 -16.43 13.55 -2.34
N GLY D 240 -15.55 13.56 -1.35
CA GLY D 240 -14.23 12.96 -1.47
C GLY D 240 -13.19 13.74 -2.29
N ILE D 241 -13.61 14.88 -2.83
CA ILE D 241 -12.74 15.73 -3.65
C ILE D 241 -11.89 16.66 -2.79
N LYS D 242 -10.58 16.64 -3.03
CA LYS D 242 -9.60 17.41 -2.25
C LYS D 242 -8.81 18.40 -3.10
N TYR D 243 -8.55 18.01 -4.34
CA TYR D 243 -7.74 18.79 -5.27
C TYR D 243 -8.45 18.95 -6.59
N SER D 244 -8.19 20.06 -7.28
CA SER D 244 -8.72 20.29 -8.61
C SER D 244 -8.52 19.06 -9.48
N GLY D 245 -7.37 18.40 -9.34
CA GLY D 245 -7.11 17.15 -10.00
C GLY D 245 -8.17 16.06 -9.89
N ASP D 246 -8.60 15.75 -8.67
CA ASP D 246 -9.68 14.82 -8.38
C ASP D 246 -11.02 15.20 -9.05
N MET D 247 -11.24 16.50 -9.18
CA MET D 247 -12.41 17.00 -9.87
C MET D 247 -12.34 16.81 -11.40
N VAL D 248 -11.15 16.91 -11.98
CA VAL D 248 -10.96 16.64 -13.41
C VAL D 248 -11.21 15.15 -13.67
N LYS D 249 -10.74 14.33 -12.75
CA LYS D 249 -10.91 12.88 -12.79
C LYS D 249 -12.38 12.49 -12.67
N ALA D 250 -13.10 13.12 -11.75
CA ALA D 250 -14.54 12.89 -11.60
C ALA D 250 -15.28 13.22 -12.91
N LEU D 251 -14.87 14.28 -13.59
CA LEU D 251 -15.58 14.69 -14.78
C LEU D 251 -15.25 13.78 -15.95
N ALA D 252 -14.06 13.19 -15.95
CA ALA D 252 -13.66 12.27 -17.04
C ALA D 252 -14.12 10.84 -16.80
N ALA D 253 -14.58 10.60 -15.57
CA ALA D 253 -15.14 9.32 -15.19
C ALA D 253 -16.63 9.25 -15.56
N GLY D 254 -17.18 10.37 -16.00
CA GLY D 254 -18.57 10.35 -16.42
C GLY D 254 -19.50 11.34 -15.74
N ALA D 255 -19.05 12.02 -14.69
CA ALA D 255 -19.88 13.06 -14.06
C ALA D 255 -19.96 14.31 -14.94
N HIS D 256 -21.14 14.94 -14.94
CA HIS D 256 -21.29 16.23 -15.62
C HIS D 256 -20.73 17.35 -14.75
N VAL D 257 -20.77 17.12 -13.45
CA VAL D 257 -20.69 18.16 -12.46
C VAL D 257 -20.21 17.55 -11.15
N VAL D 258 -19.40 18.29 -10.40
CA VAL D 258 -18.98 17.83 -9.07
C VAL D 258 -19.63 18.68 -7.98
N MET D 259 -19.66 18.14 -6.78
CA MET D 259 -20.23 18.82 -5.63
C MET D 259 -19.23 18.82 -4.49
N LEU D 260 -19.01 19.99 -3.91
CA LEU D 260 -17.99 20.15 -2.88
C LEU D 260 -18.59 20.57 -1.57
N GLY D 261 -18.02 20.06 -0.48
CA GLY D 261 -18.35 20.51 0.86
C GLY D 261 -17.14 21.20 1.50
N SER D 262 -16.09 20.43 1.75
CA SER D 262 -14.97 20.90 2.55
C SER D 262 -14.21 22.01 1.86
N MET D 263 -14.22 22.02 0.53
CA MET D 263 -13.48 23.04 -0.20
C MET D 263 -14.22 24.37 -0.27
N PHE D 264 -15.44 24.42 0.22
CA PHE D 264 -16.13 25.68 0.24
C PHE D 264 -16.47 26.12 1.65
N ALA D 265 -16.23 25.24 2.62
CA ALA D 265 -16.70 25.56 3.96
C ALA D 265 -15.88 26.72 4.53
N GLY D 266 -14.62 26.79 4.13
CA GLY D 266 -13.73 27.82 4.64
C GLY D 266 -13.87 29.12 3.89
N VAL D 267 -14.75 29.12 2.90
CA VAL D 267 -14.92 30.30 2.08
C VAL D 267 -15.62 31.45 2.85
N ALA D 268 -15.40 32.69 2.40
CA ALA D 268 -15.94 33.84 3.12
C ALA D 268 -17.45 33.87 3.06
N GLU D 269 -18.00 33.44 1.92
CA GLU D 269 -19.45 33.50 1.66
C GLU D 269 -20.27 32.37 2.25
N SER D 270 -19.63 31.38 2.86
CA SER D 270 -20.38 30.34 3.54
C SER D 270 -20.95 30.91 4.83
N PRO D 271 -22.03 30.30 5.34
CA PRO D 271 -22.68 30.73 6.58
C PRO D 271 -21.80 30.50 7.79
N GLY D 272 -22.05 31.22 8.88
CA GLY D 272 -21.24 31.09 10.07
C GLY D 272 -20.04 32.01 10.00
N GLU D 273 -19.53 32.43 11.15
CA GLU D 273 -18.45 33.41 11.13
C GLU D 273 -17.09 32.71 11.28
N THR D 274 -16.04 33.52 11.28
CA THR D 274 -14.67 33.07 11.37
C THR D 274 -14.18 32.98 12.81
N GLU D 275 -13.99 31.75 13.31
CA GLU D 275 -13.36 31.52 14.61
C GLU D 275 -11.87 31.80 14.52
N ILE D 276 -11.29 32.33 15.58
CA ILE D 276 -9.84 32.41 15.67
C ILE D 276 -9.37 31.50 16.79
N TYR D 277 -8.42 30.61 16.45
CA TYR D 277 -7.76 29.75 17.42
C TYR D 277 -6.25 29.84 17.24
N GLN D 278 -5.55 30.42 18.23
CA GLN D 278 -4.10 30.61 18.16
C GLN D 278 -3.70 31.49 16.97
N GLY D 279 -4.43 32.57 16.73
CA GLY D 279 -4.07 33.48 15.65
C GLY D 279 -4.39 33.04 14.22
N ARG D 280 -4.75 31.77 14.04
CA ARG D 280 -5.15 31.26 12.72
C ARG D 280 -6.68 31.18 12.56
N GLN D 281 -7.19 31.67 11.42
CA GLN D 281 -8.64 31.76 11.18
C GLN D 281 -9.26 30.44 10.72
N PHE D 282 -10.38 30.07 11.34
CA PHE D 282 -11.03 28.79 11.03
C PHE D 282 -12.55 28.88 10.86
N LYS D 283 -13.10 28.04 9.99
CA LYS D 283 -14.54 27.85 9.87
C LYS D 283 -14.91 26.46 10.38
N VAL D 284 -16.11 26.34 10.93
CA VAL D 284 -16.62 25.04 11.34
C VAL D 284 -17.17 24.34 10.09
N TYR D 285 -16.85 23.06 9.94
CA TYR D 285 -17.43 22.23 8.88
C TYR D 285 -17.90 20.92 9.49
N ARG D 286 -19.19 20.62 9.35
CA ARG D 286 -19.68 19.40 9.93
C ARG D 286 -20.64 18.66 9.03
N GLY D 287 -20.58 17.33 9.11
CA GLY D 287 -21.58 16.49 8.49
C GLY D 287 -23.00 16.83 8.91
N MET D 288 -23.93 16.75 7.96
CA MET D 288 -25.35 16.96 8.24
C MET D 288 -25.99 15.87 9.08
N GLY D 289 -25.24 14.79 9.31
CA GLY D 289 -25.67 13.66 10.12
C GLY D 289 -24.75 13.44 11.31
N SER D 290 -24.13 14.54 11.73
CA SER D 290 -23.32 14.58 12.94
C SER D 290 -24.23 14.99 14.09
N VAL D 291 -23.71 14.98 15.31
CA VAL D 291 -24.52 15.35 16.48
C VAL D 291 -25.12 16.76 16.34
N GLY D 292 -24.32 17.73 15.91
CA GLY D 292 -24.79 19.10 15.78
C GLY D 292 -25.97 19.31 14.83
N ALA D 293 -25.81 18.88 13.59
CA ALA D 293 -26.83 19.10 12.57
C ALA D 293 -28.11 18.27 12.81
N MET D 294 -28.02 17.26 13.65
CA MET D 294 -29.20 16.49 14.06
C MET D 294 -29.85 17.11 15.30
N GLU D 295 -29.03 17.83 16.07
CA GLU D 295 -29.47 18.44 17.31
C GLU D 295 -29.91 19.88 17.11
N LEU D 310 -30.17 5.60 16.53
CA LEU D 310 -29.64 5.97 15.23
C LEU D 310 -28.33 6.74 15.36
N VAL D 311 -27.24 5.98 15.39
CA VAL D 311 -25.87 6.48 15.50
C VAL D 311 -25.47 7.45 14.38
N PRO D 312 -24.59 8.42 14.69
CA PRO D 312 -24.14 9.40 13.68
C PRO D 312 -23.17 8.84 12.65
N GLU D 313 -23.29 9.28 11.41
CA GLU D 313 -22.40 8.87 10.33
C GLU D 313 -21.73 10.10 9.74
N GLY D 314 -21.86 11.21 10.45
CA GLY D 314 -21.17 12.43 10.12
C GLY D 314 -20.33 12.87 11.31
N ILE D 315 -19.27 13.63 11.05
CA ILE D 315 -18.49 14.20 12.13
C ILE D 315 -18.37 15.73 12.05
N GLU D 316 -17.79 16.29 13.11
CA GLU D 316 -17.58 17.72 13.26
C GLU D 316 -16.08 18.06 13.21
N GLY D 317 -15.72 19.06 12.42
CA GLY D 317 -14.33 19.50 12.38
C GLY D 317 -14.19 20.98 12.06
N ARG D 318 -12.95 21.42 11.83
CA ARG D 318 -12.66 22.80 11.44
C ARG D 318 -11.88 22.81 10.11
N VAL D 319 -12.11 23.82 9.28
CA VAL D 319 -11.33 24.01 8.07
C VAL D 319 -10.72 25.44 8.07
N PRO D 320 -9.53 25.59 7.46
CA PRO D 320 -8.81 26.87 7.38
C PRO D 320 -9.55 27.95 6.60
N TYR D 321 -9.55 29.18 7.06
CA TYR D 321 -10.21 30.25 6.33
C TYR D 321 -9.50 30.47 4.98
N LYS D 322 -10.27 30.39 3.89
CA LYS D 322 -9.74 30.47 2.52
C LYS D 322 -10.08 31.77 1.80
N GLY D 323 -10.73 32.69 2.50
CA GLY D 323 -11.02 34.01 1.95
C GLY D 323 -12.16 33.99 0.96
N PRO D 324 -12.06 34.85 -0.06
CA PRO D 324 -13.10 34.97 -1.10
C PRO D 324 -13.35 33.65 -1.81
N LEU D 325 -14.58 33.46 -2.29
CA LEU D 325 -14.96 32.27 -3.05
C LEU D 325 -14.27 32.23 -4.40
N ALA D 326 -14.06 33.40 -5.00
CA ALA D 326 -13.52 33.48 -6.36
C ALA D 326 -12.11 32.90 -6.43
N ASP D 327 -11.41 33.00 -5.31
CA ASP D 327 -10.07 32.47 -5.21
C ASP D 327 -10.13 30.98 -5.47
N THR D 328 -10.99 30.30 -4.72
CA THR D 328 -11.14 28.85 -4.80
C THR D 328 -11.64 28.36 -6.16
N VAL D 329 -12.64 29.04 -6.71
CA VAL D 329 -13.16 28.70 -8.02
C VAL D 329 -12.08 28.88 -9.09
N HIS D 330 -11.37 30.00 -9.08
CA HIS D 330 -10.39 30.27 -10.14
C HIS D 330 -9.39 29.14 -10.21
N GLN D 331 -8.98 28.66 -9.04
CA GLN D 331 -7.98 27.59 -9.02
C GLN D 331 -8.58 26.28 -9.59
N LEU D 332 -9.80 25.93 -9.17
CA LEU D 332 -10.47 24.73 -9.64
C LEU D 332 -10.74 24.74 -11.16
N VAL D 333 -11.19 25.87 -11.67
CA VAL D 333 -11.56 25.90 -13.09
C VAL D 333 -10.29 26.07 -13.90
N GLY D 334 -9.23 26.55 -13.24
CA GLY D 334 -7.96 26.69 -13.90
C GLY D 334 -7.33 25.33 -14.10
N GLY D 335 -7.30 24.58 -13.00
CA GLY D 335 -6.82 23.22 -13.05
C GLY D 335 -7.60 22.38 -14.04
N LEU D 336 -8.90 22.62 -14.16
CA LEU D 336 -9.73 21.88 -15.10
C LEU D 336 -9.30 22.14 -16.55
N ARG D 337 -9.06 23.40 -16.89
CA ARG D 337 -8.61 23.78 -18.22
C ARG D 337 -7.26 23.19 -18.55
N ALA D 338 -6.44 22.93 -17.53
CA ALA D 338 -5.15 22.33 -17.81
C ALA D 338 -5.36 20.88 -18.22
N GLY D 339 -6.16 20.17 -17.42
CA GLY D 339 -6.41 18.76 -17.61
C GLY D 339 -7.04 18.54 -18.97
N MET D 340 -8.03 19.37 -19.31
CA MET D 340 -8.67 19.29 -20.60
C MET D 340 -7.74 19.69 -21.72
N GLY D 341 -6.70 20.45 -21.39
CA GLY D 341 -5.68 20.76 -22.37
C GLY D 341 -4.80 19.56 -22.64
N TYR D 342 -4.52 18.79 -21.59
CA TYR D 342 -3.72 17.58 -21.73
C TYR D 342 -4.50 16.52 -22.48
N CYS D 343 -5.79 16.43 -22.22
CA CYS D 343 -6.61 15.39 -22.80
C CYS D 343 -7.11 15.72 -24.20
N GLY D 344 -6.83 16.93 -24.67
CA GLY D 344 -7.39 17.38 -25.93
C GLY D 344 -8.90 17.62 -25.94
N ALA D 345 -9.49 17.83 -24.76
CA ALA D 345 -10.93 18.12 -24.66
C ALA D 345 -11.26 19.61 -24.92
N GLN D 346 -12.04 19.87 -25.97
CA GLN D 346 -12.56 21.21 -26.26
C GLN D 346 -13.73 21.51 -25.31
N ASP D 347 -14.56 20.51 -25.05
CA ASP D 347 -15.67 20.64 -24.12
C ASP D 347 -15.76 19.45 -23.16
N LEU D 348 -16.66 19.55 -22.18
CA LEU D 348 -16.77 18.51 -21.16
C LEU D 348 -17.27 17.20 -21.76
N GLU D 349 -18.04 17.29 -22.84
CA GLU D 349 -18.58 16.09 -23.47
C GLU D 349 -17.45 15.26 -24.08
N PHE D 350 -16.54 15.91 -24.81
CA PHE D 350 -15.39 15.22 -25.39
C PHE D 350 -14.59 14.54 -24.30
N LEU D 351 -14.51 15.22 -23.17
CA LEU D 351 -13.77 14.70 -22.05
C LEU D 351 -14.42 13.42 -21.55
N ARG D 352 -15.71 13.49 -21.24
CA ARG D 352 -16.37 12.34 -20.65
C ARG D 352 -16.26 11.08 -21.50
N GLU D 353 -16.43 11.22 -22.81
CA GLU D 353 -16.50 10.05 -23.68
C GLU D 353 -15.15 9.49 -24.12
N ASN D 354 -14.17 10.36 -24.33
CA ASN D 354 -12.89 9.90 -24.88
C ASN D 354 -11.71 9.77 -23.91
N ALA D 355 -11.75 10.46 -22.78
CA ALA D 355 -10.62 10.49 -21.85
C ALA D 355 -10.22 9.11 -21.28
N GLN D 356 -8.91 8.86 -21.20
CA GLN D 356 -8.39 7.58 -20.71
C GLN D 356 -7.56 7.68 -19.42
N PHE D 357 -7.92 6.89 -18.43
CA PHE D 357 -7.13 6.80 -17.20
C PHE D 357 -6.02 5.73 -17.28
N ILE D 358 -5.09 5.80 -16.35
CA ILE D 358 -4.12 4.72 -16.19
C ILE D 358 -4.05 4.38 -14.72
N ARG D 359 -4.04 3.09 -14.44
CA ARG D 359 -4.04 2.58 -13.08
C ARG D 359 -2.62 2.50 -12.55
N MET D 360 -2.46 2.71 -11.25
CA MET D 360 -1.14 2.61 -10.64
C MET D 360 -1.20 1.96 -9.27
N SER D 361 -0.03 1.71 -8.68
CA SER D 361 0.03 1.23 -7.31
C SER D 361 0.05 2.41 -6.35
N GLY D 362 0.01 2.11 -5.06
CA GLY D 362 0.14 3.15 -4.05
C GLY D 362 1.54 3.73 -4.09
N ALA D 363 2.51 2.89 -4.41
CA ALA D 363 3.89 3.33 -4.61
C ALA D 363 3.89 4.44 -5.67
N GLY D 364 3.11 4.21 -6.72
CA GLY D 364 2.91 5.17 -7.81
C GLY D 364 2.60 6.64 -7.49
N LEU D 365 1.73 6.88 -6.50
CA LEU D 365 1.26 8.23 -6.22
C LEU D 365 2.15 8.96 -5.17
N LEU D 366 3.14 8.28 -4.58
CA LEU D 366 4.15 8.99 -3.80
C LEU D 366 5.11 9.73 -4.75
N GLU D 367 5.10 9.34 -6.04
CA GLU D 367 5.81 10.04 -7.13
C GLU D 367 5.17 11.42 -7.45
N SER D 368 3.92 11.61 -7.00
CA SER D 368 3.34 12.95 -6.97
C SER D 368 3.46 13.58 -5.58
N VAL D 373 12.14 16.81 -1.88
CA VAL D 373 12.34 18.27 -1.84
C VAL D 373 11.42 18.95 -0.83
N GLN D 374 11.99 19.45 0.27
CA GLN D 374 11.17 20.13 1.29
C GLN D 374 10.76 21.53 0.81
N ILE D 375 9.49 21.85 1.02
CA ILE D 375 8.84 22.99 0.36
C ILE D 375 8.78 24.26 1.24
N THR D 376 8.93 25.42 0.60
CA THR D 376 8.99 26.72 1.28
C THR D 376 7.58 27.26 1.57
P IMP E . 20.33 -9.38 7.51
O1P IMP E . 20.26 -10.65 8.32
O2P IMP E . 21.02 -8.17 8.10
O3P IMP E . 18.94 -8.95 7.10
O5' IMP E . 21.13 -9.75 6.20
C5' IMP E . 22.52 -10.03 6.25
C4' IMP E . 23.03 -10.44 4.89
O4' IMP E . 23.38 -9.27 4.12
C3' IMP E . 24.25 -11.32 4.88
O3' IMP E . 23.84 -12.69 4.84
C2' IMP E . 24.99 -10.94 3.58
O2' IMP E . 24.86 -11.90 2.56
C1' IMP E . 24.36 -9.60 3.17
N9 IMP E . 25.32 -8.51 3.15
C8 IMP E . 26.39 -8.37 3.98
N7 IMP E . 27.02 -7.21 3.68
C5 IMP E . 26.35 -6.59 2.70
C6 IMP E . 26.57 -5.39 2.04
O6 IMP E . 27.29 -4.55 2.55
N1 IMP E . 25.70 -4.99 1.04
C2 IMP E . 24.62 -5.81 0.73
N3 IMP E . 24.42 -7.00 1.37
C4 IMP E . 25.28 -7.39 2.35
O16 39H F . -4.34 -18.19 22.06
C9 39H F . -3.27 -18.77 22.27
N10 39H F . -2.34 -18.83 21.26
C17 39H F . -2.64 -18.24 19.97
N11 39H F . -1.15 -19.49 21.47
C8 39H F . -2.99 -19.35 23.48
C15 39H F . -3.91 -19.28 24.50
C14 39H F . -3.63 -19.85 25.71
C13 39H F . -2.42 -20.50 25.89
C12 39H F . -1.50 -20.57 24.88
C7 39H F . -1.79 -19.99 23.67
C6 39H F . -0.87 -20.05 22.64
C5 39H F . 0.44 -20.78 22.80
C1 39H F . 0.21 -22.03 21.98
O1 39H F . -0.42 -22.94 22.47
N1 39H F . 0.68 -22.04 20.76
C23 39H F . 0.55 -23.05 19.87
C18 39H F . 1.13 -22.84 18.64
C22 39H F . -0.12 -24.24 20.13
C21 39H F . -0.17 -25.18 19.11
C26 39H F . -0.74 -26.52 18.94
C30 39H F . -1.51 -27.38 19.90
C29 39H F . -2.12 -28.57 19.17
C28 39H F . -1.23 -29.20 18.09
C27 39H F . -0.79 -28.26 16.98
C25 39H F . -0.39 -26.94 17.58
O24 39H F . 0.28 -25.92 17.02
C20 39H F . 0.41 -24.95 17.89
C19 39H F . 1.07 -23.78 17.63
P IMP G . -9.81 -8.96 19.44
O1P IMP G . -11.32 -8.95 19.49
O2P IMP G . -9.06 -8.21 20.51
O3P IMP G . -9.37 -8.39 18.10
O5' IMP G . -9.33 -10.49 19.54
C5' IMP G . -9.73 -11.30 20.63
C4' IMP G . -9.54 -12.77 20.34
O4' IMP G . -8.13 -13.05 20.15
C3' IMP G . -9.94 -13.74 21.45
O3' IMP G . -11.33 -13.97 21.52
C2' IMP G . -9.12 -14.99 21.14
O2' IMP G . -9.74 -15.79 20.15
C1' IMP G . -7.84 -14.38 20.55
N9 IMP G . -6.75 -14.37 21.53
C8 IMP G . -6.86 -14.20 22.89
N7 IMP G . -5.61 -14.27 23.42
C5 IMP G . -4.71 -14.48 22.42
C6 IMP G . -3.32 -14.63 22.39
O6 IMP G . -2.62 -14.50 23.40
N1 IMP G . -2.69 -14.83 21.18
C2 IMP G . -3.43 -14.89 20.01
N3 IMP G . -4.80 -14.75 20.05
C4 IMP G . -5.42 -14.55 21.23
O16 39H H . -26.37 13.05 5.49
C9 39H H . -26.69 12.13 6.28
N10 39H H . -26.10 10.88 6.16
C17 39H H . -25.11 10.62 5.13
N11 39H H . -26.46 9.88 7.02
C8 39H H . -27.62 12.34 7.26
C15 39H H . -28.21 13.57 7.40
C14 39H H . -29.14 13.76 8.39
C13 39H H . -29.48 12.74 9.25
C12 39H H . -28.89 11.51 9.11
C7 39H H . -27.96 11.31 8.11
C6 39H H . -27.37 10.07 7.98
C5 39H H . -27.73 8.92 8.88
C1 39H H . -28.71 8.06 8.11
O1 39H H . -29.78 8.51 7.79
N1 39H H . -28.33 6.82 7.83
C23 39H H . -29.01 5.86 7.15
C18 39H H . -28.36 4.66 7.02
C22 39H H . -30.29 5.97 6.62
C21 39H H . -30.81 4.87 5.96
C26 39H H . -32.09 4.54 5.28
C30 39H H . -33.34 5.32 5.02
C29 39H H . -34.49 4.42 4.59
C28 39H H . -34.33 2.91 4.67
C27 39H H . -33.03 2.44 4.08
C25 39H H . -31.95 3.15 4.82
O24 39H H . -30.74 2.74 5.21
C20 39H H . -30.13 3.70 5.84
C19 39H H . -28.88 3.58 6.37
O16 39H I . 28.59 -7.47 0.12
C9 39H I . 28.96 -6.74 -0.82
N10 39H I . 28.01 -6.22 -1.71
C17 39H I . 26.60 -6.53 -1.54
N11 39H I . 28.42 -5.41 -2.77
C8 39H I . 30.28 -6.44 -1.00
C15 39H I . 31.22 -6.94 -0.12
C14 39H I . 32.55 -6.63 -0.31
C13 39H I . 32.94 -5.83 -1.37
C12 39H I . 31.99 -5.32 -2.23
C7 39H I . 30.67 -5.63 -2.05
C6 39H I . 29.72 -5.13 -2.92
C5 39H I . 30.16 -4.26 -4.06
C1 39H I . 30.30 -5.12 -5.28
O1 39H I . 31.16 -5.97 -5.29
N1 39H I . 29.46 -4.87 -6.27
C23 39H I . 29.38 -5.50 -7.46
C18 39H I . 28.39 -5.05 -8.32
C22 39H I . 30.21 -6.55 -7.87
C21 39H I . 30.00 -7.10 -9.13
C26 39H I . 30.63 -8.19 -9.94
C30 39H I . 31.76 -9.13 -9.66
C29 39H I . 32.26 -9.60 -11.02
C28 39H I . 31.15 -10.19 -11.88
C27 39H I . 30.15 -9.15 -12.36
C25 39H I . 29.88 -8.22 -11.22
O24 39H I . 28.95 -7.25 -11.11
C20 39H I . 29.02 -6.64 -9.96
C19 39H I . 28.20 -5.61 -9.56
O16 39H J . 7.26 23.29 -17.40
C9 39H J . 6.17 23.87 -17.39
N10 39H J . 5.02 23.12 -17.16
C17 39H J . 5.10 21.70 -16.94
N11 39H J . 3.80 23.75 -17.15
C8 39H J . 6.08 25.23 -17.61
C15 39H J . 7.22 25.96 -17.83
C14 39H J . 7.10 27.32 -18.04
C13 39H J . 5.88 27.95 -18.03
C12 39H J . 4.75 27.20 -17.80
C7 39H J . 4.84 25.83 -17.58
C6 39H J . 3.72 25.07 -17.35
C5 39H J . 2.36 25.70 -17.35
C1 39H J . 1.73 25.17 -18.60
O1 39H J . 2.14 25.52 -19.66
N1 39H J . 0.75 24.31 -18.40
C23 39H J . 0.02 23.69 -19.34
C18 39H J . -0.97 22.84 -18.88
C22 39H J . 0.21 23.86 -20.69
C21 39H J . -0.61 23.15 -21.54
C26 39H J . -0.76 23.04 -23.01
C30 39H J . -0.01 23.69 -24.14
C29 39H J . -0.30 22.98 -25.46
C28 39H J . -1.79 22.65 -25.64
C27 39H J . -2.33 21.69 -24.59
C25 39H J . -1.85 22.10 -23.23
O24 39H J . -2.26 21.74 -22.00
C20 39H J . -1.57 22.32 -21.08
C19 39H J . -1.78 22.14 -19.75
P IMP K . 13.34 16.23 -11.11
O1P IMP K . 14.61 15.64 -11.67
O2P IMP K . 13.54 17.43 -10.21
O3P IMP K . 12.57 15.18 -10.34
O5' IMP K . 12.47 16.75 -12.34
C5' IMP K . 13.03 17.57 -13.34
C4' IMP K . 12.13 17.73 -14.54
O4' IMP K . 10.82 18.22 -14.13
C3' IMP K . 12.57 18.74 -15.57
O3' IMP K . 13.62 18.29 -16.40
C2' IMP K . 11.27 19.05 -16.32
O2' IMP K . 10.99 18.05 -17.29
C1' IMP K . 10.23 18.94 -15.20
N9 IMP K . 9.81 20.27 -14.73
C8 IMP K . 10.59 21.41 -14.63
N7 IMP K . 9.84 22.43 -14.14
C5 IMP K . 8.59 21.95 -13.92
C6 IMP K . 7.44 22.57 -13.44
O6 IMP K . 7.45 23.77 -13.14
N1 IMP K . 6.27 21.83 -13.31
C2 IMP K . 6.26 20.49 -13.68
N3 IMP K . 7.41 19.88 -14.17
C4 IMP K . 8.55 20.61 -14.28
P IMP L . -16.81 16.73 0.93
O1P IMP L . -17.15 17.35 -0.40
O2P IMP L . -16.48 17.64 2.07
O3P IMP L . -15.64 15.75 0.77
O5' IMP L . -18.07 15.87 1.39
C5' IMP L . -19.33 16.47 1.45
C4' IMP L . -20.42 15.49 1.07
O4' IMP L . -20.57 14.51 2.11
C3' IMP L . -21.79 16.11 0.89
O3' IMP L . -21.94 16.52 -0.46
C2' IMP L . -22.73 14.95 1.21
O2' IMP L . -23.08 14.15 0.10
C1' IMP L . -21.94 14.13 2.24
N9 IMP L . -22.36 14.36 3.62
C8 IMP L . -22.85 15.52 4.17
N7 IMP L . -23.12 15.28 5.48
C5 IMP L . -22.79 14.00 5.77
C6 IMP L . -22.85 13.24 6.94
O6 IMP L . -23.48 13.66 7.91
N1 IMP L . -22.43 11.93 6.92
C2 IMP L . -21.95 11.37 5.75
N3 IMP L . -21.91 12.11 4.59
C4 IMP L . -22.32 13.40 4.60
#